data_8R0N
#
_entry.id   8R0N
#
_cell.length_a   1.00
_cell.length_b   1.00
_cell.length_c   1.00
_cell.angle_alpha   90.00
_cell.angle_beta   90.00
_cell.angle_gamma   90.00
#
_symmetry.space_group_name_H-M   'P 1'
#
loop_
_entity.id
_entity.type
_entity.pdbx_description
1 polymer Rhodopsin
2 non-polymer DODECYL-BETA-D-MALTOSIDE
3 non-polymer RETINAL
4 non-polymer EICOSANE
5 water water
#
_entity_poly.entity_id   1
_entity_poly.type   'polypeptide(L)'
_entity_poly.pdbx_seq_one_letter_code
;MTDMISAPWEASLTQAEHSLIFYFLALTGSALLFGLARTWLTRGEVGARYRTAVVARSGIMIVATLSYVFMVLAFTSGYD
HVGSLWVPNSEAIMTIAPRYVEWSIAVPLLSIELLSVATLSGVSARRTRLAAVAGAFLMIFTGFLGAVVIGDGRSVGSLI
IWGAISTVFWIITAVILIRAIRHSLPQLTPEAAALLKTATIFLMSGWAVYPLAYLIQILFAGGLWTTSIHIILCTADIVV
KLGFCGLIHRIAKLRTAEDVRAGVDIHTEAIWISSVKQSDAGIPTVVYLPEGETIHQRRPKPSDSNATASSSARQWTDDF
PPTDL
;
_entity_poly.pdbx_strand_id   A,B,C,D,E
#
loop_
_chem_comp.id
_chem_comp.type
_chem_comp.name
_chem_comp.formula
LFA non-polymer EICOSANE 'C20 H42'
LMT D-saccharide DODECYL-BETA-D-MALTOSIDE 'C24 H46 O11'
RET non-polymer RETINAL 'C20 H28 O'
#
# COMPACT_ATOMS: atom_id res chain seq x y z
N ASP A 3 -5.36 -8.93 -46.53
CA ASP A 3 -4.17 -9.83 -46.47
C ASP A 3 -3.88 -10.17 -45.01
N MET A 4 -2.85 -10.98 -44.79
CA MET A 4 -2.47 -11.40 -43.46
C MET A 4 -1.17 -10.71 -43.07
N ILE A 5 -0.99 -10.45 -41.78
CA ILE A 5 0.27 -9.89 -41.28
C ILE A 5 0.64 -10.65 -40.01
N SER A 6 1.78 -10.27 -39.42
CA SER A 6 2.19 -10.90 -38.18
C SER A 6 1.99 -9.89 -37.04
N ALA A 7 1.35 -10.34 -35.97
CA ALA A 7 1.08 -9.42 -34.88
C ALA A 7 2.40 -8.96 -34.28
N PRO A 8 2.49 -7.70 -33.80
CA PRO A 8 3.71 -7.20 -33.18
C PRO A 8 4.33 -8.18 -32.17
N TRP A 9 3.47 -8.93 -31.47
CA TRP A 9 3.93 -9.83 -30.41
C TRP A 9 4.33 -11.19 -30.98
N GLU A 10 4.41 -11.32 -32.30
CA GLU A 10 4.79 -12.57 -32.93
C GLU A 10 6.12 -12.44 -33.69
N ALA A 11 7.07 -11.66 -33.16
CA ALA A 11 8.35 -11.46 -33.81
C ALA A 11 9.48 -11.62 -32.80
N SER A 12 10.55 -12.31 -33.23
CA SER A 12 11.64 -12.64 -32.32
C SER A 12 12.57 -11.44 -32.19
N LEU A 13 13.01 -11.20 -30.97
CA LEU A 13 13.73 -9.99 -30.66
C LEU A 13 15.19 -10.39 -30.49
N THR A 14 16.08 -9.56 -31.03
CA THR A 14 17.50 -9.64 -30.71
C THR A 14 17.74 -9.17 -29.29
N GLN A 15 18.93 -9.46 -28.74
CA GLN A 15 19.22 -9.13 -27.34
C GLN A 15 19.15 -7.61 -27.15
N ALA A 16 19.57 -6.84 -28.16
CA ALA A 16 19.41 -5.39 -28.13
C ALA A 16 17.93 -5.01 -27.96
N GLU A 17 17.12 -5.49 -28.89
CA GLU A 17 15.71 -5.15 -28.92
C GLU A 17 15.03 -5.61 -27.64
N HIS A 18 15.41 -6.75 -27.12
CA HIS A 18 14.84 -7.22 -25.86
C HIS A 18 15.22 -6.26 -24.75
N SER A 19 16.45 -5.76 -24.78
CA SER A 19 16.94 -4.93 -23.70
C SER A 19 16.25 -3.56 -23.77
N LEU A 20 16.28 -2.94 -24.95
CA LEU A 20 15.59 -1.67 -25.13
C LEU A 20 14.14 -1.76 -24.66
N ILE A 21 13.41 -2.80 -25.05
CA ILE A 21 12.02 -2.87 -24.69
C ILE A 21 11.87 -2.95 -23.18
N PHE A 22 12.73 -3.69 -22.49
CA PHE A 22 12.56 -3.84 -21.05
C PHE A 22 12.86 -2.50 -20.40
N TYR A 23 13.85 -1.79 -20.94
CA TYR A 23 14.21 -0.51 -20.38
C TYR A 23 13.01 0.42 -20.45
N PHE A 24 12.47 0.60 -21.66
CA PHE A 24 11.37 1.52 -21.88
C PHE A 24 10.14 1.10 -21.11
N LEU A 25 9.85 -0.16 -21.05
CA LEU A 25 8.69 -0.54 -20.29
C LEU A 25 8.85 -0.15 -18.85
N ALA A 26 10.03 -0.40 -18.29
CA ALA A 26 10.31 -0.18 -16.88
C ALA A 26 10.46 1.31 -16.61
N LEU A 27 11.05 2.02 -17.55
CA LEU A 27 11.15 3.46 -17.42
C LEU A 27 9.75 4.09 -17.33
N THR A 28 8.86 3.67 -18.22
CA THR A 28 7.53 4.23 -18.25
C THR A 28 6.78 3.86 -16.98
N GLY A 29 6.89 2.63 -16.56
CA GLY A 29 6.20 2.26 -15.33
C GLY A 29 6.71 3.05 -14.13
N SER A 30 8.02 3.32 -14.11
CA SER A 30 8.62 4.05 -13.01
C SER A 30 8.14 5.49 -13.04
N ALA A 31 8.18 6.11 -14.22
CA ALA A 31 7.78 7.49 -14.34
C ALA A 31 6.32 7.66 -13.90
N LEU A 32 5.48 6.67 -14.18
CA LEU A 32 4.07 6.81 -13.85
C LEU A 32 3.87 6.63 -12.36
N LEU A 33 4.76 5.89 -11.72
CA LEU A 33 4.66 5.76 -10.28
C LEU A 33 5.15 7.05 -9.61
N PHE A 34 6.11 7.73 -10.22
CA PHE A 34 6.49 9.04 -9.75
C PHE A 34 5.30 9.98 -9.87
N GLY A 35 4.66 9.98 -11.05
CA GLY A 35 3.50 10.80 -11.29
C GLY A 35 2.38 10.55 -10.27
N LEU A 36 2.21 9.31 -9.86
CA LEU A 36 1.17 9.02 -8.91
C LEU A 36 1.50 9.67 -7.58
N ALA A 37 2.75 9.55 -7.15
CA ALA A 37 3.18 10.18 -5.92
C ALA A 37 2.99 11.68 -6.02
N ARG A 38 3.42 12.28 -7.13
CA ARG A 38 3.33 13.71 -7.30
C ARG A 38 1.88 14.17 -7.19
N THR A 39 0.96 13.34 -7.66
CA THR A 39 -0.44 13.71 -7.70
C THR A 39 -0.96 13.76 -6.27
N TRP A 40 -0.58 12.78 -5.46
CA TRP A 40 -1.07 12.71 -4.11
C TRP A 40 -0.39 13.79 -3.27
N LEU A 41 0.85 14.11 -3.58
CA LEU A 41 1.59 15.03 -2.74
C LEU A 41 1.17 16.45 -3.01
N THR A 42 0.50 16.71 -4.13
CA THR A 42 0.22 18.07 -4.50
C THR A 42 -1.29 18.26 -4.60
N ARG A 43 -2.06 17.29 -4.11
CA ARG A 43 -3.51 17.32 -4.23
C ARG A 43 -4.11 18.48 -3.45
N GLY A 44 -3.43 19.03 -2.45
CA GLY A 44 -4.02 20.09 -1.68
C GLY A 44 -3.64 21.49 -2.14
N GLU A 45 -3.11 21.59 -3.35
CA GLU A 45 -2.72 22.87 -3.89
C GLU A 45 -3.89 23.46 -4.65
N VAL A 46 -4.91 22.63 -4.86
CA VAL A 46 -6.02 22.97 -5.72
C VAL A 46 -7.26 23.08 -4.84
N GLY A 47 -8.17 23.97 -5.21
CA GLY A 47 -9.43 24.10 -4.52
C GLY A 47 -10.35 22.90 -4.76
N ALA A 48 -11.42 22.81 -3.97
CA ALA A 48 -12.42 21.77 -4.09
C ALA A 48 -13.25 21.98 -5.35
N ARG A 49 -13.33 23.22 -5.85
CA ARG A 49 -14.02 23.45 -7.11
C ARG A 49 -13.31 22.74 -8.25
N TYR A 50 -12.02 22.35 -8.09
CA TYR A 50 -11.27 21.75 -9.18
C TYR A 50 -10.74 20.38 -8.77
N ARG A 51 -11.31 19.75 -7.74
CA ARG A 51 -10.79 18.49 -7.26
C ARG A 51 -10.98 17.36 -8.28
N THR A 52 -11.83 17.55 -9.29
CA THR A 52 -12.04 16.53 -10.30
C THR A 52 -10.76 16.29 -11.09
N ALA A 53 -9.98 17.35 -11.28
CA ALA A 53 -8.72 17.23 -11.96
C ALA A 53 -7.77 16.27 -11.22
N VAL A 54 -7.74 16.35 -9.91
CA VAL A 54 -6.88 15.48 -9.12
C VAL A 54 -7.40 14.05 -9.19
N VAL A 55 -8.71 13.91 -9.22
CA VAL A 55 -9.34 12.61 -9.20
C VAL A 55 -9.02 11.94 -10.53
N ALA A 56 -9.20 12.66 -11.64
CA ALA A 56 -8.92 12.09 -12.92
C ALA A 56 -7.46 11.69 -13.02
N ARG A 57 -6.57 12.63 -12.73
CA ARG A 57 -5.14 12.40 -12.80
C ARG A 57 -4.71 11.22 -11.91
N SER A 58 -5.29 11.10 -10.74
CA SER A 58 -4.98 9.97 -9.88
C SER A 58 -5.37 8.65 -10.52
N GLY A 59 -6.50 8.62 -11.21
CA GLY A 59 -6.98 7.41 -11.84
C GLY A 59 -6.08 7.03 -13.00
N ILE A 60 -5.79 8.02 -13.84
CA ILE A 60 -4.84 7.83 -14.92
C ILE A 60 -3.55 7.21 -14.39
N MET A 61 -2.96 7.80 -13.37
CA MET A 61 -1.65 7.36 -12.94
C MET A 61 -1.75 5.95 -12.39
N ILE A 62 -2.83 5.64 -11.67
CA ILE A 62 -2.91 4.32 -11.06
C ILE A 62 -3.07 3.26 -12.13
N VAL A 63 -4.03 3.45 -13.00
CA VAL A 63 -4.31 2.45 -14.01
C VAL A 63 -3.06 2.23 -14.87
N ALA A 64 -2.44 3.32 -15.28
CA ALA A 64 -1.32 3.23 -16.19
C ALA A 64 -0.17 2.52 -15.49
N THR A 65 -0.02 2.72 -14.20
CA THR A 65 1.08 2.11 -13.49
C THR A 65 0.87 0.60 -13.42
N LEU A 66 -0.37 0.17 -13.20
CA LEU A 66 -0.68 -1.24 -13.17
C LEU A 66 -0.39 -1.83 -14.54
N SER A 67 -0.96 -1.21 -15.56
CA SER A 67 -0.73 -1.67 -16.89
C SER A 67 0.74 -1.99 -17.13
N TYR A 68 1.64 -1.09 -16.73
CA TYR A 68 3.03 -1.22 -17.12
C TYR A 68 3.66 -2.29 -16.24
N VAL A 69 3.20 -2.41 -15.01
CA VAL A 69 3.74 -3.45 -14.15
C VAL A 69 3.41 -4.81 -14.76
N PHE A 70 2.14 -4.99 -15.08
CA PHE A 70 1.70 -6.21 -15.72
C PHE A 70 2.58 -6.48 -16.94
N MET A 71 2.77 -5.47 -17.78
CA MET A 71 3.45 -5.64 -19.06
C MET A 71 4.90 -5.99 -18.82
N VAL A 72 5.52 -5.40 -17.81
CA VAL A 72 6.92 -5.65 -17.55
C VAL A 72 7.08 -7.10 -17.12
N LEU A 73 6.19 -7.57 -16.24
CA LEU A 73 6.20 -8.97 -15.82
C LEU A 73 5.89 -9.89 -17.00
N ALA A 74 4.87 -9.57 -17.80
CA ALA A 74 4.56 -10.41 -18.95
C ALA A 74 5.69 -10.39 -19.98
N PHE A 75 6.62 -9.45 -19.88
CA PHE A 75 7.69 -9.38 -20.85
C PHE A 75 8.74 -10.41 -20.45
N THR A 76 8.99 -10.48 -19.15
CA THR A 76 9.98 -11.40 -18.62
C THR A 76 9.53 -12.84 -18.83
N SER A 77 8.21 -13.07 -18.90
CA SER A 77 7.68 -14.40 -19.07
C SER A 77 7.16 -14.65 -20.48
N GLY A 78 7.31 -13.69 -21.39
CA GLY A 78 6.70 -13.84 -22.70
C GLY A 78 7.75 -14.15 -23.77
N TYR A 79 9.02 -14.16 -23.37
CA TYR A 79 10.10 -14.31 -24.33
C TYR A 79 11.16 -15.20 -23.69
N ASP A 80 11.70 -16.18 -24.43
CA ASP A 80 12.73 -17.08 -23.92
C ASP A 80 13.91 -17.07 -24.87
N HIS A 81 15.13 -17.11 -24.31
CA HIS A 81 16.34 -16.78 -25.05
C HIS A 81 16.86 -17.98 -25.82
N VAL A 82 16.18 -18.33 -26.92
CA VAL A 82 16.59 -19.46 -27.74
C VAL A 82 17.71 -19.02 -28.68
N GLY A 83 18.92 -19.52 -28.43
CA GLY A 83 20.07 -19.05 -29.18
C GLY A 83 20.39 -17.62 -28.80
N SER A 84 20.65 -16.78 -29.81
CA SER A 84 20.94 -15.37 -29.59
C SER A 84 19.66 -14.53 -29.53
N LEU A 85 18.50 -15.10 -29.97
CA LEU A 85 17.26 -14.35 -30.12
C LEU A 85 16.30 -14.68 -28.99
N TRP A 86 15.31 -13.79 -28.74
CA TRP A 86 14.26 -14.10 -27.78
C TRP A 86 12.98 -14.40 -28.54
N VAL A 87 12.39 -15.58 -28.26
CA VAL A 87 11.25 -16.00 -29.06
C VAL A 87 9.99 -15.70 -28.26
N PRO A 88 8.96 -15.14 -28.90
CA PRO A 88 7.71 -14.85 -28.21
C PRO A 88 6.94 -16.11 -27.86
N ASN A 89 6.41 -16.16 -26.63
CA ASN A 89 5.52 -17.21 -26.13
C ASN A 89 4.06 -16.81 -26.38
N SER A 90 3.12 -17.38 -25.63
CA SER A 90 1.74 -16.90 -25.67
C SER A 90 1.56 -15.64 -24.83
N GLU A 91 2.42 -15.44 -23.82
CA GLU A 91 2.35 -14.30 -22.92
C GLU A 91 2.94 -13.04 -23.57
N ALA A 92 3.44 -13.16 -24.80
CA ALA A 92 3.95 -12.01 -25.51
C ALA A 92 2.83 -10.98 -25.74
N ILE A 93 1.64 -11.42 -26.13
CA ILE A 93 0.54 -10.50 -26.37
C ILE A 93 0.20 -9.71 -25.10
N MET A 94 0.53 -10.25 -23.94
CA MET A 94 0.30 -9.56 -22.69
C MET A 94 1.36 -8.48 -22.48
N THR A 95 2.17 -8.20 -23.50
CA THR A 95 3.13 -7.11 -23.39
C THR A 95 2.63 -5.93 -24.21
N ILE A 96 1.48 -6.08 -24.85
CA ILE A 96 0.98 -5.07 -25.75
C ILE A 96 -0.51 -4.82 -25.48
N ALA A 97 -1.27 -5.88 -25.25
CA ALA A 97 -2.71 -5.81 -25.10
C ALA A 97 -3.14 -5.01 -23.87
N PRO A 98 -2.48 -5.10 -22.71
CA PRO A 98 -2.86 -4.31 -21.55
C PRO A 98 -2.93 -2.80 -21.79
N ARG A 99 -2.18 -2.30 -22.75
CA ARG A 99 -2.25 -0.90 -23.10
C ARG A 99 -3.67 -0.47 -23.39
N TYR A 100 -4.43 -1.27 -24.12
CA TYR A 100 -5.77 -0.87 -24.53
C TYR A 100 -6.72 -0.84 -23.33
N VAL A 101 -6.42 -1.65 -22.33
CA VAL A 101 -7.20 -1.59 -21.12
C VAL A 101 -6.96 -0.24 -20.50
N GLU A 102 -5.68 0.08 -20.29
CA GLU A 102 -5.27 1.36 -19.74
C GLU A 102 -5.87 2.52 -20.54
N TRP A 103 -5.74 2.52 -21.85
CA TRP A 103 -6.23 3.64 -22.63
C TRP A 103 -7.74 3.79 -22.56
N SER A 104 -8.43 2.70 -22.26
CA SER A 104 -9.88 2.73 -22.21
C SER A 104 -10.33 3.51 -20.98
N ILE A 105 -9.53 3.47 -19.91
CA ILE A 105 -9.81 4.26 -18.74
C ILE A 105 -9.24 5.67 -18.92
N ALA A 106 -7.99 5.75 -19.41
CA ALA A 106 -7.18 6.95 -19.37
C ALA A 106 -7.68 8.00 -20.35
N VAL A 107 -8.01 7.62 -21.57
CA VAL A 107 -8.39 8.64 -22.54
C VAL A 107 -9.68 9.33 -22.09
N PRO A 108 -10.71 8.59 -21.63
CA PRO A 108 -11.89 9.23 -21.05
C PRO A 108 -11.53 10.13 -19.86
N LEU A 109 -10.69 9.62 -18.93
CA LEU A 109 -10.27 10.41 -17.80
C LEU A 109 -9.49 11.66 -18.21
N LEU A 110 -8.66 11.58 -19.25
CA LEU A 110 -7.93 12.76 -19.71
C LEU A 110 -8.90 13.78 -20.24
N SER A 111 -10.02 13.34 -20.82
CA SER A 111 -10.99 14.28 -21.33
C SER A 111 -11.64 14.99 -20.16
N ILE A 112 -11.86 14.26 -19.08
CA ILE A 112 -12.51 14.81 -17.91
C ILE A 112 -11.60 15.80 -17.25
N GLU A 113 -10.33 15.44 -17.10
CA GLU A 113 -9.31 16.32 -16.56
C GLU A 113 -9.29 17.66 -17.30
N LEU A 114 -9.45 17.64 -18.61
CA LEU A 114 -9.39 18.86 -19.39
C LEU A 114 -10.64 19.71 -19.16
N LEU A 115 -11.80 19.09 -19.08
CA LEU A 115 -13.03 19.85 -18.97
C LEU A 115 -13.21 20.31 -17.52
N SER A 116 -12.43 19.71 -16.62
CA SER A 116 -12.44 20.06 -15.23
C SER A 116 -12.09 21.52 -15.02
N VAL A 117 -11.16 22.04 -15.80
CA VAL A 117 -10.63 23.36 -15.59
C VAL A 117 -11.22 24.31 -16.61
N ALA A 118 -12.14 23.85 -17.44
CA ALA A 118 -12.88 24.75 -18.33
C ALA A 118 -14.08 25.34 -17.60
N THR A 119 -14.73 26.33 -18.22
CA THR A 119 -15.88 27.02 -17.63
C THR A 119 -17.20 26.42 -18.12
N LEU A 120 -17.44 25.15 -17.84
CA LEU A 120 -18.75 24.54 -18.03
C LEU A 120 -19.28 24.16 -16.65
N SER A 121 -20.59 24.34 -16.40
CA SER A 121 -21.12 24.07 -15.07
C SER A 121 -22.54 23.51 -15.14
N GLY A 122 -22.90 22.75 -14.10
CA GLY A 122 -24.23 22.17 -13.97
C GLY A 122 -24.41 20.97 -14.90
N VAL A 123 -25.58 20.89 -15.55
CA VAL A 123 -25.92 19.79 -16.43
C VAL A 123 -25.17 19.95 -17.76
N SER A 124 -24.73 21.17 -18.07
CA SER A 124 -23.88 21.41 -19.24
C SER A 124 -22.54 20.66 -19.11
N ALA A 125 -22.03 20.65 -17.88
CA ALA A 125 -20.83 19.89 -17.53
C ALA A 125 -21.16 18.42 -17.27
N ARG A 126 -22.22 17.94 -17.94
CA ARG A 126 -22.64 16.55 -17.84
C ARG A 126 -22.85 16.02 -19.25
N ARG A 127 -23.59 16.76 -20.08
CA ARG A 127 -23.76 16.34 -21.46
C ARG A 127 -22.40 16.14 -22.12
N THR A 128 -21.58 17.20 -22.12
CA THR A 128 -20.27 17.18 -22.76
C THR A 128 -19.41 16.08 -22.13
N ARG A 129 -19.47 15.95 -20.81
CA ARG A 129 -18.64 14.96 -20.17
C ARG A 129 -19.01 13.55 -20.59
N LEU A 130 -20.30 13.26 -20.72
CA LEU A 130 -20.72 11.92 -21.12
C LEU A 130 -20.35 11.69 -22.58
N ALA A 131 -20.61 12.68 -23.41
CA ALA A 131 -20.33 12.49 -24.81
C ALA A 131 -18.84 12.23 -25.04
N ALA A 132 -17.99 12.96 -24.34
CA ALA A 132 -16.56 12.81 -24.49
C ALA A 132 -16.16 11.44 -23.97
N VAL A 133 -16.60 11.09 -22.77
CA VAL A 133 -16.26 9.80 -22.21
C VAL A 133 -16.68 8.68 -23.15
N ALA A 134 -17.87 8.80 -23.75
CA ALA A 134 -18.37 7.79 -24.65
C ALA A 134 -17.44 7.69 -25.85
N GLY A 135 -17.23 8.83 -26.52
CA GLY A 135 -16.39 8.89 -27.70
C GLY A 135 -15.01 8.30 -27.43
N ALA A 136 -14.41 8.73 -26.33
CA ALA A 136 -13.07 8.33 -26.00
C ALA A 136 -13.00 6.82 -25.84
N PHE A 137 -13.93 6.24 -25.06
CA PHE A 137 -13.91 4.81 -24.79
C PHE A 137 -14.16 4.05 -26.09
N LEU A 138 -15.11 4.52 -26.89
CA LEU A 138 -15.42 3.82 -28.11
C LEU A 138 -14.26 3.83 -29.10
N MET A 139 -13.49 4.89 -29.10
CA MET A 139 -12.33 4.99 -29.97
C MET A 139 -11.29 3.94 -29.56
N ILE A 140 -11.07 3.76 -28.27
CA ILE A 140 -10.10 2.78 -27.85
C ILE A 140 -10.62 1.38 -28.08
N PHE A 141 -11.92 1.18 -27.88
CA PHE A 141 -12.49 -0.16 -27.87
C PHE A 141 -12.53 -0.67 -29.31
N THR A 142 -12.98 0.17 -30.24
CA THR A 142 -12.94 -0.19 -31.63
C THR A 142 -11.51 -0.50 -32.09
N GLY A 143 -10.55 0.23 -31.57
CA GLY A 143 -9.16 -0.02 -31.89
C GLY A 143 -8.71 -1.38 -31.39
N PHE A 144 -9.04 -1.67 -30.14
CA PHE A 144 -8.73 -2.98 -29.54
C PHE A 144 -9.33 -4.10 -30.38
N LEU A 145 -10.49 -3.88 -30.99
CA LEU A 145 -11.15 -4.96 -31.71
C LEU A 145 -10.31 -5.30 -32.92
N GLY A 146 -10.00 -4.27 -33.70
CA GLY A 146 -9.19 -4.42 -34.91
C GLY A 146 -7.79 -4.98 -34.62
N ALA A 147 -7.20 -4.60 -33.50
CA ALA A 147 -5.80 -4.82 -33.28
C ALA A 147 -5.52 -6.07 -32.47
N VAL A 148 -6.51 -6.60 -31.74
CA VAL A 148 -6.26 -7.71 -30.85
C VAL A 148 -7.32 -8.79 -31.04
N VAL A 149 -8.56 -8.40 -31.36
CA VAL A 149 -9.67 -9.35 -31.22
C VAL A 149 -10.04 -9.89 -32.58
N ILE A 150 -10.60 -9.04 -33.44
CA ILE A 150 -11.19 -9.51 -34.69
C ILE A 150 -10.11 -9.69 -35.75
N GLY A 151 -9.60 -10.91 -35.91
CA GLY A 151 -8.52 -11.17 -36.84
C GLY A 151 -7.24 -11.60 -36.12
N ASP A 152 -7.19 -11.42 -34.80
CA ASP A 152 -6.04 -11.79 -33.99
C ASP A 152 -4.88 -10.82 -34.18
N GLY A 153 -5.17 -9.60 -34.66
CA GLY A 153 -4.14 -8.63 -34.99
C GLY A 153 -3.24 -9.13 -36.12
N ARG A 154 -3.81 -9.93 -37.01
CA ARG A 154 -3.07 -10.47 -38.14
C ARG A 154 -3.84 -10.18 -39.41
N SER A 155 -4.90 -9.39 -39.36
CA SER A 155 -5.68 -9.14 -40.56
C SER A 155 -5.58 -7.68 -40.95
N VAL A 156 -5.12 -7.41 -42.16
CA VAL A 156 -5.00 -6.03 -42.58
C VAL A 156 -6.40 -5.42 -42.66
N GLY A 157 -7.35 -6.13 -43.26
CA GLY A 157 -8.64 -5.54 -43.50
C GLY A 157 -9.37 -5.23 -42.19
N SER A 158 -9.19 -6.09 -41.20
CA SER A 158 -9.76 -5.82 -39.89
C SER A 158 -9.09 -4.60 -39.27
N LEU A 159 -7.75 -4.55 -39.35
CA LEU A 159 -6.97 -3.45 -38.82
C LEU A 159 -7.38 -2.14 -39.51
N ILE A 160 -7.65 -2.20 -40.80
CA ILE A 160 -8.01 -1.00 -41.52
C ILE A 160 -9.44 -0.56 -41.21
N ILE A 161 -10.35 -1.52 -41.11
CA ILE A 161 -11.75 -1.16 -40.90
C ILE A 161 -11.92 -0.58 -39.50
N TRP A 162 -11.50 -1.34 -38.49
CA TRP A 162 -11.68 -0.90 -37.12
C TRP A 162 -10.85 0.33 -36.83
N GLY A 163 -9.73 0.49 -37.53
CA GLY A 163 -8.94 1.71 -37.40
C GLY A 163 -9.72 2.92 -37.89
N ALA A 164 -10.50 2.74 -38.94
CA ALA A 164 -11.25 3.84 -39.51
C ALA A 164 -12.40 4.21 -38.59
N ILE A 165 -12.96 3.19 -37.94
CA ILE A 165 -14.05 3.42 -37.01
C ILE A 165 -13.47 4.21 -35.85
N SER A 166 -12.35 3.73 -35.35
CA SER A 166 -11.75 4.33 -34.20
C SER A 166 -11.42 5.80 -34.49
N THR A 167 -11.12 6.10 -35.76
CA THR A 167 -10.74 7.44 -36.16
C THR A 167 -11.96 8.34 -36.20
N VAL A 168 -13.12 7.77 -36.53
CA VAL A 168 -14.33 8.58 -36.52
C VAL A 168 -14.61 9.03 -35.09
N PHE A 169 -14.55 8.11 -34.14
CA PHE A 169 -14.78 8.45 -32.76
C PHE A 169 -13.75 9.46 -32.26
N TRP A 170 -12.51 9.36 -32.75
CA TRP A 170 -11.48 10.34 -32.43
C TRP A 170 -11.96 11.74 -32.81
N ILE A 171 -12.33 11.91 -34.06
CA ILE A 171 -12.81 13.20 -34.53
C ILE A 171 -13.98 13.70 -33.69
N ILE A 172 -14.86 12.79 -33.29
CA ILE A 172 -16.04 13.19 -32.55
C ILE A 172 -15.60 13.73 -31.19
N THR A 173 -14.85 12.93 -30.45
CA THR A 173 -14.36 13.34 -29.14
C THR A 173 -13.60 14.66 -29.25
N ALA A 174 -12.73 14.75 -30.25
CA ALA A 174 -11.89 15.93 -30.39
C ALA A 174 -12.71 17.17 -30.65
N VAL A 175 -13.72 17.05 -31.50
CA VAL A 175 -14.60 18.17 -31.76
C VAL A 175 -15.35 18.57 -30.50
N ILE A 176 -15.96 17.62 -29.83
CA ILE A 176 -16.66 17.92 -28.59
C ILE A 176 -15.73 18.70 -27.65
N LEU A 177 -14.55 18.15 -27.37
CA LEU A 177 -13.63 18.80 -26.44
C LEU A 177 -13.29 20.19 -26.95
N ILE A 178 -12.90 20.32 -28.21
CA ILE A 178 -12.38 21.58 -28.70
C ILE A 178 -13.48 22.63 -28.67
N ARG A 179 -14.70 22.22 -28.95
CA ARG A 179 -15.81 23.15 -28.92
C ARG A 179 -16.03 23.62 -27.49
N ALA A 180 -15.85 22.73 -26.53
CA ALA A 180 -16.06 23.07 -25.13
C ALA A 180 -15.00 24.07 -24.70
N ILE A 181 -13.76 23.82 -25.06
CA ILE A 181 -12.68 24.69 -24.70
C ILE A 181 -12.91 26.03 -25.36
N ARG A 182 -13.27 26.03 -26.63
CA ARG A 182 -13.40 27.28 -27.37
C ARG A 182 -14.47 28.15 -26.74
N HIS A 183 -15.44 27.54 -26.08
CA HIS A 183 -16.46 28.28 -25.38
C HIS A 183 -15.96 28.81 -24.03
N SER A 184 -15.04 28.09 -23.40
CA SER A 184 -14.52 28.45 -22.11
C SER A 184 -13.50 29.58 -22.22
N LEU A 185 -12.67 29.55 -23.24
CA LEU A 185 -11.54 30.46 -23.30
C LEU A 185 -11.98 31.89 -23.08
N PRO A 186 -13.09 32.34 -23.72
CA PRO A 186 -13.57 33.71 -23.54
C PRO A 186 -13.94 34.07 -22.11
N GLN A 187 -14.32 33.06 -21.33
CA GLN A 187 -14.86 33.27 -19.99
C GLN A 187 -13.79 33.05 -18.93
N LEU A 188 -12.59 32.63 -19.33
CA LEU A 188 -11.49 32.47 -18.39
C LEU A 188 -10.73 33.79 -18.34
N THR A 189 -9.83 33.93 -17.37
CA THR A 189 -8.89 35.05 -17.36
C THR A 189 -7.83 34.80 -18.43
N PRO A 190 -7.22 35.86 -19.01
CA PRO A 190 -6.23 35.68 -20.06
C PRO A 190 -5.16 34.64 -19.74
N GLU A 191 -4.65 34.69 -18.51
CA GLU A 191 -3.52 33.85 -18.14
C GLU A 191 -3.95 32.39 -18.11
N ALA A 192 -5.16 32.14 -17.61
CA ALA A 192 -5.69 30.79 -17.59
C ALA A 192 -6.04 30.35 -19.01
N ALA A 193 -6.69 31.24 -19.76
CA ALA A 193 -7.14 30.89 -21.10
C ALA A 193 -5.94 30.47 -21.93
N ALA A 194 -4.82 31.16 -21.76
CA ALA A 194 -3.65 30.87 -22.55
C ALA A 194 -3.15 29.46 -22.24
N LEU A 195 -3.08 29.13 -20.95
CA LEU A 195 -2.61 27.82 -20.58
C LEU A 195 -3.55 26.74 -21.05
N LEU A 196 -4.86 27.04 -21.10
CA LEU A 196 -5.85 26.04 -21.41
C LEU A 196 -5.83 25.75 -22.91
N LYS A 197 -5.55 26.78 -23.70
CA LYS A 197 -5.34 26.59 -25.13
C LYS A 197 -4.15 25.66 -25.35
N THR A 198 -3.05 26.00 -24.71
CA THR A 198 -1.86 25.17 -24.83
C THR A 198 -2.16 23.74 -24.44
N ALA A 199 -2.85 23.54 -23.33
CA ALA A 199 -3.04 22.19 -22.84
C ALA A 199 -3.93 21.40 -23.80
N THR A 200 -4.89 22.08 -24.42
CA THR A 200 -5.73 21.43 -25.42
C THR A 200 -4.90 20.97 -26.61
N ILE A 201 -4.01 21.84 -27.08
CA ILE A 201 -3.12 21.50 -28.18
C ILE A 201 -2.22 20.32 -27.81
N PHE A 202 -1.71 20.33 -26.59
CA PHE A 202 -0.80 19.28 -26.16
C PHE A 202 -1.53 17.96 -26.16
N LEU A 203 -2.78 17.93 -25.65
CA LEU A 203 -3.48 16.65 -25.48
C LEU A 203 -3.85 16.10 -26.84
N MET A 204 -4.32 16.97 -27.73
CA MET A 204 -4.79 16.54 -29.02
C MET A 204 -3.57 16.04 -29.81
N SER A 205 -2.48 16.77 -29.69
CA SER A 205 -1.27 16.46 -30.42
C SER A 205 -0.66 15.15 -29.92
N GLY A 206 -0.76 14.93 -28.63
CA GLY A 206 -0.29 13.69 -28.07
C GLY A 206 -1.16 12.51 -28.45
N TRP A 207 -2.44 12.76 -28.71
CA TRP A 207 -3.35 11.69 -29.11
C TRP A 207 -3.08 11.27 -30.54
N ALA A 208 -2.29 12.05 -31.28
CA ALA A 208 -2.04 11.76 -32.67
C ALA A 208 -0.94 10.75 -32.82
N VAL A 209 -0.16 10.57 -31.75
CA VAL A 209 1.03 9.73 -31.81
C VAL A 209 0.58 8.29 -31.74
N TYR A 210 -0.46 8.02 -30.95
CA TYR A 210 -0.88 6.66 -30.69
C TYR A 210 -1.31 5.99 -32.00
N PRO A 211 -2.17 6.59 -32.83
CA PRO A 211 -2.50 6.03 -34.15
C PRO A 211 -1.30 5.66 -35.03
N LEU A 212 -0.11 6.21 -34.79
CA LEU A 212 1.05 5.83 -35.58
C LEU A 212 1.52 4.43 -35.22
N ALA A 213 1.47 4.07 -33.95
CA ALA A 213 1.82 2.71 -33.56
C ALA A 213 0.87 1.70 -34.18
N TYR A 214 -0.36 2.15 -34.47
CA TYR A 214 -1.33 1.31 -35.14
C TYR A 214 -0.97 1.16 -36.62
N LEU A 215 -0.57 2.22 -37.29
CA LEU A 215 -0.21 2.12 -38.70
C LEU A 215 1.02 1.24 -38.89
N ILE A 216 1.91 1.22 -37.90
CA ILE A 216 3.07 0.38 -38.04
C ILE A 216 2.55 -1.05 -38.10
N GLN A 217 1.77 -1.46 -37.11
CA GLN A 217 1.28 -2.83 -37.05
C GLN A 217 0.67 -3.25 -38.39
N ILE A 218 -0.05 -2.37 -39.04
CA ILE A 218 -0.60 -2.70 -40.34
C ILE A 218 0.51 -2.90 -41.36
N LEU A 219 1.51 -1.99 -41.39
CA LEU A 219 2.42 -1.86 -42.52
C LEU A 219 3.69 -2.69 -42.36
N PHE A 220 4.25 -2.76 -41.16
CA PHE A 220 5.59 -3.33 -40.98
C PHE A 220 5.57 -4.37 -39.86
N ALA A 221 6.23 -5.50 -40.08
CA ALA A 221 6.38 -6.45 -39.00
C ALA A 221 7.86 -6.81 -38.88
N GLY A 222 8.26 -7.21 -37.66
CA GLY A 222 9.66 -7.41 -37.37
C GLY A 222 9.97 -7.11 -35.91
N GLY A 223 11.15 -7.50 -35.45
CA GLY A 223 11.58 -7.16 -34.11
C GLY A 223 11.93 -5.68 -33.98
N LEU A 224 12.45 -5.09 -35.06
CA LEU A 224 12.71 -3.66 -35.06
C LEU A 224 11.40 -2.93 -34.82
N TRP A 225 10.37 -3.34 -35.56
CA TRP A 225 9.07 -2.68 -35.53
C TRP A 225 8.32 -2.95 -34.24
N THR A 226 8.50 -4.12 -33.65
CA THR A 226 7.95 -4.31 -32.34
C THR A 226 8.62 -3.41 -31.32
N THR A 227 9.92 -3.16 -31.52
CA THR A 227 10.67 -2.30 -30.62
C THR A 227 10.22 -0.87 -30.81
N SER A 228 10.08 -0.48 -32.08
CA SER A 228 9.63 0.86 -32.38
C SER A 228 8.30 1.14 -31.71
N ILE A 229 7.38 0.18 -31.79
CA ILE A 229 6.04 0.39 -31.28
C ILE A 229 6.16 0.64 -29.79
N HIS A 230 6.97 -0.15 -29.12
CA HIS A 230 7.07 -0.07 -27.67
C HIS A 230 7.68 1.26 -27.28
N ILE A 231 8.63 1.72 -28.07
CA ILE A 231 9.33 2.93 -27.71
C ILE A 231 8.37 4.08 -27.91
N ILE A 232 7.76 4.14 -29.09
CA ILE A 232 6.81 5.20 -29.39
C ILE A 232 5.74 5.28 -28.30
N LEU A 233 5.13 4.17 -27.95
CA LEU A 233 4.00 4.22 -27.05
C LEU A 233 4.46 4.56 -25.64
N CYS A 234 5.60 4.05 -25.23
CA CYS A 234 6.14 4.33 -23.92
C CYS A 234 6.51 5.81 -23.81
N THR A 235 7.16 6.30 -24.84
CA THR A 235 7.56 7.69 -24.83
C THR A 235 6.31 8.56 -24.78
N ALA A 236 5.33 8.25 -25.59
CA ALA A 236 4.12 9.05 -25.64
C ALA A 236 3.45 9.09 -24.29
N ASP A 237 3.42 7.96 -23.61
CA ASP A 237 2.81 7.86 -22.31
C ASP A 237 3.51 8.79 -21.32
N ILE A 238 4.83 8.84 -21.34
CA ILE A 238 5.55 9.64 -20.37
C ILE A 238 5.25 11.11 -20.64
N VAL A 239 5.27 11.50 -21.90
CA VAL A 239 5.09 12.89 -22.24
C VAL A 239 3.65 13.32 -21.97
N VAL A 240 2.69 12.52 -22.32
CA VAL A 240 1.31 12.91 -22.13
C VAL A 240 0.92 12.77 -20.66
N LYS A 241 1.26 11.67 -20.03
CA LYS A 241 0.77 11.48 -18.68
C LYS A 241 1.63 12.19 -17.64
N LEU A 242 2.76 12.76 -18.01
CA LEU A 242 3.50 13.61 -17.06
C LEU A 242 3.37 15.06 -17.46
N GLY A 243 3.57 15.35 -18.74
CA GLY A 243 3.46 16.69 -19.26
C GLY A 243 2.07 17.29 -19.13
N PHE A 244 1.07 16.63 -19.68
CA PHE A 244 -0.27 17.20 -19.73
C PHE A 244 -0.82 17.32 -18.32
N CYS A 245 -0.50 16.35 -17.46
CA CYS A 245 -1.12 16.28 -16.14
C CYS A 245 -0.50 17.33 -15.23
N GLY A 246 0.74 17.74 -15.53
CA GLY A 246 1.30 18.92 -14.93
C GLY A 246 0.62 20.21 -15.41
N LEU A 247 0.27 20.29 -16.68
CA LEU A 247 -0.33 21.50 -17.20
C LEU A 247 -1.71 21.75 -16.59
N ILE A 248 -2.45 20.67 -16.37
CA ILE A 248 -3.79 20.87 -15.87
C ILE A 248 -3.72 21.28 -14.41
N HIS A 249 -2.79 20.70 -13.66
CA HIS A 249 -2.57 21.11 -12.29
C HIS A 249 -2.21 22.58 -12.18
N ARG A 250 -1.45 23.13 -13.12
CA ARG A 250 -1.08 24.51 -13.01
C ARG A 250 -2.30 25.38 -13.28
N ILE A 251 -3.22 24.94 -14.12
CA ILE A 251 -4.39 25.73 -14.45
C ILE A 251 -5.36 25.66 -13.29
N ALA A 252 -5.41 24.50 -12.65
CA ALA A 252 -6.27 24.33 -11.50
C ALA A 252 -5.76 25.21 -10.35
N LYS A 253 -4.43 25.30 -10.19
CA LYS A 253 -3.84 26.12 -9.15
C LYS A 253 -4.09 27.57 -9.45
N LEU A 254 -3.93 27.94 -10.70
CA LEU A 254 -4.12 29.32 -11.06
C LEU A 254 -5.58 29.73 -10.89
N ARG A 255 -6.50 28.83 -11.12
CA ARG A 255 -7.92 29.13 -11.01
C ARG A 255 -8.29 29.18 -9.53
N THR A 256 -7.76 28.26 -8.74
CA THR A 256 -7.92 28.34 -7.31
C THR A 256 -7.46 29.68 -6.79
N ALA A 257 -6.27 30.11 -7.14
CA ALA A 257 -5.73 31.37 -6.70
C ALA A 257 -6.59 32.54 -7.15
N GLU A 258 -7.20 32.47 -8.31
CA GLU A 258 -8.00 33.57 -8.79
C GLU A 258 -9.26 33.65 -7.93
N ASP A 259 -9.77 32.48 -7.50
CA ASP A 259 -11.00 32.45 -6.75
C ASP A 259 -10.76 33.05 -5.38
N VAL A 260 -9.59 32.71 -4.81
CA VAL A 260 -9.18 33.20 -3.51
C VAL A 260 -9.09 34.71 -3.55
N ARG A 261 -8.51 35.25 -4.60
CA ARG A 261 -8.36 36.69 -4.67
C ARG A 261 -9.71 37.36 -4.86
N ALA A 262 -10.67 36.65 -5.46
CA ALA A 262 -11.95 37.26 -5.81
C ALA A 262 -12.95 37.12 -4.67
N GLY A 263 -12.64 36.26 -3.70
CA GLY A 263 -13.53 36.00 -2.60
C GLY A 263 -14.49 34.85 -2.86
N VAL A 264 -14.39 34.29 -4.05
CA VAL A 264 -15.22 33.15 -4.39
C VAL A 264 -14.95 31.99 -3.43
N ASP A 265 -13.73 31.86 -2.91
CA ASP A 265 -13.43 30.81 -1.97
C ASP A 265 -12.17 31.15 -1.17
N ILE A 266 -11.77 30.31 -0.22
CA ILE A 266 -10.60 30.54 0.60
C ILE A 266 -9.76 29.30 0.51
N HIS A 267 -8.43 29.39 0.63
CA HIS A 267 -7.60 28.21 0.48
C HIS A 267 -6.71 28.19 1.68
N THR A 268 -6.42 27.01 2.20
CA THR A 268 -5.71 26.89 3.47
C THR A 268 -4.24 27.26 3.32
N GLU A 269 -3.62 27.01 2.17
CA GLU A 269 -2.21 27.29 1.99
C GLU A 269 -2.05 28.29 0.86
N ALA A 270 -0.92 28.99 0.81
CA ALA A 270 -0.64 29.88 -0.30
C ALA A 270 -0.36 29.06 -1.54
N ILE A 271 -0.60 29.66 -2.71
CA ILE A 271 -0.40 28.99 -3.96
C ILE A 271 0.79 29.64 -4.61
N TRP A 272 1.77 28.82 -4.98
CA TRP A 272 2.98 29.24 -5.67
C TRP A 272 2.97 28.60 -7.04
N ILE A 273 3.25 29.38 -8.08
CA ILE A 273 3.39 28.80 -9.40
C ILE A 273 4.65 29.39 -10.03
N SER A 274 5.70 28.56 -10.14
CA SER A 274 6.97 29.03 -10.69
C SER A 274 7.68 29.89 -9.65
N SER A 275 7.57 29.50 -8.38
CA SER A 275 8.12 30.29 -7.29
C SER A 275 7.61 31.73 -7.32
N VAL A 276 6.39 31.94 -7.81
CA VAL A 276 5.70 33.20 -7.58
C VAL A 276 4.37 32.97 -6.84
N LYS A 277 4.13 33.75 -5.78
CA LYS A 277 2.96 33.55 -4.94
C LYS A 277 1.78 34.12 -5.68
N GLN A 278 0.72 33.31 -5.79
CA GLN A 278 -0.43 33.64 -6.58
C GLN A 278 -1.53 34.09 -5.65
N SER A 279 -1.59 33.49 -4.46
CA SER A 279 -2.61 33.78 -3.48
C SER A 279 -2.04 33.45 -2.09
N ASP A 280 -2.60 34.07 -1.03
CA ASP A 280 -2.17 33.82 0.34
C ASP A 280 -3.06 32.78 1.00
N ALA A 281 -2.59 32.18 2.10
CA ALA A 281 -3.40 31.28 2.92
C ALA A 281 -4.44 32.07 3.71
N GLY A 282 -5.61 31.44 3.95
CA GLY A 282 -6.74 32.09 4.61
C GLY A 282 -7.53 31.13 5.49
N ILE A 283 -8.24 31.67 6.49
CA ILE A 283 -9.11 30.87 7.36
C ILE A 283 -10.56 31.28 7.07
N PRO A 284 -11.53 30.35 7.16
CA PRO A 284 -12.95 30.70 7.12
C PRO A 284 -13.26 31.81 8.12
N THR A 285 -13.71 32.96 7.63
CA THR A 285 -13.95 34.13 8.47
C THR A 285 -14.66 33.73 9.78
N ASP B 3 37.91 -4.75 -28.04
CA ASP B 3 38.09 -6.21 -27.79
C ASP B 3 36.82 -6.76 -27.16
N MET B 4 36.78 -8.07 -26.89
CA MET B 4 35.60 -8.71 -26.31
C MET B 4 35.89 -9.02 -24.85
N ILE B 5 34.89 -8.86 -23.98
CA ILE B 5 35.08 -9.05 -22.54
C ILE B 5 33.85 -9.72 -21.96
N SER B 6 33.81 -9.98 -20.66
CA SER B 6 32.68 -10.70 -20.09
C SER B 6 31.85 -9.75 -19.23
N ALA B 7 30.53 -9.74 -19.45
CA ALA B 7 29.68 -8.81 -18.73
C ALA B 7 29.73 -9.14 -17.24
N PRO B 8 29.64 -8.13 -16.36
CA PRO B 8 29.62 -8.38 -14.92
C PRO B 8 28.67 -9.50 -14.49
N TRP B 9 27.55 -9.66 -15.20
CA TRP B 9 26.54 -10.64 -14.83
C TRP B 9 26.85 -12.01 -15.43
N GLU B 10 28.05 -12.18 -16.00
CA GLU B 10 28.45 -13.44 -16.59
C GLU B 10 29.63 -14.06 -15.84
N ALA B 11 29.68 -13.93 -14.52
CA ALA B 11 30.77 -14.45 -13.72
C ALA B 11 30.22 -15.19 -12.51
N SER B 12 30.81 -16.35 -12.22
CA SER B 12 30.31 -17.22 -11.16
C SER B 12 30.81 -16.72 -9.80
N LEU B 13 29.91 -16.74 -8.84
CA LEU B 13 30.17 -16.12 -7.57
C LEU B 13 30.44 -17.25 -6.58
N THR B 14 31.45 -17.04 -5.72
CA THR B 14 31.63 -17.88 -4.56
C THR B 14 30.54 -17.61 -3.52
N GLN B 15 30.40 -18.50 -2.53
CA GLN B 15 29.32 -18.38 -1.57
C GLN B 15 29.49 -17.05 -0.78
N ALA B 16 30.74 -16.64 -0.51
CA ALA B 16 31.00 -15.34 0.08
C ALA B 16 30.42 -14.22 -0.77
N GLU B 17 30.85 -14.18 -2.03
CA GLU B 17 30.46 -13.13 -2.94
C GLU B 17 28.96 -13.13 -3.13
N HIS B 18 28.34 -14.31 -3.18
CA HIS B 18 26.90 -14.38 -3.31
C HIS B 18 26.25 -13.75 -2.08
N SER B 19 26.83 -14.02 -0.91
CA SER B 19 26.23 -13.58 0.33
C SER B 19 26.37 -12.07 0.45
N LEU B 20 27.60 -11.56 0.28
CA LEU B 20 27.82 -10.13 0.29
C LEU B 20 26.86 -9.40 -0.65
N ILE B 21 26.71 -9.88 -1.88
CA ILE B 21 25.88 -9.18 -2.81
C ILE B 21 24.43 -9.15 -2.33
N PHE B 22 23.95 -10.24 -1.74
CA PHE B 22 22.55 -10.25 -1.33
C PHE B 22 22.39 -9.28 -0.16
N TYR B 23 23.40 -9.23 0.71
CA TYR B 23 23.33 -8.35 1.85
C TYR B 23 23.18 -6.92 1.36
N PHE B 24 24.14 -6.48 0.52
CA PHE B 24 24.16 -5.11 0.04
C PHE B 24 22.93 -4.80 -0.77
N LEU B 25 22.48 -5.69 -1.59
CA LEU B 25 21.29 -5.36 -2.34
C LEU B 25 20.14 -5.10 -1.40
N ALA B 26 19.99 -5.96 -0.39
CA ALA B 26 18.87 -5.92 0.53
C ALA B 26 19.03 -4.75 1.49
N LEU B 27 20.26 -4.49 1.88
CA LEU B 27 20.52 -3.34 2.72
C LEU B 27 20.09 -2.05 2.01
N THR B 28 20.48 -1.91 0.74
CA THR B 28 20.17 -0.72 -0.01
C THR B 28 18.68 -0.61 -0.22
N GLY B 29 18.03 -1.70 -0.55
CA GLY B 29 16.59 -1.62 -0.74
C GLY B 29 15.87 -1.23 0.56
N SER B 30 16.38 -1.71 1.68
CA SER B 30 15.78 -1.42 2.98
C SER B 30 15.99 0.05 3.31
N ALA B 31 17.21 0.52 3.13
CA ALA B 31 17.51 1.90 3.47
C ALA B 31 16.64 2.84 2.62
N LEU B 32 16.34 2.48 1.38
CA LEU B 32 15.59 3.36 0.52
C LEU B 32 14.14 3.33 0.93
N LEU B 33 13.70 2.24 1.50
CA LEU B 33 12.33 2.18 1.98
C LEU B 33 12.19 3.01 3.27
N PHE B 34 13.25 3.05 4.08
CA PHE B 34 13.27 3.94 5.20
C PHE B 34 13.18 5.38 4.71
N GLY B 35 14.02 5.72 3.72
CA GLY B 35 14.03 7.04 3.14
C GLY B 35 12.66 7.44 2.61
N LEU B 36 11.92 6.51 2.04
CA LEU B 36 10.63 6.84 1.51
C LEU B 36 9.69 7.22 2.66
N ALA B 37 9.72 6.43 3.73
CA ALA B 37 8.93 6.74 4.89
C ALA B 37 9.31 8.11 5.44
N ARG B 38 10.60 8.37 5.58
CA ARG B 38 11.08 9.61 6.15
C ARG B 38 10.55 10.79 5.32
N THR B 39 10.46 10.59 4.01
CA THR B 39 10.07 11.66 3.10
C THR B 39 8.62 12.00 3.34
N TRP B 40 7.79 10.99 3.50
CA TRP B 40 6.38 11.19 3.68
C TRP B 40 6.12 11.73 5.08
N LEU B 41 6.92 11.32 6.06
CA LEU B 41 6.63 11.69 7.42
C LEU B 41 7.08 13.12 7.68
N THR B 42 7.91 13.68 6.82
CA THR B 42 8.47 14.98 7.11
C THR B 42 8.08 15.95 6.02
N ARG B 43 7.13 15.57 5.17
CA ARG B 43 6.71 16.38 4.04
C ARG B 43 6.08 17.69 4.48
N GLY B 44 5.57 17.79 5.71
CA GLY B 44 4.90 19.01 6.09
C GLY B 44 5.79 19.98 6.87
N GLU B 45 7.10 19.75 6.81
CA GLU B 45 8.04 20.61 7.50
C GLU B 45 8.44 21.74 6.57
N VAL B 46 8.08 21.59 5.31
CA VAL B 46 8.54 22.47 4.27
C VAL B 46 7.34 23.25 3.75
N GLY B 47 7.56 24.50 3.34
CA GLY B 47 6.52 25.30 2.73
C GLY B 47 6.12 24.79 1.36
N ALA B 48 5.01 25.30 0.83
CA ALA B 48 4.53 24.98 -0.49
C ALA B 48 5.42 25.61 -1.55
N ARG B 49 6.15 26.67 -1.22
CA ARG B 49 7.09 27.24 -2.16
C ARG B 49 8.21 26.24 -2.46
N TYR B 50 8.42 25.22 -1.60
CA TYR B 50 9.52 24.28 -1.80
C TYR B 50 9.01 22.86 -1.88
N ARG B 51 7.73 22.66 -2.20
CA ARG B 51 7.17 21.32 -2.21
C ARG B 51 7.76 20.45 -3.34
N THR B 52 8.41 21.07 -4.33
CA THR B 52 9.01 20.33 -5.42
C THR B 52 10.12 19.43 -4.90
N ALA B 53 10.81 19.88 -3.86
CA ALA B 53 11.86 19.09 -3.25
C ALA B 53 11.29 17.78 -2.70
N VAL B 54 10.13 17.83 -2.07
CA VAL B 54 9.57 16.62 -1.51
C VAL B 54 9.05 15.71 -2.63
N VAL B 55 8.59 16.33 -3.71
CA VAL B 55 8.04 15.58 -4.81
C VAL B 55 9.19 14.84 -5.48
N ALA B 56 10.29 15.53 -5.73
CA ALA B 56 11.43 14.89 -6.35
C ALA B 56 11.93 13.75 -5.48
N ARG B 57 12.20 14.06 -4.21
CA ARG B 57 12.72 13.08 -3.27
C ARG B 57 11.79 11.87 -3.15
N SER B 58 10.49 12.09 -3.15
CA SER B 58 9.56 10.98 -3.11
C SER B 58 9.68 10.08 -4.33
N GLY B 59 9.91 10.68 -5.49
CA GLY B 59 10.02 9.92 -6.72
C GLY B 59 11.30 9.11 -6.70
N ILE B 60 12.39 9.77 -6.36
CA ILE B 60 13.66 9.08 -6.19
C ILE B 60 13.49 7.87 -5.30
N MET B 61 12.91 8.03 -4.12
CA MET B 61 12.88 6.96 -3.16
C MET B 61 12.00 5.84 -3.69
N ILE B 62 10.91 6.18 -4.37
CA ILE B 62 9.99 5.13 -4.82
C ILE B 62 10.66 4.32 -5.92
N VAL B 63 11.17 4.99 -6.93
CA VAL B 63 11.74 4.31 -8.06
C VAL B 63 12.89 3.43 -7.58
N ALA B 64 13.76 4.00 -6.75
CA ALA B 64 14.95 3.29 -6.33
C ALA B 64 14.55 2.08 -5.50
N THR B 65 13.46 2.19 -4.74
CA THR B 65 13.07 1.08 -3.89
C THR B 65 12.58 -0.07 -4.77
N LEU B 66 11.82 0.25 -5.83
CA LEU B 66 11.34 -0.88 -6.61
C LEU B 66 12.51 -1.44 -7.41
N SER B 67 13.38 -0.61 -7.95
CA SER B 67 14.56 -1.12 -8.59
C SER B 67 15.24 -2.19 -7.73
N TYR B 68 15.42 -1.92 -6.45
CA TYR B 68 16.24 -2.81 -5.63
C TYR B 68 15.42 -4.04 -5.29
N VAL B 69 14.11 -3.88 -5.17
CA VAL B 69 13.27 -5.04 -4.91
C VAL B 69 13.40 -5.99 -6.08
N PHE B 70 13.18 -5.48 -7.28
CA PHE B 70 13.32 -6.25 -8.49
C PHE B 70 14.67 -6.96 -8.46
N MET B 71 15.74 -6.23 -8.18
CA MET B 71 17.09 -6.74 -8.29
C MET B 71 17.32 -7.83 -7.25
N VAL B 72 16.75 -7.66 -6.06
CA VAL B 72 16.95 -8.63 -5.01
C VAL B 72 16.26 -9.93 -5.40
N LEU B 73 15.05 -9.83 -5.94
CA LEU B 73 14.33 -11.00 -6.43
C LEU B 73 15.07 -11.62 -7.61
N ALA B 74 15.52 -10.82 -8.58
CA ALA B 74 16.25 -11.37 -9.71
C ALA B 74 17.59 -11.98 -9.27
N PHE B 75 18.04 -11.69 -8.05
CA PHE B 75 19.31 -12.23 -7.61
C PHE B 75 19.04 -13.64 -7.11
N THR B 76 17.94 -13.78 -6.37
CA THR B 76 17.57 -15.06 -5.79
C THR B 76 17.23 -16.06 -6.91
N SER B 77 16.83 -15.54 -8.08
CA SER B 77 16.45 -16.40 -9.19
C SER B 77 17.47 -16.35 -10.34
N GLY B 78 18.58 -15.64 -10.18
CA GLY B 78 19.47 -15.44 -11.31
C GLY B 78 20.76 -16.25 -11.18
N TYR B 79 20.89 -16.94 -10.05
CA TYR B 79 22.12 -17.65 -9.75
C TYR B 79 21.73 -19.01 -9.15
N ASP B 80 22.36 -20.09 -9.65
CA ASP B 80 22.06 -21.45 -9.20
C ASP B 80 23.33 -22.06 -8.63
N HIS B 81 23.21 -22.74 -7.48
CA HIS B 81 24.36 -23.14 -6.69
C HIS B 81 24.96 -24.45 -7.20
N VAL B 82 25.67 -24.37 -8.32
CA VAL B 82 26.30 -25.55 -8.91
C VAL B 82 27.63 -25.83 -8.20
N GLY B 83 27.66 -26.90 -7.41
CA GLY B 83 28.84 -27.16 -6.60
C GLY B 83 28.94 -26.13 -5.48
N SER B 84 30.14 -25.60 -5.26
CA SER B 84 30.35 -24.57 -4.25
C SER B 84 30.08 -23.16 -4.79
N LEU B 85 29.98 -23.01 -6.12
CA LEU B 85 29.87 -21.70 -6.77
C LEU B 85 28.45 -21.43 -7.22
N TRP B 86 28.09 -20.16 -7.42
CA TRP B 86 26.78 -19.82 -7.95
C TRP B 86 26.94 -19.37 -9.39
N VAL B 87 26.19 -20.03 -10.29
CA VAL B 87 26.40 -19.80 -11.71
C VAL B 87 25.30 -18.85 -12.17
N PRO B 88 25.65 -17.82 -12.94
CA PRO B 88 24.66 -16.88 -13.45
C PRO B 88 23.76 -17.52 -14.50
N ASN B 89 22.44 -17.27 -14.38
CA ASN B 89 21.42 -17.71 -15.34
C ASN B 89 21.17 -16.58 -16.33
N SER B 90 19.99 -16.55 -16.95
CA SER B 90 19.59 -15.43 -17.80
C SER B 90 19.14 -14.22 -16.96
N GLU B 91 18.61 -14.50 -15.75
CA GLU B 91 18.08 -13.46 -14.88
C GLU B 91 19.21 -12.73 -14.15
N ALA B 92 20.47 -13.11 -14.39
CA ALA B 92 21.58 -12.43 -13.77
C ALA B 92 21.64 -10.97 -14.21
N ILE B 93 21.45 -10.70 -15.51
CA ILE B 93 21.52 -9.32 -15.99
C ILE B 93 20.44 -8.45 -15.32
N MET B 94 19.38 -9.08 -14.83
CA MET B 94 18.34 -8.37 -14.13
C MET B 94 18.78 -8.03 -12.72
N THR B 95 20.05 -8.24 -12.40
CA THR B 95 20.56 -7.84 -11.09
C THR B 95 21.41 -6.60 -11.24
N ILE B 96 21.54 -6.11 -12.48
CA ILE B 96 22.42 -4.99 -12.75
C ILE B 96 21.71 -3.97 -13.64
N ALA B 97 20.98 -4.45 -14.63
CA ALA B 97 20.34 -3.59 -15.62
C ALA B 97 19.28 -2.68 -15.03
N PRO B 98 18.43 -3.11 -14.08
CA PRO B 98 17.44 -2.22 -13.48
C PRO B 98 17.99 -0.93 -12.90
N ARG B 99 19.25 -0.93 -12.50
CA ARG B 99 19.88 0.27 -12.01
C ARG B 99 19.74 1.42 -13.00
N TYR B 100 19.93 1.15 -14.28
CA TYR B 100 19.93 2.21 -15.27
C TYR B 100 18.51 2.77 -15.48
N VAL B 101 17.51 1.93 -15.22
CA VAL B 101 16.17 2.43 -15.27
C VAL B 101 16.00 3.43 -14.15
N GLU B 102 16.36 3.00 -12.93
CA GLU B 102 16.32 3.86 -11.77
C GLU B 102 17.10 5.15 -12.00
N TRP B 103 18.34 5.07 -12.45
CA TRP B 103 19.14 6.27 -12.60
C TRP B 103 18.57 7.22 -13.65
N SER B 104 17.78 6.68 -14.57
CA SER B 104 17.24 7.49 -15.64
C SER B 104 16.16 8.42 -15.08
N ILE B 105 15.47 7.95 -14.03
CA ILE B 105 14.50 8.79 -13.35
C ILE B 105 15.21 9.64 -12.31
N ALA B 106 16.10 9.03 -11.53
CA ALA B 106 16.65 9.59 -10.31
C ALA B 106 17.61 10.73 -10.59
N VAL B 107 18.50 10.58 -11.55
CA VAL B 107 19.49 11.64 -11.75
C VAL B 107 18.80 12.92 -12.20
N PRO B 108 17.84 12.87 -13.15
CA PRO B 108 17.04 14.05 -13.48
C PRO B 108 16.30 14.62 -12.26
N LEU B 109 15.65 13.75 -11.48
CA LEU B 109 14.96 14.18 -10.28
C LEU B 109 15.91 14.80 -9.25
N LEU B 110 17.12 14.27 -9.09
CA LEU B 110 18.08 14.85 -8.16
C LEU B 110 18.45 16.24 -8.63
N SER B 111 18.48 16.47 -9.94
CA SER B 111 18.83 17.79 -10.44
C SER B 111 17.70 18.75 -10.09
N ILE B 112 16.47 18.27 -10.15
CA ILE B 112 15.32 19.09 -9.88
C ILE B 112 15.28 19.43 -8.41
N GLU B 113 15.51 18.43 -7.56
CA GLU B 113 15.59 18.62 -6.13
C GLU B 113 16.58 19.74 -5.77
N LEU B 114 17.72 19.78 -6.45
CA LEU B 114 18.72 20.76 -6.14
C LEU B 114 18.29 22.16 -6.58
N LEU B 115 17.65 22.28 -7.73
CA LEU B 115 17.30 23.58 -8.24
C LEU B 115 16.04 24.08 -7.53
N SER B 116 15.36 23.16 -6.85
CA SER B 116 14.17 23.47 -6.10
C SER B 116 14.46 24.51 -5.03
N VAL B 117 15.62 24.43 -4.39
CA VAL B 117 15.92 25.25 -3.26
C VAL B 117 16.85 26.38 -3.66
N ALA B 118 17.18 26.48 -4.94
CA ALA B 118 17.94 27.62 -5.45
C ALA B 118 17.00 28.78 -5.77
N THR B 119 17.57 29.96 -6.04
CA THR B 119 16.79 31.16 -6.30
C THR B 119 16.62 31.41 -7.80
N LEU B 120 16.01 30.46 -8.51
CA LEU B 120 15.56 30.66 -9.87
C LEU B 120 14.02 30.60 -9.87
N SER B 121 13.38 31.47 -10.66
CA SER B 121 11.92 31.54 -10.65
C SER B 121 11.36 31.86 -12.03
N GLY B 122 10.10 31.45 -12.25
CA GLY B 122 9.40 31.71 -13.49
C GLY B 122 9.89 30.79 -14.61
N VAL B 123 10.05 31.36 -15.82
CA VAL B 123 10.46 30.59 -16.98
C VAL B 123 11.97 30.33 -16.91
N SER B 124 12.70 31.12 -16.10
CA SER B 124 14.11 30.84 -15.83
C SER B 124 14.29 29.48 -15.14
N ALA B 125 13.35 29.18 -14.23
CA ALA B 125 13.28 27.90 -13.56
C ALA B 125 12.57 26.87 -14.43
N ARG B 126 12.69 27.03 -15.76
CA ARG B 126 12.11 26.10 -16.72
C ARG B 126 13.19 25.76 -17.74
N ARG B 127 13.87 26.77 -18.28
CA ARG B 127 14.95 26.50 -19.20
C ARG B 127 15.98 25.57 -18.54
N THR B 128 16.52 26.01 -17.40
CA THR B 128 17.56 25.28 -16.68
C THR B 128 17.02 23.90 -16.29
N ARG B 129 15.77 23.84 -15.84
CA ARG B 129 15.23 22.58 -15.40
C ARG B 129 15.15 21.58 -16.55
N LEU B 130 14.73 22.04 -17.73
CA LEU B 130 14.62 21.13 -18.86
C LEU B 130 16.01 20.72 -19.33
N ALA B 131 16.90 21.68 -19.41
CA ALA B 131 18.23 21.36 -19.90
C ALA B 131 18.90 20.33 -19.00
N ALA B 132 18.74 20.48 -17.69
CA ALA B 132 19.35 19.57 -16.74
C ALA B 132 18.70 18.20 -16.89
N VAL B 133 17.38 18.16 -16.86
CA VAL B 133 16.68 16.90 -17.02
C VAL B 133 17.11 16.19 -18.29
N ALA B 134 17.26 16.93 -19.38
CA ALA B 134 17.67 16.35 -20.65
C ALA B 134 19.04 15.75 -20.51
N GLY B 135 20.00 16.59 -20.08
CA GLY B 135 21.38 16.17 -19.91
C GLY B 135 21.48 14.93 -19.04
N ALA B 136 20.80 14.97 -17.91
CA ALA B 136 20.89 13.90 -16.94
C ALA B 136 20.40 12.61 -17.57
N PHE B 137 19.23 12.63 -18.22
CA PHE B 137 18.66 11.42 -18.79
C PHE B 137 19.56 10.92 -19.91
N LEU B 138 20.05 11.82 -20.74
CA LEU B 138 20.89 11.39 -21.84
C LEU B 138 22.19 10.75 -21.37
N MET B 139 22.72 11.23 -20.26
CA MET B 139 23.93 10.66 -19.70
C MET B 139 23.67 9.22 -19.25
N ILE B 140 22.55 8.95 -18.64
CA ILE B 140 22.28 7.61 -18.19
C ILE B 140 21.98 6.73 -19.38
N PHE B 141 21.28 7.27 -20.37
CA PHE B 141 20.75 6.46 -21.46
C PHE B 141 21.91 6.03 -22.36
N THR B 142 22.79 6.98 -22.68
CA THR B 142 24.00 6.64 -23.43
C THR B 142 24.83 5.60 -22.69
N GLY B 143 24.88 5.69 -21.37
CA GLY B 143 25.59 4.72 -20.58
C GLY B 143 24.97 3.34 -20.69
N PHE B 144 23.66 3.28 -20.55
CA PHE B 144 22.92 2.02 -20.71
C PHE B 144 23.19 1.41 -22.07
N LEU B 145 23.38 2.22 -23.11
CA LEU B 145 23.54 1.67 -24.43
C LEU B 145 24.86 0.91 -24.49
N GLY B 146 25.93 1.59 -24.07
CA GLY B 146 27.27 1.01 -24.04
C GLY B 146 27.35 -0.22 -23.14
N ALA B 147 26.65 -0.19 -22.02
CA ALA B 147 26.88 -1.16 -20.97
C ALA B 147 25.95 -2.36 -21.04
N VAL B 148 24.83 -2.24 -21.73
CA VAL B 148 23.84 -3.30 -21.72
C VAL B 148 23.38 -3.62 -23.12
N VAL B 149 23.31 -2.62 -24.01
CA VAL B 149 22.57 -2.81 -25.25
C VAL B 149 23.54 -3.07 -26.39
N ILE B 150 24.33 -2.07 -26.77
CA ILE B 150 25.14 -2.16 -27.97
C ILE B 150 26.44 -2.90 -27.69
N GLY B 151 26.46 -4.21 -27.99
CA GLY B 151 27.62 -5.03 -27.68
C GLY B 151 27.33 -6.08 -26.60
N ASP B 152 26.19 -5.93 -25.92
CA ASP B 152 25.78 -6.85 -24.87
C ASP B 152 26.60 -6.67 -23.59
N GLY B 153 27.25 -5.50 -23.43
CA GLY B 153 28.14 -5.27 -22.31
C GLY B 153 29.36 -6.19 -22.35
N ARG B 154 29.77 -6.59 -23.56
CA ARG B 154 30.91 -7.44 -23.76
C ARG B 154 31.86 -6.80 -24.76
N SER B 155 31.62 -5.55 -25.13
CA SER B 155 32.46 -4.91 -26.12
C SER B 155 33.19 -3.75 -25.49
N VAL B 156 34.52 -3.78 -25.49
CA VAL B 156 35.26 -2.70 -24.89
C VAL B 156 35.01 -1.42 -25.70
N GLY B 157 35.05 -1.52 -27.04
CA GLY B 157 34.96 -0.31 -27.83
C GLY B 157 33.60 0.38 -27.68
N SER B 158 32.55 -0.43 -27.54
CA SER B 158 31.23 0.12 -27.30
C SER B 158 31.20 0.78 -25.93
N LEU B 159 31.75 0.09 -24.91
CA LEU B 159 31.81 0.60 -23.55
C LEU B 159 32.60 1.90 -23.51
N ILE B 160 33.67 1.98 -24.30
CA ILE B 160 34.48 3.18 -24.29
C ILE B 160 33.80 4.33 -25.02
N ILE B 161 33.15 4.03 -26.15
CA ILE B 161 32.55 5.09 -26.94
C ILE B 161 31.37 5.68 -26.19
N TRP B 162 30.42 4.83 -25.82
CA TRP B 162 29.23 5.31 -25.17
C TRP B 162 29.55 5.89 -23.80
N GLY B 163 30.62 5.41 -23.16
CA GLY B 163 31.08 5.99 -21.92
C GLY B 163 31.52 7.43 -22.12
N ALA B 164 32.16 7.69 -23.25
CA ALA B 164 32.67 9.02 -23.52
C ALA B 164 31.52 9.97 -23.83
N ILE B 165 30.50 9.44 -24.47
CA ILE B 165 29.33 10.23 -24.79
C ILE B 165 28.68 10.58 -23.47
N SER B 166 28.50 9.57 -22.64
CA SER B 166 27.82 9.76 -21.39
C SER B 166 28.54 10.82 -20.55
N THR B 167 29.86 10.89 -20.70
CA THR B 167 30.68 11.80 -19.95
C THR B 167 30.51 13.22 -20.45
N VAL B 168 30.26 13.37 -21.73
CA VAL B 168 30.00 14.70 -22.26
C VAL B 168 28.73 15.26 -21.64
N PHE B 169 27.67 14.46 -21.65
CA PHE B 169 26.43 14.89 -21.06
C PHE B 169 26.58 15.17 -19.57
N TRP B 170 27.44 14.40 -18.88
CA TRP B 170 27.75 14.66 -17.49
C TRP B 170 28.26 16.09 -17.32
N ILE B 171 29.30 16.44 -18.06
CA ILE B 171 29.85 17.77 -17.99
C ILE B 171 28.80 18.83 -18.27
N ILE B 172 27.91 18.56 -19.21
CA ILE B 172 26.93 19.54 -19.60
C ILE B 172 25.97 19.77 -18.44
N THR B 173 25.38 18.69 -17.94
CA THR B 173 24.48 18.77 -16.81
C THR B 173 25.15 19.47 -15.62
N ALA B 174 26.38 19.06 -15.33
CA ALA B 174 27.10 19.58 -14.18
C ALA B 174 27.33 21.07 -14.32
N VAL B 175 27.71 21.52 -15.51
CA VAL B 175 27.90 22.94 -15.73
C VAL B 175 26.60 23.70 -15.56
N ILE B 176 25.54 23.23 -16.20
CA ILE B 176 24.25 23.87 -16.05
C ILE B 176 23.92 24.02 -14.57
N LEU B 177 23.95 22.93 -13.81
CA LEU B 177 23.60 22.98 -12.41
C LEU B 177 24.51 23.95 -11.69
N ILE B 178 25.81 23.83 -11.87
CA ILE B 178 26.73 24.61 -11.06
C ILE B 178 26.57 26.09 -11.37
N ARG B 179 26.29 26.42 -12.62
CA ARG B 179 26.09 27.79 -12.98
C ARG B 179 24.83 28.33 -12.30
N ALA B 180 23.81 27.47 -12.19
CA ALA B 180 22.56 27.88 -11.59
C ALA B 180 22.78 28.16 -10.11
N ILE B 181 23.50 27.26 -9.45
CA ILE B 181 23.76 27.40 -8.04
C ILE B 181 24.59 28.65 -7.84
N ARG B 182 25.62 28.85 -8.66
CA ARG B 182 26.54 29.94 -8.46
C ARG B 182 25.80 31.27 -8.58
N HIS B 183 24.71 31.29 -9.33
CA HIS B 183 23.88 32.48 -9.45
C HIS B 183 22.98 32.66 -8.24
N SER B 184 22.57 31.55 -7.62
CA SER B 184 21.66 31.59 -6.49
C SER B 184 22.40 31.98 -5.21
N LEU B 185 23.61 31.47 -5.03
CA LEU B 185 24.28 31.62 -3.75
C LEU B 185 24.26 33.08 -3.30
N PRO B 186 24.55 34.05 -4.18
CA PRO B 186 24.56 35.45 -3.79
C PRO B 186 23.22 35.97 -3.30
N GLN B 187 22.13 35.34 -3.74
CA GLN B 187 20.79 35.81 -3.47
C GLN B 187 20.15 35.07 -2.31
N LEU B 188 20.83 34.05 -1.78
CA LEU B 188 20.35 33.32 -0.62
C LEU B 188 20.88 34.01 0.62
N THR B 189 20.35 33.64 1.80
CA THR B 189 20.95 34.07 3.06
C THR B 189 22.22 33.26 3.29
N PRO B 190 23.22 33.81 4.02
CA PRO B 190 24.48 33.11 4.24
C PRO B 190 24.31 31.66 4.68
N GLU B 191 23.38 31.42 5.62
CA GLU B 191 23.23 30.10 6.22
C GLU B 191 22.71 29.12 5.17
N ALA B 192 21.78 29.58 4.34
CA ALA B 192 21.26 28.75 3.27
C ALA B 192 22.32 28.56 2.19
N ALA B 193 22.99 29.65 1.82
CA ALA B 193 23.95 29.60 0.74
C ALA B 193 25.02 28.59 1.09
N ALA B 194 25.43 28.56 2.35
CA ALA B 194 26.48 27.66 2.76
C ALA B 194 26.05 26.21 2.58
N LEU B 195 24.83 25.90 3.02
CA LEU B 195 24.34 24.55 2.89
C LEU B 195 24.18 24.16 1.44
N LEU B 196 23.84 25.13 0.58
CA LEU B 196 23.52 24.83 -0.81
C LEU B 196 24.81 24.56 -1.56
N LYS B 197 25.89 25.27 -1.18
CA LYS B 197 27.19 24.98 -1.73
C LYS B 197 27.59 23.54 -1.38
N THR B 198 27.50 23.22 -0.10
CA THR B 198 27.82 21.89 0.36
C THR B 198 27.03 20.86 -0.42
N ALA B 199 25.73 21.08 -0.57
CA ALA B 199 24.89 20.05 -1.16
C ALA B 199 25.25 19.87 -2.63
N THR B 200 25.64 20.96 -3.30
CA THR B 200 26.09 20.87 -4.68
C THR B 200 27.35 20.02 -4.79
N ILE B 201 28.30 20.25 -3.89
CA ILE B 201 29.52 19.47 -3.84
C ILE B 201 29.22 18.00 -3.58
N PHE B 202 28.31 17.73 -2.67
CA PHE B 202 28.00 16.37 -2.31
C PHE B 202 27.40 15.66 -3.51
N LEU B 203 26.50 16.31 -4.27
CA LEU B 203 25.80 15.64 -5.35
C LEU B 203 26.76 15.35 -6.48
N MET B 204 27.60 16.35 -6.78
CA MET B 204 28.51 16.21 -7.90
C MET B 204 29.53 15.14 -7.57
N SER B 205 29.99 15.15 -6.32
CA SER B 205 31.00 14.22 -5.86
C SER B 205 30.46 12.80 -5.84
N GLY B 206 29.19 12.68 -5.47
CA GLY B 206 28.55 11.38 -5.48
C GLY B 206 28.32 10.87 -6.88
N TRP B 207 28.15 11.79 -7.85
CA TRP B 207 27.93 11.38 -9.23
C TRP B 207 29.23 10.86 -9.84
N ALA B 208 30.36 11.09 -9.18
CA ALA B 208 31.64 10.70 -9.73
C ALA B 208 31.91 9.24 -9.45
N VAL B 209 31.19 8.68 -8.48
CA VAL B 209 31.46 7.33 -8.03
C VAL B 209 30.89 6.35 -9.04
N TYR B 210 29.75 6.71 -9.63
CA TYR B 210 29.05 5.80 -10.51
C TYR B 210 29.92 5.46 -11.71
N PRO B 211 30.52 6.43 -12.44
CA PRO B 211 31.45 6.12 -13.52
C PRO B 211 32.60 5.17 -13.15
N LEU B 212 32.92 4.98 -11.88
CA LEU B 212 33.96 4.02 -11.52
C LEU B 212 33.48 2.60 -11.70
N ALA B 213 32.22 2.33 -11.37
CA ALA B 213 31.66 1.00 -11.60
C ALA B 213 31.65 0.67 -13.08
N TYR B 214 31.59 1.71 -13.92
CA TYR B 214 31.64 1.55 -15.36
C TYR B 214 33.05 1.19 -15.80
N LEU B 215 34.07 1.86 -15.26
CA LEU B 215 35.43 1.56 -15.65
C LEU B 215 35.82 0.15 -15.22
N ILE B 216 35.25 -0.34 -14.14
CA ILE B 216 35.57 -1.68 -13.74
C ILE B 216 35.10 -2.61 -14.85
N GLN B 217 33.82 -2.50 -15.23
CA GLN B 217 33.26 -3.37 -16.24
C GLN B 217 34.16 -3.41 -17.48
N ILE B 218 34.72 -2.28 -17.87
CA ILE B 218 35.61 -2.27 -19.00
C ILE B 218 36.87 -3.06 -18.70
N LEU B 219 37.47 -2.84 -17.51
CA LEU B 219 38.85 -3.24 -17.24
C LEU B 219 38.97 -4.62 -16.60
N PHE B 220 38.05 -4.98 -15.70
CA PHE B 220 38.23 -6.18 -14.89
C PHE B 220 36.97 -7.03 -14.94
N ALA B 221 37.13 -8.33 -15.07
CA ALA B 221 35.97 -9.21 -14.96
C ALA B 221 36.29 -10.32 -13.97
N GLY B 222 35.26 -10.86 -13.34
CA GLY B 222 35.44 -11.79 -12.26
C GLY B 222 34.29 -11.70 -11.26
N GLY B 223 34.21 -12.67 -10.35
CA GLY B 223 33.22 -12.60 -9.28
C GLY B 223 33.59 -11.57 -8.23
N LEU B 224 34.88 -11.36 -8.01
CA LEU B 224 35.32 -10.31 -7.12
C LEU B 224 34.81 -8.98 -7.65
N TRP B 225 35.02 -8.76 -8.94
CA TRP B 225 34.71 -7.50 -9.60
C TRP B 225 33.21 -7.31 -9.76
N THR B 226 32.46 -8.38 -9.93
CA THR B 226 31.02 -8.23 -9.90
C THR B 226 30.57 -7.83 -8.50
N THR B 227 31.26 -8.33 -7.48
CA THR B 227 30.91 -8.02 -6.10
C THR B 227 31.28 -6.57 -5.82
N SER B 228 32.46 -6.17 -6.27
CA SER B 228 32.89 -4.81 -6.09
C SER B 228 31.89 -3.85 -6.68
N ILE B 229 31.40 -4.15 -7.88
CA ILE B 229 30.52 -3.23 -8.57
C ILE B 229 29.28 -3.09 -7.72
N HIS B 230 28.77 -4.18 -7.21
CA HIS B 230 27.51 -4.16 -6.49
C HIS B 230 27.69 -3.38 -5.20
N ILE B 231 28.84 -3.51 -4.58
CA ILE B 231 29.05 -2.87 -3.30
C ILE B 231 29.17 -1.39 -3.56
N ILE B 232 30.03 -1.01 -4.48
CA ILE B 232 30.21 0.39 -4.82
C ILE B 232 28.87 1.05 -5.13
N LEU B 233 28.08 0.45 -6.00
CA LEU B 233 26.88 1.13 -6.44
C LEU B 233 25.85 1.17 -5.32
N CYS B 234 25.77 0.12 -4.54
CA CYS B 234 24.84 0.07 -3.43
C CYS B 234 25.23 1.10 -2.38
N THR B 235 26.50 1.16 -2.08
CA THR B 235 26.95 2.10 -1.09
C THR B 235 26.68 3.51 -1.59
N ALA B 236 26.99 3.79 -2.84
CA ALA B 236 26.82 5.11 -3.38
C ALA B 236 25.35 5.53 -3.29
N ASP B 237 24.47 4.59 -3.58
CA ASP B 237 23.05 4.87 -3.52
C ASP B 237 22.63 5.26 -2.13
N ILE B 238 23.12 4.59 -1.10
CA ILE B 238 22.69 4.87 0.25
C ILE B 238 23.18 6.27 0.61
N VAL B 239 24.42 6.57 0.30
CA VAL B 239 25.00 7.83 0.69
C VAL B 239 24.35 8.98 -0.06
N VAL B 240 24.13 8.84 -1.34
CA VAL B 240 23.56 9.92 -2.11
C VAL B 240 22.07 10.02 -1.85
N LYS B 241 21.35 8.92 -1.86
CA LYS B 241 19.91 9.03 -1.75
C LYS B 241 19.45 9.18 -0.32
N LEU B 242 20.31 9.03 0.68
CA LEU B 242 19.92 9.35 2.04
C LEU B 242 20.59 10.64 2.49
N GLY B 243 21.89 10.75 2.26
CA GLY B 243 22.64 11.93 2.60
C GLY B 243 22.17 13.19 1.90
N PHE B 244 22.16 13.17 0.59
CA PHE B 244 21.87 14.38 -0.17
C PHE B 244 20.41 14.79 0.06
N CYS B 245 19.53 13.81 0.20
CA CYS B 245 18.10 14.10 0.25
C CYS B 245 17.74 14.64 1.64
N GLY B 246 18.56 14.31 2.64
CA GLY B 246 18.49 15.01 3.91
C GLY B 246 19.00 16.45 3.82
N LEU B 247 20.04 16.71 3.05
CA LEU B 247 20.58 18.04 2.96
C LEU B 247 19.60 19.00 2.30
N ILE B 248 18.88 18.51 1.31
CA ILE B 248 18.00 19.42 0.59
C ILE B 248 16.80 19.73 1.48
N HIS B 249 16.33 18.74 2.23
CA HIS B 249 15.27 18.97 3.17
C HIS B 249 15.65 20.02 4.23
N ARG B 250 16.90 20.06 4.66
CA ARG B 250 17.28 21.02 5.67
C ARG B 250 17.28 22.41 5.05
N ILE B 251 17.60 22.52 3.77
CA ILE B 251 17.68 23.82 3.14
C ILE B 251 16.27 24.29 2.86
N ALA B 252 15.39 23.37 2.52
CA ALA B 252 14.02 23.71 2.28
C ALA B 252 13.36 24.18 3.59
N LYS B 253 13.71 23.52 4.71
CA LYS B 253 13.18 23.89 6.00
C LYS B 253 13.70 25.25 6.41
N LEU B 254 14.97 25.45 6.17
CA LEU B 254 15.56 26.71 6.55
C LEU B 254 14.99 27.85 5.72
N ARG B 255 14.66 27.60 4.46
CA ARG B 255 14.13 28.63 3.58
C ARG B 255 12.68 28.88 3.96
N THR B 256 11.93 27.82 4.25
CA THR B 256 10.60 28.00 4.78
C THR B 256 10.60 28.88 6.00
N ALA B 257 11.45 28.59 6.97
CA ALA B 257 11.54 29.36 8.18
C ALA B 257 11.93 30.81 7.92
N GLU B 258 12.74 31.06 6.92
CA GLU B 258 13.15 32.42 6.65
C GLU B 258 11.96 33.18 6.10
N ASP B 259 11.12 32.48 5.32
CA ASP B 259 9.98 33.12 4.69
C ASP B 259 8.98 33.50 5.75
N VAL B 260 8.79 32.60 6.72
CA VAL B 260 7.88 32.80 7.83
C VAL B 260 8.31 34.01 8.61
N ARG B 261 9.58 34.13 8.89
CA ARG B 261 10.04 35.26 9.66
C ARG B 261 9.90 36.56 8.88
N ALA B 262 9.94 36.48 7.56
CA ALA B 262 9.94 37.68 6.74
C ALA B 262 8.51 38.12 6.39
N GLY B 263 7.54 37.23 6.61
CA GLY B 263 6.17 37.51 6.29
C GLY B 263 5.81 37.08 4.87
N VAL B 264 6.78 36.53 4.16
CA VAL B 264 6.53 36.04 2.83
C VAL B 264 5.48 34.92 2.87
N ASP B 265 5.41 34.15 3.95
CA ASP B 265 4.40 33.12 4.07
C ASP B 265 4.22 32.73 5.53
N ILE B 266 3.29 31.82 5.84
CA ILE B 266 3.04 31.38 7.20
C ILE B 266 3.12 29.88 7.19
N HIS B 267 3.50 29.23 8.30
CA HIS B 267 3.63 27.79 8.30
C HIS B 267 2.85 27.29 9.48
N THR B 268 2.20 26.15 9.32
CA THR B 268 1.28 25.68 10.35
C THR B 268 2.02 25.17 11.59
N GLU B 269 3.23 24.62 11.43
CA GLU B 269 3.95 24.08 12.56
C GLU B 269 5.26 24.83 12.70
N ALA B 270 5.87 24.79 13.89
CA ALA B 270 7.19 25.37 14.06
C ALA B 270 8.22 24.51 13.33
N ILE B 271 9.32 25.15 12.95
CA ILE B 271 10.38 24.47 12.24
C ILE B 271 11.54 24.37 13.18
N TRP B 272 12.03 23.13 13.36
CA TRP B 272 13.17 22.83 14.20
C TRP B 272 14.26 22.28 13.30
N ILE B 273 15.49 22.77 13.45
CA ILE B 273 16.59 22.19 12.71
C ILE B 273 17.74 22.00 13.68
N SER B 274 18.02 20.74 14.03
CA SER B 274 19.08 20.43 14.99
C SER B 274 18.60 20.77 16.40
N SER B 275 17.33 20.50 16.67
CA SER B 275 16.73 20.87 17.93
C SER B 275 16.90 22.36 18.24
N VAL B 276 16.96 23.20 17.22
CA VAL B 276 16.82 24.63 17.40
C VAL B 276 15.63 25.17 16.59
N LYS B 277 14.78 25.96 17.24
CA LYS B 277 13.55 26.44 16.62
C LYS B 277 13.94 27.55 15.68
N GLN B 278 13.47 27.46 14.44
CA GLN B 278 13.86 28.35 13.38
C GLN B 278 12.73 29.34 13.17
N SER B 279 11.49 28.88 13.33
CA SER B 279 10.30 29.69 13.12
C SER B 279 9.17 29.12 13.97
N ASP B 280 8.17 29.95 14.31
CA ASP B 280 7.02 29.52 15.10
C ASP B 280 5.86 29.13 14.18
N ALA B 281 4.88 28.39 14.71
CA ALA B 281 3.64 28.09 14.01
C ALA B 281 2.75 29.33 13.95
N GLY B 282 1.97 29.45 12.87
CA GLY B 282 1.12 30.60 12.61
C GLY B 282 -0.21 30.22 11.96
N ILE B 283 -1.21 31.09 12.09
CA ILE B 283 -2.54 30.84 11.54
C ILE B 283 -2.77 31.77 10.35
N PRO B 284 -3.38 31.26 9.25
CA PRO B 284 -3.64 32.07 8.05
C PRO B 284 -4.41 33.32 8.44
N THR B 285 -3.80 34.49 8.21
CA THR B 285 -4.42 35.76 8.56
C THR B 285 -5.04 35.67 9.97
N ASP C 3 37.90 -25.11 14.40
CA ASP C 3 37.17 -26.36 14.07
C ASP C 3 36.03 -26.02 13.11
N MET C 4 35.31 -27.05 12.67
CA MET C 4 34.18 -26.87 11.76
C MET C 4 32.90 -27.15 12.55
N ILE C 5 31.80 -26.48 12.17
CA ILE C 5 30.51 -26.72 12.78
C ILE C 5 29.45 -26.72 11.68
N SER C 6 28.20 -26.94 12.06
CA SER C 6 27.12 -26.94 11.08
C SER C 6 26.29 -25.67 11.24
N ALA C 7 26.04 -24.98 10.14
CA ALA C 7 25.31 -23.73 10.24
C ALA C 7 23.90 -24.01 10.73
N PRO C 8 23.30 -23.11 11.53
CA PRO C 8 21.94 -23.29 12.02
C PRO C 8 20.96 -23.73 10.93
N TRP C 9 21.17 -23.26 9.69
CA TRP C 9 20.25 -23.53 8.59
C TRP C 9 20.58 -24.86 7.91
N GLU C 10 21.48 -25.66 8.50
CA GLU C 10 21.84 -26.94 7.92
C GLU C 10 21.43 -28.10 8.83
N ALA C 11 20.27 -28.01 9.49
CA ALA C 11 19.81 -29.05 10.40
C ALA C 11 18.36 -29.36 10.12
N SER C 12 18.02 -30.66 10.13
CA SER C 12 16.67 -31.09 9.79
C SER C 12 15.76 -30.93 11.00
N LEU C 13 14.55 -30.46 10.72
CA LEU C 13 13.66 -30.07 11.78
C LEU C 13 12.58 -31.16 11.86
N THR C 14 12.22 -31.53 13.09
CA THR C 14 11.02 -32.32 13.32
C THR C 14 9.77 -31.49 13.07
N GLN C 15 8.61 -32.14 12.96
CA GLN C 15 7.39 -31.43 12.60
C GLN C 15 7.05 -30.40 13.70
N ALA C 16 7.34 -30.75 14.97
CA ALA C 16 7.21 -29.79 16.06
C ALA C 16 8.05 -28.55 15.81
N GLU C 17 9.35 -28.77 15.62
CA GLU C 17 10.30 -27.68 15.45
C GLU C 17 9.94 -26.86 14.22
N HIS C 18 9.49 -27.51 13.16
CA HIS C 18 9.08 -26.78 11.97
C HIS C 18 7.88 -25.89 12.30
N SER C 19 6.97 -26.41 13.12
CA SER C 19 5.74 -25.70 13.40
C SER C 19 6.04 -24.51 14.31
N LEU C 20 6.76 -24.77 15.42
CA LEU C 20 7.17 -23.69 16.30
C LEU C 20 7.86 -22.57 15.52
N ILE C 21 8.80 -22.90 14.65
CA ILE C 21 9.53 -21.86 13.97
C ILE C 21 8.59 -21.04 13.10
N PHE C 22 7.63 -21.68 12.45
CA PHE C 22 6.75 -20.94 11.56
C PHE C 22 5.87 -20.02 12.39
N TYR C 23 5.45 -20.52 13.55
CA TYR C 23 4.59 -19.74 14.41
C TYR C 23 5.31 -18.46 14.80
N PHE C 24 6.52 -18.62 15.39
CA PHE C 24 7.29 -17.49 15.86
C PHE C 24 7.66 -16.55 14.74
N LEU C 25 8.02 -17.06 13.60
CA LEU C 25 8.36 -16.16 12.54
C LEU C 25 7.16 -15.30 12.19
N ALA C 26 6.00 -15.93 12.09
CA ALA C 26 4.78 -15.29 11.65
C ALA C 26 4.24 -14.38 12.75
N LEU C 27 4.39 -14.82 14.00
CA LEU C 27 3.99 -13.99 15.10
C LEU C 27 4.79 -12.69 15.11
N THR C 28 6.11 -12.79 14.93
CA THR C 28 6.96 -11.63 14.98
C THR C 28 6.65 -10.73 13.80
N GLY C 29 6.47 -11.28 12.62
CA GLY C 29 6.14 -10.43 11.50
C GLY C 29 4.82 -9.71 11.69
N SER C 30 3.85 -10.38 12.33
CA SER C 30 2.55 -9.80 12.56
C SER C 30 2.68 -8.68 13.58
N ALA C 31 3.39 -8.94 14.67
CA ALA C 31 3.52 -7.95 15.70
C ALA C 31 4.20 -6.70 15.15
N LEU C 32 5.13 -6.85 14.22
CA LEU C 32 5.86 -5.70 13.72
C LEU C 32 4.97 -4.93 12.77
N LEU C 33 4.03 -5.61 12.14
CA LEU C 33 3.10 -4.90 11.29
C LEU C 33 2.09 -4.12 12.13
N PHE C 34 1.74 -4.65 13.30
CA PHE C 34 0.94 -3.91 14.23
C PHE C 34 1.70 -2.66 14.66
N GLY C 35 2.97 -2.84 15.04
CA GLY C 35 3.81 -1.75 15.46
C GLY C 35 3.90 -0.66 14.38
N LEU C 36 3.93 -1.06 13.12
CA LEU C 36 4.03 -0.07 12.08
C LEU C 36 2.75 0.77 12.05
N ALA C 37 1.61 0.10 12.13
CA ALA C 37 0.35 0.80 12.18
C ALA C 37 0.32 1.74 13.37
N ARG C 38 0.70 1.24 14.55
CA ARG C 38 0.66 2.04 15.76
C ARG C 38 1.50 3.31 15.58
N THR C 39 2.61 3.18 14.86
CA THR C 39 3.54 4.28 14.70
C THR C 39 2.91 5.36 13.86
N TRP C 40 2.22 4.96 12.81
CA TRP C 40 1.60 5.90 11.92
C TRP C 40 0.38 6.52 12.58
N LEU C 41 -0.33 5.74 13.39
CA LEU C 41 -1.57 6.22 13.95
C LEU C 41 -1.30 7.18 15.10
N THR C 42 -0.09 7.19 15.62
CA THR C 42 0.15 7.98 16.82
C THR C 42 1.23 9.00 16.53
N ARG C 43 1.58 9.19 15.25
CA ARG C 43 2.66 10.08 14.86
C ARG C 43 2.35 11.53 15.20
N GLY C 44 1.08 11.91 15.39
CA GLY C 44 0.78 13.29 15.66
C GLY C 44 0.63 13.62 17.13
N GLU C 45 1.08 12.72 18.00
CA GLU C 45 0.99 12.93 19.43
C GLU C 45 2.25 13.64 19.89
N VAL C 46 3.22 13.71 19.01
CA VAL C 46 4.55 14.20 19.35
C VAL C 46 4.77 15.49 18.59
N GLY C 47 5.52 16.42 19.20
CA GLY C 47 5.89 17.65 18.55
C GLY C 47 6.88 17.43 17.40
N ALA C 48 7.08 18.47 16.59
CA ALA C 48 8.02 18.45 15.49
C ALA C 48 9.45 18.47 16.03
N ARG C 49 9.67 18.97 17.24
CA ARG C 49 10.98 18.92 17.83
C ARG C 49 11.41 17.48 18.06
N TYR C 50 10.47 16.50 18.09
CA TYR C 50 10.81 15.12 18.39
C TYR C 50 10.37 14.20 17.26
N ARG C 51 10.16 14.73 16.05
CA ARG C 51 9.66 13.91 14.97
C ARG C 51 10.68 12.87 14.51
N THR C 52 11.95 13.02 14.90
CA THR C 52 12.96 12.05 14.52
C THR C 52 12.67 10.70 15.14
N ALA C 53 12.08 10.71 16.33
CA ALA C 53 11.71 9.48 16.98
C ALA C 53 10.70 8.69 16.15
N VAL C 54 9.74 9.38 15.56
CA VAL C 54 8.73 8.73 14.75
C VAL C 54 9.36 8.20 13.47
N VAL C 55 10.32 8.95 12.95
CA VAL C 55 10.95 8.61 11.69
C VAL C 55 11.77 7.35 11.93
N ALA C 56 12.55 7.34 13.00
CA ALA C 56 13.36 6.17 13.29
C ALA C 56 12.46 4.95 13.48
N ARG C 57 11.49 5.08 14.37
CA ARG C 57 10.59 3.98 14.68
C ARG C 57 9.86 3.48 13.44
N SER C 58 9.46 4.36 12.55
CA SER C 58 8.82 3.94 11.32
C SER C 58 9.76 3.11 10.46
N GLY C 59 11.03 3.48 10.42
CA GLY C 59 11.99 2.77 9.61
C GLY C 59 12.25 1.39 10.18
N ILE C 60 12.48 1.35 11.49
CA ILE C 60 12.61 0.08 12.19
C ILE C 60 11.45 -0.83 11.85
N MET C 61 10.22 -0.37 11.99
CA MET C 61 9.08 -1.25 11.85
C MET C 61 9.00 -1.70 10.41
N ILE C 62 9.30 -0.83 9.45
CA ILE C 62 9.13 -1.21 8.05
C ILE C 62 10.16 -2.27 7.69
N VAL C 63 11.43 -1.99 7.97
CA VAL C 63 12.45 -2.91 7.54
C VAL C 63 12.24 -4.25 8.23
N ALA C 64 11.93 -4.23 9.52
CA ALA C 64 11.80 -5.47 10.26
C ALA C 64 10.62 -6.26 9.73
N THR C 65 9.57 -5.58 9.29
CA THR C 65 8.40 -6.29 8.81
C THR C 65 8.73 -6.99 7.50
N LEU C 66 9.50 -6.32 6.64
CA LEU C 66 9.90 -6.92 5.39
C LEU C 66 10.78 -8.13 5.67
N SER C 67 11.79 -7.91 6.49
CA SER C 67 12.66 -8.99 6.87
C SER C 67 11.85 -10.25 7.21
N TYR C 68 10.81 -10.12 8.02
CA TYR C 68 10.15 -11.29 8.56
C TYR C 68 9.27 -11.86 7.47
N VAL C 69 8.73 -11.02 6.61
CA VAL C 69 7.92 -11.53 5.52
C VAL C 69 8.80 -12.40 4.64
N PHE C 70 9.93 -11.85 4.22
CA PHE C 70 10.89 -12.58 3.43
C PHE C 70 11.18 -13.93 4.10
N MET C 71 11.47 -13.89 5.41
CA MET C 71 11.93 -15.07 6.12
C MET C 71 10.81 -16.09 6.19
N VAL C 72 9.58 -15.62 6.37
CA VAL C 72 8.45 -16.54 6.49
C VAL C 72 8.26 -17.25 5.15
N LEU C 73 8.34 -16.50 4.06
CA LEU C 73 8.25 -17.09 2.73
C LEU C 73 9.43 -18.02 2.48
N ALA C 74 10.65 -17.61 2.80
CA ALA C 74 11.79 -18.49 2.59
C ALA C 74 11.71 -19.73 3.48
N PHE C 75 10.85 -19.72 4.50
CA PHE C 75 10.75 -20.86 5.39
C PHE C 75 9.85 -21.88 4.71
N THR C 76 8.76 -21.38 4.12
CA THR C 76 7.79 -22.23 3.46
C THR C 76 8.45 -22.92 2.25
N SER C 77 9.49 -22.29 1.70
CA SER C 77 10.13 -22.81 0.51
C SER C 77 11.55 -23.33 0.80
N GLY C 78 11.97 -23.34 2.05
CA GLY C 78 13.37 -23.68 2.33
C GLY C 78 13.52 -25.02 3.02
N TYR C 79 12.38 -25.67 3.27
CA TYR C 79 12.38 -26.94 3.96
C TYR C 79 11.36 -27.83 3.25
N ASP C 80 11.74 -29.08 2.99
CA ASP C 80 10.89 -30.04 2.28
C ASP C 80 10.70 -31.25 3.18
N HIS C 81 9.46 -31.76 3.24
CA HIS C 81 9.07 -32.73 4.26
C HIS C 81 9.45 -34.15 3.84
N VAL C 82 10.75 -34.45 3.86
CA VAL C 82 11.25 -35.75 3.46
C VAL C 82 11.16 -36.68 4.66
N GLY C 83 10.23 -37.64 4.60
CA GLY C 83 9.96 -38.46 5.77
C GLY C 83 9.20 -37.65 6.81
N SER C 84 9.45 -37.94 8.09
CA SER C 84 8.85 -37.20 9.19
C SER C 84 9.54 -35.83 9.37
N LEU C 85 10.84 -35.78 9.04
CA LEU C 85 11.65 -34.59 9.25
C LEU C 85 11.48 -33.61 8.09
N TRP C 86 11.81 -32.33 8.32
CA TRP C 86 11.88 -31.36 7.24
C TRP C 86 13.34 -31.08 6.94
N VAL C 87 13.72 -31.23 5.66
CA VAL C 87 15.12 -31.15 5.31
C VAL C 87 15.36 -29.76 4.75
N PRO C 88 16.45 -29.10 5.18
CA PRO C 88 16.76 -27.78 4.66
C PRO C 88 17.21 -27.83 3.21
N ASN C 89 16.71 -26.88 2.40
CA ASN C 89 17.13 -26.68 1.02
C ASN C 89 18.33 -25.72 1.01
N SER C 90 18.61 -25.11 -0.14
CA SER C 90 19.69 -24.13 -0.19
C SER C 90 19.22 -22.77 0.34
N GLU C 91 17.90 -22.51 0.28
CA GLU C 91 17.35 -21.23 0.71
C GLU C 91 16.85 -21.30 2.16
N ALA C 92 17.28 -22.33 2.89
CA ALA C 92 17.16 -22.34 4.34
C ALA C 92 17.91 -21.15 4.95
N ILE C 93 19.10 -20.82 4.43
CA ILE C 93 19.87 -19.70 4.94
C ILE C 93 19.09 -18.39 4.81
N MET C 94 18.13 -18.32 3.89
CA MET C 94 17.30 -17.16 3.74
C MET C 94 16.24 -17.10 4.84
N THR C 95 16.33 -18.00 5.82
CA THR C 95 15.41 -17.92 6.96
C THR C 95 16.13 -17.33 8.16
N ILE C 96 17.41 -17.02 7.99
CA ILE C 96 18.23 -16.55 9.08
C ILE C 96 19.03 -15.32 8.68
N ALA C 97 19.56 -15.31 7.47
CA ALA C 97 20.44 -14.27 6.98
C ALA C 97 19.76 -12.90 6.90
N PRO C 98 18.49 -12.78 6.45
CA PRO C 98 17.84 -11.48 6.40
C PRO C 98 17.82 -10.71 7.72
N ARG C 99 17.88 -11.41 8.84
CA ARG C 99 17.95 -10.73 10.12
C ARG C 99 19.08 -9.71 10.14
N TYR C 100 20.24 -10.06 9.62
CA TYR C 100 21.40 -9.17 9.71
C TYR C 100 21.21 -7.94 8.82
N VAL C 101 20.43 -8.08 7.77
CA VAL C 101 20.12 -6.94 6.95
C VAL C 101 19.28 -6.00 7.80
N GLU C 102 18.21 -6.54 8.37
CA GLU C 102 17.35 -5.79 9.26
C GLU C 102 18.13 -5.13 10.39
N TRP C 103 18.95 -5.88 11.11
CA TRP C 103 19.67 -5.31 12.23
C TRP C 103 20.64 -4.21 11.82
N SER C 104 21.08 -4.25 10.57
CA SER C 104 22.04 -3.27 10.10
C SER C 104 21.36 -1.91 9.98
N ILE C 105 20.06 -1.91 9.67
CA ILE C 105 19.31 -0.68 9.62
C ILE C 105 18.81 -0.33 11.02
N ALA C 106 18.29 -1.33 11.73
CA ALA C 106 17.51 -1.15 12.95
C ALA C 106 18.38 -0.71 14.11
N VAL C 107 19.52 -1.34 14.31
CA VAL C 107 20.30 -0.99 15.49
C VAL C 107 20.77 0.46 15.40
N PRO C 108 21.27 0.93 14.25
CA PRO C 108 21.58 2.36 14.10
C PRO C 108 20.35 3.24 14.33
N LEU C 109 19.21 2.87 13.73
CA LEU C 109 17.98 3.62 13.93
C LEU C 109 17.53 3.62 15.40
N LEU C 110 17.70 2.53 16.12
CA LEU C 110 17.33 2.50 17.53
C LEU C 110 18.22 3.45 18.30
N SER C 111 19.46 3.62 17.88
CA SER C 111 20.35 4.53 18.57
C SER C 111 19.87 5.95 18.34
N ILE C 112 19.38 6.22 17.14
CA ILE C 112 18.92 7.54 16.79
C ILE C 112 17.65 7.85 17.55
N GLU C 113 16.73 6.90 17.61
CA GLU C 113 15.50 7.02 18.38
C GLU C 113 15.81 7.41 19.82
N LEU C 114 16.84 6.84 20.41
CA LEU C 114 17.15 7.11 21.80
C LEU C 114 17.73 8.51 21.96
N LEU C 115 18.56 8.95 21.05
CA LEU C 115 19.21 10.23 21.20
C LEU C 115 18.25 11.34 20.79
N SER C 116 17.17 10.95 20.11
CA SER C 116 16.14 11.86 19.69
C SER C 116 15.52 12.58 20.87
N VAL C 117 15.34 11.88 21.98
CA VAL C 117 14.62 12.41 23.10
C VAL C 117 15.59 12.82 24.18
N ALA C 118 16.89 12.74 23.93
CA ALA C 118 17.88 13.27 24.86
C ALA C 118 18.11 14.76 24.58
N THR C 119 18.85 15.44 25.46
CA THR C 119 19.11 16.87 25.33
C THR C 119 20.47 17.14 24.66
N LEU C 120 20.63 16.68 23.43
CA LEU C 120 21.79 17.02 22.62
C LEU C 120 21.30 17.83 21.42
N SER C 121 22.02 18.90 21.03
CA SER C 121 21.49 19.78 20.00
C SER C 121 22.60 20.36 19.13
N GLY C 122 22.22 20.69 17.88
CA GLY C 122 23.13 21.27 16.92
C GLY C 122 24.09 20.23 16.34
N VAL C 123 25.36 20.64 16.18
CA VAL C 123 26.39 19.79 15.60
C VAL C 123 26.84 18.77 16.65
N SER C 124 26.62 19.06 17.94
CA SER C 124 26.90 18.13 19.01
C SER C 124 26.05 16.85 18.86
N ALA C 125 24.80 17.05 18.45
CA ALA C 125 23.90 15.94 18.19
C ALA C 125 24.45 15.09 17.03
N ARG C 126 25.04 15.77 16.05
CA ARG C 126 25.49 15.19 14.80
C ARG C 126 26.69 14.26 15.06
N ARG C 127 27.65 14.75 15.83
CA ARG C 127 28.82 13.96 16.11
C ARG C 127 28.43 12.63 16.73
N THR C 128 27.70 12.69 17.85
CA THR C 128 27.29 11.50 18.59
C THR C 128 26.43 10.62 17.68
N ARG C 129 25.54 11.23 16.91
CA ARG C 129 24.69 10.42 16.05
C ARG C 129 25.48 9.65 15.01
N LEU C 130 26.50 10.27 14.41
CA LEU C 130 27.29 9.58 13.41
C LEU C 130 28.10 8.47 14.06
N ALA C 131 28.72 8.79 15.20
CA ALA C 131 29.54 7.80 15.84
C ALA C 131 28.73 6.56 16.22
N ALA C 132 27.53 6.79 16.74
CA ALA C 132 26.67 5.69 17.16
C ALA C 132 26.25 4.90 15.93
N VAL C 133 25.75 5.58 14.91
CA VAL C 133 25.33 4.90 13.71
C VAL C 133 26.47 4.06 13.14
N ALA C 134 27.69 4.61 13.14
CA ALA C 134 28.83 3.89 12.63
C ALA C 134 29.05 2.63 13.45
N GLY C 135 29.20 2.81 14.77
CA GLY C 135 29.43 1.71 15.69
C GLY C 135 28.37 0.62 15.52
N ALA C 136 27.12 1.04 15.51
CA ALA C 136 26.02 0.10 15.46
C ALA C 136 26.11 -0.73 14.19
N PHE C 137 26.30 -0.07 13.03
CA PHE C 137 26.33 -0.77 11.76
C PHE C 137 27.53 -1.71 11.72
N LEU C 138 28.67 -1.22 12.18
CA LEU C 138 29.86 -2.04 12.13
C LEU C 138 29.75 -3.28 13.00
N MET C 139 29.05 -3.17 14.12
CA MET C 139 28.83 -4.31 15.00
C MET C 139 27.99 -5.37 14.29
N ILE C 140 26.97 -4.96 13.56
CA ILE C 140 26.16 -5.94 12.89
C ILE C 140 26.91 -6.53 11.71
N PHE C 141 27.69 -5.70 11.03
CA PHE C 141 28.29 -6.10 9.77
C PHE C 141 29.41 -7.09 10.06
N THR C 142 30.25 -6.78 11.05
CA THR C 142 31.27 -7.72 11.47
C THR C 142 30.64 -9.05 11.91
N GLY C 143 29.49 -8.99 12.56
CA GLY C 143 28.80 -10.19 12.96
C GLY C 143 28.35 -11.00 11.77
N PHE C 144 27.74 -10.34 10.81
CA PHE C 144 27.32 -10.99 9.57
C PHE C 144 28.49 -11.67 8.89
N LEU C 145 29.70 -11.09 8.98
CA LEU C 145 30.82 -11.65 8.26
C LEU C 145 31.15 -13.00 8.87
N GLY C 146 31.33 -13.01 10.19
CA GLY C 146 31.63 -14.21 10.94
C GLY C 146 30.56 -15.29 10.80
N ALA C 147 29.30 -14.89 10.73
CA ALA C 147 28.21 -15.82 10.90
C ALA C 147 27.65 -16.32 9.59
N VAL C 148 27.90 -15.61 8.49
CA VAL C 148 27.27 -15.96 7.22
C VAL C 148 28.30 -15.99 6.11
N VAL C 149 29.33 -15.12 6.17
CA VAL C 149 30.14 -14.89 4.98
C VAL C 149 31.44 -15.66 5.11
N ILE C 150 32.31 -15.24 6.03
CA ILE C 150 33.65 -15.77 6.09
C ILE C 150 33.68 -17.10 6.83
N GLY C 151 33.64 -18.21 6.09
CA GLY C 151 33.56 -19.52 6.71
C GLY C 151 32.25 -20.23 6.41
N ASP C 152 31.26 -19.49 5.92
CA ASP C 152 29.95 -20.04 5.58
C ASP C 152 29.12 -20.33 6.83
N GLY C 153 29.47 -19.70 7.97
CA GLY C 153 28.82 -19.99 9.23
C GLY C 153 29.10 -21.41 9.70
N ARG C 154 30.26 -21.94 9.32
CA ARG C 154 30.64 -23.29 9.69
C ARG C 154 32.03 -23.26 10.30
N SER C 155 32.60 -22.09 10.56
CA SER C 155 33.94 -22.04 11.10
C SER C 155 33.92 -21.47 12.51
N VAL C 156 34.39 -22.23 13.48
CA VAL C 156 34.38 -21.72 14.84
C VAL C 156 35.32 -20.51 14.92
N GLY C 157 36.50 -20.61 14.34
CA GLY C 157 37.48 -19.55 14.52
C GLY C 157 37.01 -18.24 13.88
N SER C 158 36.32 -18.35 12.75
CA SER C 158 35.77 -17.17 12.12
C SER C 158 34.66 -16.60 13.01
N LEU C 159 33.78 -17.46 13.52
CA LEU C 159 32.70 -17.07 14.40
C LEU C 159 33.26 -16.40 15.65
N ILE C 160 34.36 -16.91 16.17
CA ILE C 160 34.92 -16.36 17.38
C ILE C 160 35.62 -15.03 17.10
N ILE C 161 36.34 -14.94 16.00
CA ILE C 161 37.10 -13.73 15.73
C ILE C 161 36.14 -12.58 15.43
N TRP C 162 35.27 -12.77 14.45
CA TRP C 162 34.37 -11.72 14.07
C TRP C 162 33.38 -11.40 15.18
N GLY C 163 33.07 -12.38 16.02
CA GLY C 163 32.24 -12.13 17.18
C GLY C 163 32.93 -11.17 18.14
N ALA C 164 34.24 -11.30 18.27
CA ALA C 164 34.99 -10.47 19.19
C ALA C 164 35.08 -9.05 18.66
N ILE C 165 35.18 -8.94 17.35
CA ILE C 165 35.25 -7.65 16.71
C ILE C 165 33.89 -6.98 16.94
N SER C 166 32.84 -7.73 16.67
CA SER C 166 31.52 -7.19 16.78
C SER C 166 31.26 -6.70 18.21
N THR C 167 31.89 -7.37 19.18
CA THR C 167 31.70 -7.05 20.58
C THR C 167 32.44 -5.77 20.92
N VAL C 168 33.56 -5.50 20.26
CA VAL C 168 34.26 -4.25 20.51
C VAL C 168 33.37 -3.09 20.07
N PHE C 169 32.81 -3.18 18.87
CA PHE C 169 31.95 -2.13 18.38
C PHE C 169 30.73 -1.97 19.28
N TRP C 170 30.22 -3.07 19.84
CA TRP C 170 29.12 -3.02 20.80
C TRP C 170 29.50 -2.10 21.97
N ILE C 171 30.62 -2.39 22.60
CA ILE C 171 31.08 -1.58 23.72
C ILE C 171 31.22 -0.11 23.31
N ILE C 172 31.68 0.15 22.11
CA ILE C 172 31.91 1.50 21.67
C ILE C 172 30.57 2.22 21.56
N THR C 173 29.66 1.64 20.79
CA THR C 173 28.34 2.22 20.63
C THR C 173 27.68 2.44 21.99
N ALA C 174 27.75 1.42 22.84
CA ALA C 174 27.09 1.48 24.14
C ALA C 174 27.65 2.60 24.99
N VAL C 175 28.97 2.75 24.99
CA VAL C 175 29.58 3.84 25.74
C VAL C 175 29.14 5.19 25.20
N ILE C 176 29.24 5.37 23.89
CA ILE C 176 28.80 6.61 23.28
C ILE C 176 27.39 6.93 23.74
N LEU C 177 26.44 6.00 23.55
CA LEU C 177 25.06 6.25 23.91
C LEU C 177 24.97 6.57 25.39
N ILE C 178 25.57 5.76 26.24
CA ILE C 178 25.35 5.91 27.67
C ILE C 178 25.92 7.24 28.15
N ARG C 179 27.03 7.66 27.55
CA ARG C 179 27.62 8.91 27.92
C ARG C 179 26.69 10.05 27.51
N ALA C 180 26.02 9.90 26.38
CA ALA C 180 25.13 10.93 25.88
C ALA C 180 23.94 11.05 26.81
N ILE C 181 23.38 9.91 27.20
CA ILE C 181 22.23 9.91 28.06
C ILE C 181 22.65 10.50 29.39
N ARG C 182 23.79 10.10 29.91
CA ARG C 182 24.20 10.52 31.24
C ARG C 182 24.37 12.03 31.28
N HIS C 183 24.67 12.64 30.13
CA HIS C 183 24.77 14.08 30.05
C HIS C 183 23.39 14.73 29.97
N SER C 184 22.42 14.03 29.37
CA SER C 184 21.09 14.57 29.19
C SER C 184 20.29 14.51 30.48
N LEU C 185 20.44 13.44 31.24
CA LEU C 185 19.56 13.20 32.36
C LEU C 185 19.49 14.43 33.26
N PRO C 186 20.62 15.07 33.58
CA PRO C 186 20.60 16.26 34.43
C PRO C 186 19.81 17.43 33.88
N GLN C 187 19.69 17.49 32.56
CA GLN C 187 19.08 18.62 31.88
C GLN C 187 17.62 18.34 31.52
N LEU C 188 17.13 17.14 31.80
CA LEU C 188 15.74 16.79 31.57
C LEU C 188 14.97 17.09 32.85
N THR C 189 13.63 17.08 32.75
CA THR C 189 12.79 17.12 33.95
C THR C 189 12.84 15.75 34.61
N PRO C 190 12.65 15.68 35.95
CA PRO C 190 12.74 14.40 36.65
C PRO C 190 11.94 13.27 36.00
N GLU C 191 10.71 13.59 35.58
CA GLU C 191 9.80 12.57 35.08
C GLU C 191 10.34 12.03 33.75
N ALA C 192 10.86 12.91 32.92
CA ALA C 192 11.44 12.49 31.66
C ALA C 192 12.75 11.75 31.91
N ALA C 193 13.58 12.30 32.79
CA ALA C 193 14.89 11.71 33.05
C ALA C 193 14.70 10.28 33.51
N ALA C 194 13.70 10.05 34.34
CA ALA C 194 13.50 8.72 34.88
C ALA C 194 13.15 7.74 33.75
N LEU C 195 12.26 8.16 32.87
CA LEU C 195 11.87 7.29 31.78
C LEU C 195 13.04 7.04 30.84
N LEU C 196 13.92 8.03 30.69
CA LEU C 196 14.99 7.94 29.72
C LEU C 196 16.07 7.01 30.23
N LYS C 197 16.27 7.01 31.56
CA LYS C 197 17.16 6.05 32.18
C LYS C 197 16.64 4.63 31.93
N THR C 198 15.38 4.43 32.24
CA THR C 198 14.76 3.14 32.03
C THR C 198 14.93 2.70 30.58
N ALA C 199 14.66 3.59 29.64
CA ALA C 199 14.65 3.19 28.24
C ALA C 199 16.07 2.83 27.81
N THR C 200 17.07 3.52 28.35
CA THR C 200 18.45 3.19 28.06
C THR C 200 18.79 1.79 28.55
N ILE C 201 18.38 1.47 29.77
CA ILE C 201 18.58 0.15 30.34
C ILE C 201 17.88 -0.92 29.50
N PHE C 202 16.67 -0.63 29.06
CA PHE C 202 15.91 -1.60 28.31
C PHE C 202 16.61 -1.89 27.00
N LEU C 203 17.13 -0.85 26.32
CA LEU C 203 17.70 -1.04 24.99
C LEU C 203 19.00 -1.81 25.10
N MET C 204 19.81 -1.44 26.09
CA MET C 204 21.11 -2.06 26.23
C MET C 204 20.91 -3.51 26.62
N SER C 205 19.95 -3.75 27.51
CA SER C 205 19.66 -5.07 28.02
C SER C 205 19.12 -5.97 26.92
N GLY C 206 18.31 -5.38 26.05
CA GLY C 206 17.78 -6.12 24.94
C GLY C 206 18.84 -6.43 23.91
N TRP C 207 19.88 -5.58 23.81
CA TRP C 207 20.95 -5.81 22.86
C TRP C 207 21.84 -6.95 23.32
N ALA C 208 21.68 -7.39 24.58
CA ALA C 208 22.55 -8.41 25.12
C ALA C 208 22.04 -9.79 24.74
N VAL C 209 20.78 -9.85 24.31
CA VAL C 209 20.13 -11.12 24.06
C VAL C 209 20.62 -11.63 22.71
N TYR C 210 20.84 -10.71 21.77
CA TYR C 210 21.16 -11.11 20.42
C TYR C 210 22.48 -11.87 20.39
N PRO C 211 23.58 -11.38 21.01
CA PRO C 211 24.82 -12.17 21.11
C PRO C 211 24.66 -13.60 21.67
N LEU C 212 23.58 -13.91 22.37
CA LEU C 212 23.38 -15.28 22.84
C LEU C 212 23.04 -16.21 21.69
N ALA C 213 22.24 -15.75 20.74
CA ALA C 213 21.93 -16.56 19.59
C ALA C 213 23.19 -16.84 18.77
N TYR C 214 24.16 -15.94 18.87
CA TYR C 214 25.45 -16.13 18.23
C TYR C 214 26.26 -17.20 18.94
N LEU C 215 26.28 -17.19 20.27
CA LEU C 215 27.05 -18.19 21.00
C LEU C 215 26.46 -19.58 20.78
N ILE C 216 25.16 -19.66 20.57
CA ILE C 216 24.59 -20.96 20.33
C ILE C 216 25.21 -21.48 19.04
N GLN C 217 25.12 -20.71 17.97
CA GLN C 217 25.63 -21.15 16.68
C GLN C 217 27.08 -21.68 16.82
N ILE C 218 27.88 -21.03 17.62
CA ILE C 218 29.24 -21.50 17.83
C ILE C 218 29.21 -22.86 18.54
N LEU C 219 28.39 -23.00 19.59
CA LEU C 219 28.54 -24.09 20.56
C LEU C 219 27.69 -25.31 20.22
N PHE C 220 26.46 -25.11 19.74
CA PHE C 220 25.51 -26.21 19.63
C PHE C 220 24.90 -26.24 18.24
N ALA C 221 24.77 -27.42 17.65
CA ALA C 221 24.05 -27.52 16.40
C ALA C 221 23.00 -28.62 16.53
N GLY C 222 21.93 -28.50 15.74
CA GLY C 222 20.80 -29.38 15.88
C GLY C 222 19.50 -28.66 15.48
N GLY C 223 18.43 -29.42 15.34
CA GLY C 223 17.13 -28.83 15.08
C GLY C 223 16.56 -28.14 16.32
N LEU C 224 16.87 -28.67 17.50
CA LEU C 224 16.46 -28.02 18.72
C LEU C 224 17.08 -26.64 18.77
N TRP C 225 18.39 -26.58 18.48
CA TRP C 225 19.16 -25.35 18.58
C TRP C 225 18.82 -24.38 17.47
N THR C 226 18.47 -24.87 16.31
CA THR C 226 17.97 -23.96 15.30
C THR C 226 16.63 -23.36 15.74
N THR C 227 15.82 -24.15 16.46
CA THR C 227 14.54 -23.69 16.93
C THR C 227 14.76 -22.67 18.04
N SER C 228 15.68 -22.99 18.94
CA SER C 228 15.99 -22.08 20.02
C SER C 228 16.39 -20.73 19.47
N ILE C 229 17.24 -20.73 18.44
CA ILE C 229 17.77 -19.49 17.93
C ILE C 229 16.60 -18.68 17.42
N HIS C 230 15.70 -19.31 16.70
CA HIS C 230 14.61 -18.59 16.07
C HIS C 230 13.69 -18.02 17.14
N ILE C 231 13.51 -18.77 18.22
CA ILE C 231 12.57 -18.34 19.23
C ILE C 231 13.21 -17.17 19.93
N ILE C 232 14.44 -17.34 20.39
CA ILE C 232 15.13 -16.26 21.08
C ILE C 232 15.11 -14.98 20.25
N LEU C 233 15.46 -15.04 18.98
CA LEU C 233 15.61 -13.83 18.20
C LEU C 233 14.24 -13.22 17.92
N CYS C 234 13.25 -14.04 17.67
CA CYS C 234 11.91 -13.57 17.42
C CYS C 234 11.35 -12.90 18.67
N THR C 235 11.53 -13.56 19.79
CA THR C 235 11.03 -13.01 21.02
C THR C 235 11.71 -11.68 21.29
N ALA C 236 13.03 -11.63 21.13
CA ALA C 236 13.77 -10.42 21.42
C ALA C 236 13.27 -9.27 20.55
N ASP C 237 13.00 -9.57 19.29
CA ASP C 237 12.52 -8.57 18.37
C ASP C 237 11.19 -7.99 18.85
N ILE C 238 10.27 -8.82 19.33
CA ILE C 238 8.97 -8.33 19.71
C ILE C 238 9.14 -7.43 20.93
N VAL C 239 9.94 -7.87 21.89
CA VAL C 239 10.09 -7.12 23.11
C VAL C 239 10.81 -5.81 22.86
N VAL C 240 11.87 -5.82 22.08
CA VAL C 240 12.62 -4.62 21.86
C VAL C 240 11.89 -3.69 20.88
N LYS C 241 11.38 -4.23 19.79
CA LYS C 241 10.80 -3.34 18.81
C LYS C 241 9.37 -2.95 19.14
N LEU C 242 8.74 -3.55 20.14
CA LEU C 242 7.44 -3.04 20.59
C LEU C 242 7.58 -2.33 21.92
N GLY C 243 8.28 -2.95 22.85
CA GLY C 243 8.51 -2.36 24.15
C GLY C 243 9.28 -1.06 24.12
N PHE C 244 10.47 -1.08 23.55
CA PHE C 244 11.34 0.09 23.59
C PHE C 244 10.70 1.23 22.80
N CYS C 245 10.04 0.91 21.70
CA CYS C 245 9.55 1.93 20.78
C CYS C 245 8.30 2.59 21.37
N GLY C 246 7.60 1.88 22.25
CA GLY C 246 6.60 2.50 23.09
C GLY C 246 7.20 3.43 24.14
N LEU C 247 8.33 3.07 24.73
CA LEU C 247 8.92 3.89 25.76
C LEU C 247 9.40 5.22 25.19
N ILE C 248 9.93 5.21 23.98
CA ILE C 248 10.48 6.43 23.46
C ILE C 248 9.33 7.36 23.08
N HIS C 249 8.25 6.80 22.55
CA HIS C 249 7.07 7.59 22.27
C HIS C 249 6.51 8.25 23.52
N ARG C 250 6.56 7.61 24.67
CA ARG C 250 6.02 8.22 25.85
C ARG C 250 6.91 9.37 26.28
N ILE C 251 8.21 9.29 26.04
CA ILE C 251 9.12 10.33 26.46
C ILE C 251 8.98 11.49 25.51
N ALA C 252 8.76 11.18 24.24
CA ALA C 252 8.57 12.22 23.26
C ALA C 252 7.27 12.98 23.56
N LYS C 253 6.22 12.25 23.97
CA LYS C 253 4.95 12.86 24.30
C LYS C 253 5.10 13.71 25.54
N LEU C 254 5.81 13.19 26.50
CA LEU C 254 5.98 13.93 27.72
C LEU C 254 6.80 15.19 27.50
N ARG C 255 7.75 15.15 26.59
CA ARG C 255 8.61 16.29 26.33
C ARG C 255 7.81 17.30 25.51
N THR C 256 7.04 16.83 24.54
CA THR C 256 6.13 17.70 23.84
C THR C 256 5.23 18.46 24.80
N ALA C 257 4.59 17.76 25.72
CA ALA C 257 3.72 18.35 26.68
C ALA C 257 4.43 19.35 27.58
N GLU C 258 5.69 19.11 27.89
CA GLU C 258 6.40 20.02 28.74
C GLU C 258 6.66 21.30 27.98
N ASP C 259 6.90 21.18 26.67
CA ASP C 259 7.22 22.33 25.86
C ASP C 259 5.99 23.21 25.74
N VAL C 260 4.84 22.57 25.56
CA VAL C 260 3.56 23.23 25.43
C VAL C 260 3.29 24.02 26.70
N ARG C 261 3.53 23.42 27.85
CA ARG C 261 3.26 24.12 29.08
C ARG C 261 4.22 25.28 29.27
N ALA C 262 5.42 25.18 28.70
CA ALA C 262 6.45 26.18 28.94
C ALA C 262 6.37 27.32 27.93
N GLY C 263 5.60 27.12 26.86
CA GLY C 263 5.48 28.10 25.81
C GLY C 263 6.52 27.93 24.71
N VAL C 264 7.38 26.94 24.89
CA VAL C 264 8.39 26.64 23.88
C VAL C 264 7.70 26.29 22.55
N ASP C 265 6.51 25.69 22.59
CA ASP C 265 5.81 25.37 21.36
C ASP C 265 4.33 25.15 21.66
N ILE C 266 3.50 24.91 20.64
CA ILE C 266 2.08 24.69 20.81
C ILE C 266 1.76 23.38 20.11
N HIS C 267 0.74 22.65 20.56
CA HIS C 267 0.45 21.36 19.96
C HIS C 267 -1.01 21.38 19.61
N THR C 268 -1.38 20.77 18.50
CA THR C 268 -2.75 20.91 18.00
C THR C 268 -3.72 20.09 18.85
N GLU C 269 -3.29 18.98 19.43
CA GLU C 269 -4.18 18.14 20.21
C GLU C 269 -3.66 18.04 21.63
N ALA C 270 -4.52 17.68 22.59
CA ALA C 270 -4.06 17.43 23.94
C ALA C 270 -3.24 16.16 23.98
N ILE C 271 -2.33 16.08 24.95
CA ILE C 271 -1.51 14.91 25.13
C ILE C 271 -2.01 14.21 26.37
N TRP C 272 -2.30 12.91 26.20
CA TRP C 272 -2.72 12.04 27.28
C TRP C 272 -1.65 10.98 27.45
N ILE C 273 -1.23 10.71 28.68
CA ILE C 273 -0.31 9.63 28.93
C ILE C 273 -0.83 8.84 30.11
N SER C 274 -1.34 7.63 29.85
CA SER C 274 -1.92 6.80 30.91
C SER C 274 -3.28 7.36 31.31
N SER C 275 -4.02 7.84 30.33
CA SER C 275 -5.30 8.50 30.60
C SER C 275 -5.17 9.64 31.60
N VAL C 276 -4.01 10.30 31.62
CA VAL C 276 -3.89 11.59 32.29
C VAL C 276 -3.45 12.68 31.30
N LYS C 277 -4.15 13.81 31.33
CA LYS C 277 -3.91 14.88 30.37
C LYS C 277 -2.65 15.59 30.82
N GLN C 278 -1.71 15.76 29.87
CA GLN C 278 -0.41 16.29 30.16
C GLN C 278 -0.38 17.73 29.70
N SER C 279 -1.08 18.02 28.60
CA SER C 279 -1.11 19.34 28.01
C SER C 279 -2.42 19.49 27.23
N ASP C 280 -2.88 20.73 27.03
CA ASP C 280 -4.09 21.01 26.27
C ASP C 280 -3.77 21.31 24.81
N ALA C 281 -4.78 21.23 23.93
CA ALA C 281 -4.66 21.66 22.55
C ALA C 281 -4.61 23.19 22.46
N GLY C 282 -3.87 23.70 21.45
CA GLY C 282 -3.67 25.12 21.27
C GLY C 282 -3.62 25.53 19.80
N ILE C 283 -3.88 26.82 19.52
CA ILE C 283 -3.89 27.34 18.16
C ILE C 283 -2.68 28.27 17.98
N PRO C 284 -2.01 28.21 16.80
CA PRO C 284 -0.85 29.06 16.53
C PRO C 284 -1.21 30.52 16.75
N THR C 285 -0.55 31.17 17.70
CA THR C 285 -0.82 32.57 18.03
C THR C 285 -2.34 32.80 18.10
N ASP D 3 -5.63 -41.62 22.50
CA ASP D 3 -5.83 -42.29 21.19
C ASP D 3 -5.34 -41.36 20.08
N MET D 4 -5.40 -41.84 18.84
CA MET D 4 -4.97 -41.06 17.69
C MET D 4 -6.21 -40.59 16.93
N ILE D 5 -6.09 -39.44 16.26
CA ILE D 5 -7.16 -38.92 15.42
C ILE D 5 -6.54 -38.36 14.16
N SER D 6 -7.38 -37.85 13.26
CA SER D 6 -6.88 -37.26 12.03
C SER D 6 -7.03 -35.74 12.12
N ALA D 7 -5.95 -35.03 11.82
CA ALA D 7 -5.99 -33.59 11.92
C ALA D 7 -7.01 -33.04 10.94
N PRO D 8 -7.73 -31.96 11.27
CA PRO D 8 -8.69 -31.37 10.36
C PRO D 8 -8.17 -31.21 8.93
N TRP D 9 -6.86 -30.94 8.79
CA TRP D 9 -6.26 -30.68 7.49
C TRP D 9 -5.85 -31.97 6.80
N GLU D 10 -6.25 -33.13 7.35
CA GLU D 10 -5.92 -34.40 6.75
C GLU D 10 -7.16 -35.16 6.27
N ALA D 11 -8.14 -34.43 5.72
CA ALA D 11 -9.38 -35.06 5.25
C ALA D 11 -9.74 -34.52 3.88
N SER D 12 -10.16 -35.42 2.98
CA SER D 12 -10.41 -35.06 1.59
C SER D 12 -11.79 -34.41 1.48
N LEU D 13 -11.84 -33.37 0.68
CA LEU D 13 -13.02 -32.54 0.61
C LEU D 13 -13.73 -32.86 -0.69
N THR D 14 -15.07 -32.96 -0.62
CA THR D 14 -15.88 -32.97 -1.82
C THR D 14 -15.89 -31.59 -2.46
N GLN D 15 -16.35 -31.51 -3.72
CA GLN D 15 -16.30 -30.25 -4.46
C GLN D 15 -17.17 -29.20 -3.73
N ALA D 16 -18.29 -29.64 -3.13
CA ALA D 16 -19.09 -28.75 -2.30
C ALA D 16 -18.27 -28.16 -1.15
N GLU D 17 -17.69 -29.06 -0.36
CA GLU D 17 -16.94 -28.67 0.81
C GLU D 17 -15.76 -27.80 0.42
N HIS D 18 -15.12 -28.10 -0.69
CA HIS D 18 -14.01 -27.27 -1.16
C HIS D 18 -14.53 -25.88 -1.49
N SER D 19 -15.72 -25.81 -2.09
CA SER D 19 -16.24 -24.54 -2.56
C SER D 19 -16.66 -23.71 -1.36
N LEU D 20 -17.47 -24.29 -0.47
CA LEU D 20 -17.87 -23.61 0.76
C LEU D 20 -16.65 -23.05 1.49
N ILE D 21 -15.60 -23.85 1.67
CA ILE D 21 -14.49 -23.38 2.44
C ILE D 21 -13.83 -22.18 1.74
N PHE D 22 -13.73 -22.20 0.43
CA PHE D 22 -13.06 -21.10 -0.25
C PHE D 22 -13.91 -19.85 -0.12
N TYR D 23 -15.23 -20.03 -0.19
CA TYR D 23 -16.12 -18.91 -0.07
C TYR D 23 -15.91 -18.23 1.28
N PHE D 24 -16.05 -19.02 2.36
CA PHE D 24 -15.95 -18.49 3.71
C PHE D 24 -14.57 -17.92 3.98
N LEU D 25 -13.55 -18.56 3.52
CA LEU D 25 -12.26 -17.98 3.77
C LEU D 25 -12.15 -16.63 3.14
N ALA D 26 -12.63 -16.51 1.90
CA ALA D 26 -12.50 -15.30 1.10
C ALA D 26 -13.47 -14.24 1.61
N LEU D 27 -14.65 -14.69 2.03
CA LEU D 27 -15.59 -13.76 2.61
C LEU D 27 -15.00 -13.12 3.86
N THR D 28 -14.41 -13.92 4.74
CA THR D 28 -13.86 -13.42 5.97
C THR D 28 -12.70 -12.49 5.67
N GLY D 29 -11.83 -12.88 4.76
CA GLY D 29 -10.72 -12.00 4.45
C GLY D 29 -11.19 -10.66 3.88
N SER D 30 -12.27 -10.69 3.09
CA SER D 30 -12.79 -9.49 2.48
C SER D 30 -13.40 -8.61 3.55
N ALA D 31 -14.20 -9.21 4.43
CA ALA D 31 -14.85 -8.44 5.45
C ALA D 31 -13.81 -7.76 6.35
N LEU D 32 -12.68 -8.41 6.59
CA LEU D 32 -11.69 -7.85 7.49
C LEU D 32 -10.96 -6.73 6.78
N LEU D 33 -10.88 -6.78 5.47
CA LEU D 33 -10.26 -5.69 4.75
C LEU D 33 -11.20 -4.48 4.73
N PHE D 34 -12.51 -4.73 4.70
CA PHE D 34 -13.46 -3.66 4.84
C PHE D 34 -13.29 -3.02 6.23
N GLY D 35 -13.22 -3.87 7.26
CA GLY D 35 -13.05 -3.41 8.61
C GLY D 35 -11.79 -2.57 8.77
N LEU D 36 -10.73 -2.92 8.06
CA LEU D 36 -9.51 -2.15 8.18
C LEU D 36 -9.73 -0.76 7.61
N ALA D 37 -10.37 -0.69 6.45
CA ALA D 37 -10.67 0.58 5.86
C ALA D 37 -11.55 1.41 6.80
N ARG D 38 -12.59 0.78 7.35
CA ARG D 38 -13.52 1.49 8.22
C ARG D 38 -12.78 2.08 9.41
N THR D 39 -11.75 1.37 9.89
CA THR D 39 -11.03 1.77 11.07
C THR D 39 -10.24 3.03 10.76
N TRP D 40 -9.62 3.06 9.59
CA TRP D 40 -8.81 4.18 9.21
C TRP D 40 -9.69 5.36 8.86
N LEU D 41 -10.86 5.12 8.29
CA LEU D 41 -11.69 6.19 7.82
C LEU D 41 -12.40 6.85 8.98
N THR D 42 -12.45 6.21 10.14
CA THR D 42 -13.26 6.73 11.22
C THR D 42 -12.37 7.00 12.41
N ARG D 43 -11.04 6.96 12.22
CA ARG D 43 -10.11 7.11 13.32
C ARG D 43 -10.17 8.51 13.94
N GLY D 44 -10.68 9.51 13.24
CA GLY D 44 -10.71 10.84 13.80
C GLY D 44 -12.01 11.21 14.49
N GLU D 45 -12.84 10.21 14.76
CA GLU D 45 -14.11 10.45 15.41
C GLU D 45 -13.93 10.37 16.91
N VAL D 46 -12.76 9.88 17.30
CA VAL D 46 -12.48 9.57 18.69
C VAL D 46 -11.41 10.52 19.18
N GLY D 47 -11.47 10.89 20.46
CA GLY D 47 -10.46 11.71 21.06
C GLY D 47 -9.13 10.98 21.22
N ALA D 48 -8.08 11.74 21.53
CA ALA D 48 -6.76 11.19 21.77
C ALA D 48 -6.73 10.44 23.09
N ARG D 49 -7.63 10.75 24.02
CA ARG D 49 -7.72 10.00 25.24
C ARG D 49 -8.11 8.55 24.96
N TYR D 50 -8.70 8.26 23.78
CA TYR D 50 -9.18 6.91 23.48
C TYR D 50 -8.54 6.38 22.22
N ARG D 51 -7.41 6.93 21.81
CA ARG D 51 -6.79 6.50 20.55
C ARG D 51 -6.27 5.06 20.62
N THR D 52 -6.13 4.50 21.82
CA THR D 52 -5.66 3.14 21.97
C THR D 52 -6.64 2.17 21.34
N ALA D 53 -7.93 2.50 21.42
CA ALA D 53 -8.95 1.68 20.81
C ALA D 53 -8.74 1.58 19.30
N VAL D 54 -8.39 2.67 18.66
CA VAL D 54 -8.17 2.67 17.22
C VAL D 54 -6.91 1.87 16.89
N VAL D 55 -5.92 1.97 17.77
CA VAL D 55 -4.65 1.33 17.53
C VAL D 55 -4.86 -0.16 17.64
N ALA D 56 -5.56 -0.61 18.68
CA ALA D 56 -5.81 -2.02 18.85
C ALA D 56 -6.59 -2.56 17.65
N ARG D 57 -7.72 -1.91 17.36
CA ARG D 57 -8.57 -2.33 16.27
C ARG D 57 -7.82 -2.36 14.94
N SER D 58 -6.97 -1.40 14.69
CA SER D 58 -6.18 -1.42 13.47
C SER D 58 -5.26 -2.63 13.39
N GLY D 59 -4.69 -3.01 14.53
CA GLY D 59 -3.78 -4.14 14.57
C GLY D 59 -4.54 -5.43 14.32
N ILE D 60 -5.66 -5.58 15.05
CA ILE D 60 -6.54 -6.70 14.82
C ILE D 60 -6.86 -6.85 13.34
N MET D 61 -7.30 -5.78 12.69
CA MET D 61 -7.80 -5.91 11.35
C MET D 61 -6.64 -6.25 10.43
N ILE D 62 -5.46 -5.69 10.68
CA ILE D 62 -4.35 -5.93 9.77
C ILE D 62 -3.91 -7.38 9.88
N VAL D 63 -3.64 -7.83 11.09
CA VAL D 63 -3.14 -9.17 11.28
C VAL D 63 -4.13 -10.16 10.72
N ALA D 64 -5.40 -9.98 11.04
CA ALA D 64 -6.42 -10.93 10.66
C ALA D 64 -6.54 -10.96 9.14
N THR D 65 -6.33 -9.83 8.49
CA THR D 65 -6.48 -9.78 7.05
C THR D 65 -5.34 -10.57 6.41
N LEU D 66 -4.14 -10.44 6.95
CA LEU D 66 -3.00 -11.19 6.44
C LEU D 66 -3.26 -12.66 6.62
N SER D 67 -3.60 -13.03 7.84
CA SER D 67 -3.90 -14.41 8.14
C SER D 67 -4.79 -15.01 7.04
N TYR D 68 -5.87 -14.32 6.67
CA TYR D 68 -6.86 -14.93 5.82
C TYR D 68 -6.34 -14.93 4.40
N VAL D 69 -5.54 -13.94 4.05
CA VAL D 69 -4.97 -13.93 2.71
C VAL D 69 -4.07 -15.14 2.57
N PHE D 70 -3.16 -15.31 3.53
CA PHE D 70 -2.28 -16.46 3.54
C PHE D 70 -3.12 -17.74 3.39
N MET D 71 -4.17 -17.86 4.19
CA MET D 71 -4.94 -19.08 4.27
C MET D 71 -5.65 -19.32 2.95
N VAL D 72 -6.13 -18.26 2.31
CA VAL D 72 -6.86 -18.41 1.07
C VAL D 72 -5.90 -18.91 0.01
N LEU D 73 -4.70 -18.35 -0.04
CA LEU D 73 -3.67 -18.80 -0.97
C LEU D 73 -3.25 -20.23 -0.64
N ALA D 74 -3.00 -20.55 0.63
CA ALA D 74 -2.63 -21.90 0.99
C ALA D 74 -3.75 -22.90 0.71
N PHE D 75 -4.98 -22.41 0.49
CA PHE D 75 -6.08 -23.32 0.24
C PHE D 75 -6.03 -23.69 -1.23
N THR D 76 -5.78 -22.69 -2.07
CA THR D 76 -5.73 -22.89 -3.50
C THR D 76 -4.55 -23.81 -3.86
N SER D 77 -3.53 -23.84 -2.99
CA SER D 77 -2.35 -24.65 -3.25
C SER D 77 -2.24 -25.83 -2.28
N GLY D 78 -3.26 -26.11 -1.48
CA GLY D 78 -3.12 -27.12 -0.44
C GLY D 78 -3.95 -28.37 -0.74
N TYR D 79 -4.75 -28.28 -1.81
CA TYR D 79 -5.68 -29.35 -2.12
C TYR D 79 -5.63 -29.58 -3.63
N ASP D 80 -5.56 -30.86 -4.06
CA ASP D 80 -5.43 -31.22 -5.47
C ASP D 80 -6.62 -32.09 -5.84
N HIS D 81 -7.24 -31.82 -7.00
CA HIS D 81 -8.54 -32.38 -7.35
C HIS D 81 -8.40 -33.78 -7.95
N VAL D 82 -8.10 -34.77 -7.10
CA VAL D 82 -7.95 -36.15 -7.56
C VAL D 82 -9.33 -36.79 -7.70
N GLY D 83 -9.76 -37.04 -8.93
CA GLY D 83 -11.10 -37.53 -9.16
C GLY D 83 -12.12 -36.43 -8.85
N SER D 84 -13.18 -36.79 -8.11
CA SER D 84 -14.19 -35.83 -7.72
C SER D 84 -13.82 -35.11 -6.41
N LEU D 85 -12.83 -35.64 -5.66
CA LEU D 85 -12.48 -35.15 -4.33
C LEU D 85 -11.23 -34.30 -4.36
N TRP D 86 -11.04 -33.43 -3.35
CA TRP D 86 -9.81 -32.67 -3.24
C TRP D 86 -8.96 -33.24 -2.11
N VAL D 87 -7.71 -33.58 -2.44
CA VAL D 87 -6.89 -34.28 -1.47
C VAL D 87 -5.95 -33.27 -0.81
N PRO D 88 -5.82 -33.30 0.52
CA PRO D 88 -4.92 -32.39 1.20
C PRO D 88 -3.45 -32.76 0.97
N ASN D 89 -2.57 -31.75 0.79
CA ASN D 89 -1.12 -32.00 0.76
C ASN D 89 -0.47 -31.52 2.05
N SER D 90 0.78 -31.07 2.00
CA SER D 90 1.43 -30.50 3.18
C SER D 90 0.97 -29.07 3.45
N GLU D 91 0.55 -28.34 2.40
CA GLU D 91 0.12 -26.95 2.54
C GLU D 91 -1.30 -26.86 3.10
N ALA D 92 -1.96 -27.99 3.33
CA ALA D 92 -3.28 -27.99 3.91
C ALA D 92 -3.24 -27.43 5.33
N ILE D 93 -2.25 -27.80 6.15
CA ILE D 93 -2.18 -27.29 7.51
C ILE D 93 -2.03 -25.76 7.51
N MET D 94 -1.53 -25.19 6.42
CA MET D 94 -1.42 -23.75 6.30
C MET D 94 -2.78 -23.13 6.00
N THR D 95 -3.85 -23.91 6.08
CA THR D 95 -5.18 -23.35 5.90
C THR D 95 -5.87 -23.25 7.26
N ILE D 96 -5.17 -23.67 8.32
CA ILE D 96 -5.76 -23.73 9.64
C ILE D 96 -4.81 -23.14 10.67
N ALA D 97 -3.53 -23.45 10.56
CA ALA D 97 -2.52 -23.05 11.52
C ALA D 97 -2.34 -21.54 11.62
N PRO D 98 -2.36 -20.76 10.53
CA PRO D 98 -2.23 -19.31 10.62
C PRO D 98 -3.23 -18.63 11.56
N ARG D 99 -4.39 -19.25 11.77
CA ARG D 99 -5.36 -18.71 12.69
C ARG D 99 -4.74 -18.47 14.06
N TYR D 100 -3.92 -19.39 14.55
CA TYR D 100 -3.39 -19.28 15.90
C TYR D 100 -2.37 -18.14 15.98
N VAL D 101 -1.72 -17.84 14.87
CA VAL D 101 -0.84 -16.71 14.84
C VAL D 101 -1.69 -15.47 15.03
N GLU D 102 -2.70 -15.33 14.19
CA GLU D 102 -3.65 -14.23 14.28
C GLU D 102 -4.23 -14.11 15.69
N TRP D 103 -4.75 -15.18 16.26
CA TRP D 103 -5.38 -15.08 17.56
C TRP D 103 -4.40 -14.70 18.65
N SER D 104 -3.12 -14.97 18.43
CA SER D 104 -2.11 -14.68 19.44
C SER D 104 -1.92 -13.17 19.54
N ILE D 105 -2.12 -12.47 18.42
CA ILE D 105 -2.05 -11.03 18.43
C ILE D 105 -3.41 -10.46 18.83
N ALA D 106 -4.48 -11.00 18.24
CA ALA D 106 -5.80 -10.43 18.26
C ALA D 106 -6.44 -10.52 19.63
N VAL D 107 -6.36 -11.67 20.28
CA VAL D 107 -7.07 -11.78 21.55
C VAL D 107 -6.48 -10.84 22.58
N PRO D 108 -5.14 -10.73 22.70
CA PRO D 108 -4.55 -9.70 23.56
C PRO D 108 -4.98 -8.28 23.16
N LEU D 109 -4.94 -7.97 21.86
CA LEU D 109 -5.37 -6.67 21.38
C LEU D 109 -6.85 -6.41 21.66
N LEU D 110 -7.72 -7.41 21.57
CA LEU D 110 -9.13 -7.23 21.88
C LEU D 110 -9.28 -6.91 23.35
N SER D 111 -8.42 -7.45 24.19
CA SER D 111 -8.51 -7.16 25.62
C SER D 111 -8.13 -5.71 25.85
N ILE D 112 -7.16 -5.24 25.09
CA ILE D 112 -6.68 -3.88 25.24
C ILE D 112 -7.73 -2.92 24.76
N GLU D 113 -8.34 -3.22 23.61
CA GLU D 113 -9.44 -2.42 23.08
C GLU D 113 -10.56 -2.26 24.12
N LEU D 114 -10.87 -3.31 24.87
CA LEU D 114 -11.93 -3.23 25.83
C LEU D 114 -11.55 -2.37 27.01
N LEU D 115 -10.32 -2.46 27.48
CA LEU D 115 -9.92 -1.75 28.68
C LEU D 115 -9.62 -0.29 28.30
N SER D 116 -9.49 -0.04 27.01
CA SER D 116 -9.26 1.29 26.49
C SER D 116 -10.37 2.24 26.89
N VAL D 117 -11.60 1.76 26.88
CA VAL D 117 -12.75 2.62 27.07
C VAL D 117 -13.28 2.45 28.48
N ALA D 118 -12.62 1.65 29.31
CA ALA D 118 -12.97 1.57 30.72
C ALA D 118 -12.29 2.66 31.52
N THR D 119 -12.67 2.85 32.78
CA THR D 119 -12.13 3.90 33.64
C THR D 119 -10.99 3.40 34.52
N LEU D 120 -9.92 2.90 33.90
CA LEU D 120 -8.68 2.61 34.60
C LEU D 120 -7.61 3.56 34.05
N SER D 121 -6.74 4.08 34.92
CA SER D 121 -5.76 5.08 34.49
C SER D 121 -4.45 4.94 35.26
N GLY D 122 -3.36 5.41 34.63
CA GLY D 122 -2.04 5.38 35.25
C GLY D 122 -1.44 3.97 35.23
N VAL D 123 -0.80 3.59 36.34
CA VAL D 123 -0.17 2.28 36.46
C VAL D 123 -1.24 1.20 36.68
N SER D 124 -2.43 1.61 37.12
CA SER D 124 -3.57 0.70 37.20
C SER D 124 -3.94 0.13 35.82
N ALA D 125 -3.86 1.01 34.81
CA ALA D 125 -4.06 0.66 33.43
C ALA D 125 -2.77 0.08 32.83
N ARG D 126 -1.98 -0.58 33.67
CA ARG D 126 -0.75 -1.23 33.26
C ARG D 126 -0.75 -2.64 33.83
N ARG D 127 -1.00 -2.76 35.13
CA ARG D 127 -1.06 -4.09 35.73
C ARG D 127 -2.08 -4.95 34.99
N THR D 128 -3.34 -4.47 34.94
CA THR D 128 -4.43 -5.20 34.32
C THR D 128 -4.12 -5.45 32.85
N ARG D 129 -3.56 -4.45 32.17
CA ARG D 129 -3.28 -4.63 30.76
C ARG D 129 -2.25 -5.73 30.52
N LEU D 130 -1.21 -5.79 31.35
CA LEU D 130 -0.19 -6.80 31.16
C LEU D 130 -0.76 -8.17 31.51
N ALA D 131 -1.49 -8.23 32.61
CA ALA D 131 -2.01 -9.52 33.03
C ALA D 131 -2.95 -10.09 31.96
N ALA D 132 -3.79 -9.23 31.38
CA ALA D 132 -4.73 -9.67 30.38
C ALA D 132 -3.96 -10.11 29.13
N VAL D 133 -3.05 -9.27 28.67
CA VAL D 133 -2.27 -9.62 27.49
C VAL D 133 -1.55 -10.95 27.70
N ALA D 134 -1.00 -11.17 28.89
CA ALA D 134 -0.30 -12.40 29.19
C ALA D 134 -1.26 -13.57 29.09
N GLY D 135 -2.36 -13.48 29.86
CA GLY D 135 -3.36 -14.53 29.88
C GLY D 135 -3.86 -14.86 28.48
N ALA D 136 -4.19 -13.83 27.72
CA ALA D 136 -4.76 -14.01 26.41
C ALA D 136 -3.78 -14.76 25.53
N PHE D 137 -2.50 -14.33 25.50
CA PHE D 137 -1.51 -14.93 24.63
C PHE D 137 -1.27 -16.37 25.07
N LEU D 138 -1.17 -16.58 26.38
CA LEU D 138 -0.90 -17.93 26.85
C LEU D 138 -2.03 -18.89 26.53
N MET D 139 -3.26 -18.42 26.53
CA MET D 139 -4.40 -19.24 26.18
C MET D 139 -4.31 -19.68 24.72
N ILE D 140 -3.91 -18.79 23.83
CA ILE D 140 -3.84 -19.16 22.45
C ILE D 140 -2.64 -20.08 22.24
N PHE D 141 -1.55 -19.82 22.95
CA PHE D 141 -0.28 -20.48 22.66
C PHE D 141 -0.39 -21.93 23.15
N THR D 142 -0.92 -22.12 24.35
CA THR D 142 -1.18 -23.46 24.85
C THR D 142 -2.11 -24.23 23.91
N GLY D 143 -3.09 -23.55 23.33
CA GLY D 143 -3.98 -24.18 22.40
C GLY D 143 -3.26 -24.61 21.14
N PHE D 144 -2.43 -23.73 20.59
CA PHE D 144 -1.62 -24.04 19.43
C PHE D 144 -0.75 -25.27 19.70
N LEU D 145 -0.27 -25.44 20.94
CA LEU D 145 0.64 -26.54 21.21
C LEU D 145 -0.12 -27.84 21.06
N GLY D 146 -1.25 -27.94 21.75
CA GLY D 146 -2.12 -29.10 21.70
C GLY D 146 -2.62 -29.42 20.29
N ALA D 147 -2.91 -28.39 19.51
CA ALA D 147 -3.67 -28.58 18.30
C ALA D 147 -2.79 -28.69 17.06
N VAL D 148 -1.54 -28.24 17.14
CA VAL D 148 -0.70 -28.22 15.95
C VAL D 148 0.66 -28.81 16.25
N VAL D 149 1.18 -28.64 17.47
CA VAL D 149 2.59 -28.90 17.71
C VAL D 149 2.76 -30.25 18.38
N ILE D 150 2.32 -30.37 19.63
CA ILE D 150 2.62 -31.55 20.42
C ILE D 150 1.64 -32.67 20.09
N GLY D 151 2.03 -33.58 19.20
CA GLY D 151 1.13 -34.64 18.76
C GLY D 151 0.76 -34.51 17.29
N ASP D 152 1.04 -33.35 16.70
CA ASP D 152 0.76 -33.09 15.29
C ASP D 152 -0.75 -32.88 15.04
N GLY D 153 -1.49 -32.51 16.09
CA GLY D 153 -2.94 -32.39 15.99
C GLY D 153 -3.60 -33.72 15.70
N ARG D 154 -2.98 -34.81 16.15
CA ARG D 154 -3.50 -36.14 15.93
C ARG D 154 -3.56 -36.88 17.26
N SER D 155 -3.32 -36.21 18.37
CA SER D 155 -3.31 -36.91 19.65
C SER D 155 -4.45 -36.40 20.52
N VAL D 156 -5.35 -37.29 20.92
CA VAL D 156 -6.46 -36.85 21.73
C VAL D 156 -5.92 -36.36 23.07
N GLY D 157 -5.00 -37.09 23.68
CA GLY D 157 -4.57 -36.74 25.02
C GLY D 157 -3.84 -35.40 25.05
N SER D 158 -3.08 -35.12 23.99
CA SER D 158 -2.43 -33.83 23.88
C SER D 158 -3.49 -32.74 23.72
N LEU D 159 -4.46 -32.98 22.83
CA LEU D 159 -5.55 -32.05 22.58
C LEU D 159 -6.33 -31.78 23.87
N ILE D 160 -6.53 -32.82 24.68
CA ILE D 160 -7.29 -32.65 25.89
C ILE D 160 -6.48 -31.92 26.96
N ILE D 161 -5.21 -32.24 27.07
CA ILE D 161 -4.40 -31.65 28.13
C ILE D 161 -4.19 -30.17 27.85
N TRP D 162 -3.66 -29.85 26.67
CA TRP D 162 -3.38 -28.48 26.34
C TRP D 162 -4.65 -27.67 26.23
N GLY D 163 -5.76 -28.31 25.87
CA GLY D 163 -7.04 -27.64 25.86
C GLY D 163 -7.43 -27.21 27.27
N ALA D 164 -7.12 -28.04 28.25
CA ALA D 164 -7.50 -27.74 29.62
C ALA D 164 -6.64 -26.60 30.16
N ILE D 165 -5.39 -26.57 29.72
CA ILE D 165 -4.48 -25.53 30.14
C ILE D 165 -5.01 -24.24 29.54
N SER D 166 -5.32 -24.29 28.27
CA SER D 166 -5.75 -23.11 27.57
C SER D 166 -7.02 -22.55 28.22
N THR D 167 -7.83 -23.43 28.80
CA THR D 167 -9.09 -23.05 29.40
C THR D 167 -8.83 -22.38 30.73
N VAL D 168 -7.78 -22.78 31.43
CA VAL D 168 -7.46 -22.12 32.68
C VAL D 168 -7.09 -20.66 32.39
N PHE D 169 -6.23 -20.44 31.41
CA PHE D 169 -5.85 -19.10 31.05
C PHE D 169 -7.05 -18.29 30.59
N TRP D 170 -8.00 -18.93 29.90
CA TRP D 170 -9.24 -18.27 29.52
C TRP D 170 -9.94 -17.70 30.76
N ILE D 171 -10.19 -18.54 31.73
CA ILE D 171 -10.84 -18.10 32.95
C ILE D 171 -10.07 -16.96 33.60
N ILE D 172 -8.76 -17.01 33.56
CA ILE D 172 -7.95 -16.01 34.23
C ILE D 172 -8.15 -14.67 33.51
N THR D 173 -7.92 -14.66 32.20
CA THR D 173 -8.10 -13.46 31.41
C THR D 173 -9.51 -12.90 31.61
N ALA D 174 -10.51 -13.78 31.52
CA ALA D 174 -11.89 -13.36 31.61
C ALA D 174 -12.19 -12.72 32.94
N VAL D 175 -11.69 -13.31 34.02
CA VAL D 175 -11.91 -12.74 35.33
C VAL D 175 -11.24 -11.37 35.44
N ILE D 176 -9.99 -11.29 35.04
CA ILE D 176 -9.30 -10.01 35.07
C ILE D 176 -10.13 -8.96 34.34
N LEU D 177 -10.51 -9.23 33.09
CA LEU D 177 -11.26 -8.26 32.31
C LEU D 177 -12.55 -7.93 33.03
N ILE D 178 -13.31 -8.92 33.44
CA ILE D 178 -14.64 -8.67 33.95
C ILE D 178 -14.56 -7.87 35.24
N ARG D 179 -13.53 -8.13 36.03
CA ARG D 179 -13.35 -7.39 37.27
C ARG D 179 -13.04 -5.94 36.95
N ALA D 180 -12.29 -5.71 35.89
CA ALA D 180 -11.90 -4.37 35.51
C ALA D 180 -13.14 -3.60 35.05
N ILE D 181 -13.95 -4.25 34.23
CA ILE D 181 -15.15 -3.62 33.72
C ILE D 181 -16.06 -3.34 34.89
N ARG D 182 -16.22 -4.31 35.79
CA ARG D 182 -17.18 -4.17 36.87
C ARG D 182 -16.81 -2.99 37.76
N HIS D 183 -15.52 -2.66 37.80
CA HIS D 183 -15.06 -1.51 38.55
C HIS D 183 -15.30 -0.20 37.79
N SER D 184 -15.28 -0.26 36.46
CA SER D 184 -15.45 0.92 35.64
C SER D 184 -16.92 1.31 35.55
N LEU D 185 -17.81 0.34 35.46
CA LEU D 185 -19.19 0.64 35.14
C LEU D 185 -19.74 1.70 36.09
N PRO D 186 -19.47 1.63 37.40
CA PRO D 186 -19.97 2.63 38.34
C PRO D 186 -19.47 4.05 38.07
N GLN D 187 -18.30 4.16 37.44
CA GLN D 187 -17.63 5.43 37.24
C GLN D 187 -17.90 6.00 35.85
N LEU D 188 -18.61 5.25 35.01
CA LEU D 188 -18.96 5.72 33.68
C LEU D 188 -20.32 6.41 33.78
N THR D 189 -20.71 7.13 32.72
CA THR D 189 -22.07 7.63 32.61
C THR D 189 -22.99 6.47 32.27
N PRO D 190 -24.28 6.51 32.65
CA PRO D 190 -25.19 5.41 32.40
C PRO D 190 -25.15 4.88 30.97
N GLU D 191 -25.14 5.81 30.01
CA GLU D 191 -25.25 5.44 28.61
C GLU D 191 -24.00 4.70 28.17
N ALA D 192 -22.83 5.14 28.65
CA ALA D 192 -21.60 4.47 28.34
C ALA D 192 -21.53 3.15 29.08
N ALA D 193 -21.91 3.15 30.35
CA ALA D 193 -21.81 1.95 31.17
C ALA D 193 -22.64 0.85 30.52
N ALA D 194 -23.80 1.21 30.01
CA ALA D 194 -24.68 0.22 29.42
C ALA D 194 -24.02 -0.42 28.20
N LEU D 195 -23.43 0.40 27.35
CA LEU D 195 -22.80 -0.12 26.15
C LEU D 195 -21.60 -0.97 26.53
N LEU D 196 -20.91 -0.63 27.62
CA LEU D 196 -19.68 -1.29 27.97
C LEU D 196 -19.98 -2.66 28.56
N LYS D 197 -21.10 -2.76 29.27
CA LYS D 197 -21.58 -4.04 29.74
C LYS D 197 -21.88 -4.94 28.55
N THR D 198 -22.67 -4.43 27.61
CA THR D 198 -23.00 -5.17 26.42
C THR D 198 -21.74 -5.64 25.72
N ALA D 199 -20.76 -4.75 25.55
CA ALA D 199 -19.60 -5.10 24.75
C ALA D 199 -18.80 -6.18 25.45
N THR D 200 -18.77 -6.14 26.80
CA THR D 200 -18.09 -7.18 27.56
C THR D 200 -18.75 -8.53 27.33
N ILE D 201 -20.08 -8.57 27.39
CA ILE D 201 -20.84 -9.78 27.13
C ILE D 201 -20.58 -10.29 25.72
N PHE D 202 -20.54 -9.40 24.76
CA PHE D 202 -20.38 -9.80 23.38
C PHE D 202 -19.00 -10.43 23.22
N LEU D 203 -17.95 -9.85 23.82
CA LEU D 203 -16.59 -10.33 23.59
C LEU D 203 -16.42 -11.69 24.25
N MET D 204 -16.94 -11.81 25.47
CA MET D 204 -16.76 -13.04 26.21
C MET D 204 -17.53 -14.15 25.52
N SER D 205 -18.73 -13.81 25.05
CA SER D 205 -19.61 -14.76 24.40
C SER D 205 -19.02 -15.21 23.07
N GLY D 206 -18.38 -14.28 22.38
CA GLY D 206 -17.73 -14.63 21.14
C GLY D 206 -16.50 -15.48 21.36
N TRP D 207 -15.84 -15.33 22.51
CA TRP D 207 -14.66 -16.12 22.82
C TRP D 207 -15.05 -17.56 23.13
N ALA D 208 -16.33 -17.82 23.35
CA ALA D 208 -16.77 -19.14 23.73
C ALA D 208 -16.93 -20.03 22.50
N VAL D 209 -17.00 -19.39 21.33
CA VAL D 209 -17.31 -20.12 20.11
C VAL D 209 -16.04 -20.81 19.65
N TYR D 210 -14.90 -20.17 19.87
CA TYR D 210 -13.66 -20.69 19.34
C TYR D 210 -13.33 -22.04 19.96
N PRO D 211 -13.40 -22.24 21.29
CA PRO D 211 -13.24 -23.57 21.89
C PRO D 211 -14.13 -24.68 21.31
N LEU D 212 -15.23 -24.34 20.63
CA LEU D 212 -16.05 -25.38 20.01
C LEU D 212 -15.34 -25.98 18.80
N ALA D 213 -14.67 -25.16 18.02
CA ALA D 213 -13.91 -25.68 16.88
C ALA D 213 -12.80 -26.61 17.36
N TYR D 214 -12.33 -26.39 18.59
CA TYR D 214 -11.33 -27.24 19.19
C TYR D 214 -11.95 -28.59 19.58
N LEU D 215 -13.14 -28.59 20.18
CA LEU D 215 -13.77 -29.83 20.58
C LEU D 215 -14.11 -30.67 19.36
N ILE D 216 -14.41 -30.04 18.24
CA ILE D 216 -14.69 -30.81 17.06
C ILE D 216 -13.44 -31.61 16.73
N GLN D 217 -12.32 -30.91 16.58
CA GLN D 217 -11.06 -31.56 16.21
C GLN D 217 -10.80 -32.80 17.09
N ILE D 218 -11.09 -32.71 18.37
CA ILE D 218 -10.93 -33.84 19.25
C ILE D 218 -11.89 -34.95 18.86
N LEU D 219 -13.17 -34.61 18.64
CA LEU D 219 -14.26 -35.60 18.63
C LEU D 219 -14.57 -36.14 17.24
N PHE D 220 -14.51 -35.31 16.20
CA PHE D 220 -15.02 -35.70 14.89
C PHE D 220 -13.98 -35.40 13.82
N ALA D 221 -13.78 -36.33 12.89
CA ALA D 221 -12.93 -36.03 11.76
C ALA D 221 -13.68 -36.38 10.48
N GLY D 222 -13.31 -35.70 9.39
CA GLY D 222 -14.06 -35.79 8.16
C GLY D 222 -13.97 -34.51 7.36
N GLY D 223 -14.40 -34.56 6.11
CA GLY D 223 -14.49 -33.35 5.30
C GLY D 223 -15.63 -32.44 5.73
N LEU D 224 -16.72 -33.04 6.21
CA LEU D 224 -17.82 -32.27 6.75
C LEU D 224 -17.31 -31.46 7.91
N TRP D 225 -16.56 -32.12 8.81
CA TRP D 225 -16.09 -31.52 10.04
C TRP D 225 -14.98 -30.52 9.79
N THR D 226 -14.16 -30.74 8.79
CA THR D 226 -13.20 -29.71 8.48
C THR D 226 -13.93 -28.49 7.90
N THR D 227 -15.04 -28.71 7.20
CA THR D 227 -15.82 -27.61 6.65
C THR D 227 -16.51 -26.88 7.79
N SER D 228 -17.07 -27.64 8.72
CA SER D 228 -17.73 -27.03 9.85
C SER D 228 -16.77 -26.13 10.59
N ILE D 229 -15.53 -26.60 10.79
CA ILE D 229 -14.59 -25.84 11.59
C ILE D 229 -14.35 -24.52 10.89
N HIS D 230 -14.18 -24.57 9.59
CA HIS D 230 -13.83 -23.38 8.84
C HIS D 230 -14.97 -22.41 8.87
N ILE D 231 -16.20 -22.92 8.84
CA ILE D 231 -17.34 -22.05 8.77
C ILE D 231 -17.48 -21.41 10.13
N ILE D 232 -17.49 -22.21 11.17
CA ILE D 232 -17.61 -21.68 12.53
C ILE D 232 -16.57 -20.61 12.78
N LEU D 233 -15.30 -20.87 12.48
CA LEU D 233 -14.27 -19.93 12.85
C LEU D 233 -14.35 -18.68 12.00
N CYS D 234 -14.67 -18.83 10.73
CA CYS D 234 -14.80 -17.70 9.83
C CYS D 234 -15.97 -16.84 10.26
N THR D 235 -17.08 -17.47 10.56
CA THR D 235 -18.24 -16.73 10.98
C THR D 235 -17.93 -16.00 12.27
N ALA D 236 -17.31 -16.67 13.22
CA ALA D 236 -17.02 -16.07 14.50
C ALA D 236 -16.13 -14.84 14.31
N ASP D 237 -15.16 -14.95 13.42
CA ASP D 237 -14.26 -13.84 13.15
C ASP D 237 -15.02 -12.65 12.63
N ILE D 238 -15.98 -12.84 11.73
CA ILE D 238 -16.68 -11.72 11.14
C ILE D 238 -17.50 -11.04 12.23
N VAL D 239 -18.19 -11.83 13.03
CA VAL D 239 -19.08 -11.29 14.02
C VAL D 239 -18.28 -10.58 15.12
N VAL D 240 -17.21 -11.17 15.58
CA VAL D 240 -16.46 -10.58 16.66
C VAL D 240 -15.62 -9.44 16.13
N LYS D 241 -14.86 -9.66 15.07
CA LYS D 241 -13.95 -8.61 14.65
C LYS D 241 -14.69 -7.45 14.00
N LEU D 242 -15.92 -7.61 13.52
CA LEU D 242 -16.63 -6.47 12.97
C LEU D 242 -17.66 -5.92 13.95
N GLY D 243 -18.42 -6.80 14.56
CA GLY D 243 -19.38 -6.43 15.58
C GLY D 243 -18.77 -5.77 16.79
N PHE D 244 -17.85 -6.44 17.45
CA PHE D 244 -17.31 -5.93 18.72
C PHE D 244 -16.54 -4.63 18.47
N CYS D 245 -15.85 -4.55 17.33
CA CYS D 245 -14.95 -3.44 17.09
C CYS D 245 -15.75 -2.20 16.71
N GLY D 246 -16.96 -2.41 16.19
CA GLY D 246 -17.92 -1.33 16.08
C GLY D 246 -18.45 -0.87 17.45
N LEU D 247 -18.67 -1.78 18.38
CA LEU D 247 -19.21 -1.40 19.67
C LEU D 247 -18.22 -0.56 20.46
N ILE D 248 -16.94 -0.87 20.34
CA ILE D 248 -15.97 -0.15 21.13
C ILE D 248 -15.82 1.25 20.55
N HIS D 249 -15.84 1.37 19.23
CA HIS D 249 -15.81 2.67 18.60
C HIS D 249 -16.98 3.54 19.03
N ARG D 250 -18.16 2.98 19.24
CA ARG D 250 -19.26 3.81 19.63
C ARG D 250 -19.08 4.29 21.05
N ILE D 251 -18.42 3.51 21.90
CA ILE D 251 -18.24 3.88 23.29
C ILE D 251 -17.14 4.92 23.34
N ALA D 252 -16.15 4.78 22.49
CA ALA D 252 -15.08 5.74 22.44
C ALA D 252 -15.62 7.09 21.95
N LYS D 253 -16.54 7.06 20.97
CA LYS D 253 -17.14 8.27 20.45
C LYS D 253 -18.00 8.91 21.51
N LEU D 254 -18.75 8.09 22.20
CA LEU D 254 -19.62 8.62 23.21
C LEU D 254 -18.83 9.23 24.36
N ARG D 255 -17.68 8.67 24.67
CA ARG D 255 -16.86 9.15 25.77
C ARG D 255 -16.16 10.42 25.32
N THR D 256 -15.67 10.44 24.08
CA THR D 256 -15.16 11.66 23.53
C THR D 256 -16.16 12.80 23.62
N ALA D 257 -17.38 12.57 23.17
CA ALA D 257 -18.42 13.56 23.22
C ALA D 257 -18.73 14.02 24.63
N GLU D 258 -18.63 13.13 25.61
CA GLU D 258 -18.93 13.51 26.97
C GLU D 258 -17.84 14.44 27.46
N ASP D 259 -16.60 14.19 27.02
CA ASP D 259 -15.48 14.97 27.49
C ASP D 259 -15.59 16.37 26.93
N VAL D 260 -16.00 16.46 25.66
CA VAL D 260 -16.17 17.72 24.97
C VAL D 260 -17.21 18.53 25.69
N ARG D 261 -18.31 17.92 26.06
CA ARG D 261 -19.36 18.67 26.72
C ARG D 261 -18.92 19.11 28.11
N ALA D 262 -18.00 18.38 28.73
CA ALA D 262 -17.61 18.65 30.10
C ALA D 262 -16.45 19.64 30.18
N GLY D 263 -15.80 19.87 29.04
CA GLY D 263 -14.66 20.75 28.97
C GLY D 263 -13.35 20.02 29.22
N VAL D 264 -13.44 18.73 29.46
CA VAL D 264 -12.25 17.93 29.64
C VAL D 264 -11.37 17.99 28.39
N ASP D 265 -11.96 18.14 27.20
CA ASP D 265 -11.18 18.24 25.99
C ASP D 265 -12.02 18.88 24.88
N ILE D 266 -11.44 19.11 23.71
CA ILE D 266 -12.15 19.71 22.59
C ILE D 266 -11.96 18.78 21.41
N HIS D 267 -12.90 18.73 20.47
CA HIS D 267 -12.77 17.82 19.35
C HIS D 267 -12.98 18.65 18.12
N THR D 268 -12.25 18.34 17.06
CA THR D 268 -12.28 19.21 15.89
C THR D 268 -13.55 19.05 15.08
N GLU D 269 -14.18 17.88 15.14
CA GLU D 269 -15.35 17.58 14.35
C GLU D 269 -16.51 17.28 15.31
N ALA D 270 -17.76 17.46 14.86
CA ALA D 270 -18.90 17.05 15.66
C ALA D 270 -18.97 15.53 15.68
N ILE D 271 -19.56 14.99 16.73
CA ILE D 271 -19.68 13.56 16.88
C ILE D 271 -21.13 13.23 16.71
N TRP D 272 -21.40 12.31 15.79
CA TRP D 272 -22.74 11.81 15.49
C TRP D 272 -22.77 10.35 15.86
N ILE D 273 -23.79 9.90 16.56
CA ILE D 273 -23.95 8.48 16.81
C ILE D 273 -25.39 8.12 16.51
N SER D 274 -25.62 7.40 15.40
CA SER D 274 -26.98 7.03 15.01
C SER D 274 -27.71 8.25 14.46
N SER D 275 -26.99 9.06 13.71
CA SER D 275 -27.53 10.31 13.19
C SER D 275 -28.11 11.18 14.30
N VAL D 276 -27.55 11.10 15.50
CA VAL D 276 -27.80 12.10 16.52
C VAL D 276 -26.49 12.76 16.97
N LYS D 277 -26.50 14.10 17.00
CA LYS D 277 -25.29 14.85 17.30
C LYS D 277 -25.08 14.76 18.80
N GLN D 278 -23.85 14.38 19.19
CA GLN D 278 -23.52 14.12 20.56
C GLN D 278 -22.73 15.30 21.09
N SER D 279 -21.93 15.92 20.23
CA SER D 279 -21.08 17.04 20.60
C SER D 279 -20.81 17.88 19.35
N ASP D 280 -20.48 19.17 19.52
CA ASP D 280 -20.17 20.06 18.41
C ASP D 280 -18.66 20.13 18.20
N ALA D 281 -18.25 20.60 17.00
CA ALA D 281 -16.85 20.88 16.72
C ALA D 281 -16.39 22.13 17.46
N GLY D 282 -15.09 22.16 17.85
CA GLY D 282 -14.52 23.24 18.63
C GLY D 282 -13.08 23.56 18.22
N ILE D 283 -12.63 24.78 18.55
CA ILE D 283 -11.27 25.23 18.22
C ILE D 283 -10.42 25.26 19.49
N PRO D 284 -9.14 24.82 19.40
CA PRO D 284 -8.27 24.64 20.55
C PRO D 284 -8.32 25.76 21.57
N THR D 285 -8.31 27.01 21.13
CA THR D 285 -8.44 28.14 22.05
C THR D 285 -9.18 29.28 21.35
N ASP E 3 -31.80 -31.29 -14.99
CA ASP E 3 -30.98 -31.95 -16.06
C ASP E 3 -29.53 -31.49 -15.92
N MET E 4 -28.62 -32.31 -16.42
CA MET E 4 -27.19 -31.99 -16.34
C MET E 4 -26.93 -30.92 -17.39
N ILE E 5 -26.13 -29.90 -17.04
CA ILE E 5 -25.73 -28.86 -17.99
C ILE E 5 -24.27 -28.54 -17.75
N SER E 6 -23.70 -27.62 -18.52
CA SER E 6 -22.27 -27.37 -18.42
C SER E 6 -22.03 -26.03 -17.72
N ALA E 7 -21.19 -26.03 -16.69
CA ALA E 7 -20.96 -24.80 -15.96
C ALA E 7 -20.29 -23.80 -16.90
N PRO E 8 -20.58 -22.49 -16.77
CA PRO E 8 -19.95 -21.48 -17.60
C PRO E 8 -18.44 -21.63 -17.72
N TRP E 9 -17.79 -22.13 -16.66
CA TRP E 9 -16.33 -22.24 -16.63
C TRP E 9 -15.87 -23.57 -17.25
N GLU E 10 -16.79 -24.30 -17.89
CA GLU E 10 -16.44 -25.56 -18.52
C GLU E 10 -16.62 -25.51 -20.04
N ALA E 11 -16.30 -24.38 -20.67
CA ALA E 11 -16.46 -24.22 -22.10
C ALA E 11 -15.21 -23.60 -22.70
N SER E 12 -14.78 -24.12 -23.86
CA SER E 12 -13.53 -23.68 -24.47
C SER E 12 -13.77 -22.38 -25.23
N LEU E 13 -12.81 -21.48 -25.10
CA LEU E 13 -12.99 -20.14 -25.62
C LEU E 13 -12.12 -20.03 -26.87
N THR E 14 -12.68 -19.38 -27.90
CA THR E 14 -11.89 -18.95 -29.03
C THR E 14 -10.97 -17.80 -28.64
N GLN E 15 -9.98 -17.49 -29.48
CA GLN E 15 -8.99 -16.48 -29.13
C GLN E 15 -9.70 -15.12 -28.97
N ALA E 16 -10.74 -14.85 -29.79
CA ALA E 16 -11.56 -13.67 -29.60
C ALA E 16 -12.16 -13.62 -28.20
N GLU E 17 -12.89 -14.67 -27.86
CA GLU E 17 -13.61 -14.74 -26.60
C GLU E 17 -12.62 -14.66 -25.44
N HIS E 18 -11.45 -15.28 -25.57
CA HIS E 18 -10.45 -15.19 -24.54
C HIS E 18 -9.99 -13.75 -24.38
N SER E 19 -9.84 -13.06 -25.51
CA SER E 19 -9.31 -11.71 -25.48
C SER E 19 -10.34 -10.77 -24.88
N LEU E 20 -11.58 -10.80 -25.39
CA LEU E 20 -12.65 -10.01 -24.83
C LEU E 20 -12.76 -10.21 -23.32
N ILE E 21 -12.74 -11.43 -22.84
CA ILE E 21 -12.93 -11.65 -21.43
C ILE E 21 -11.78 -11.01 -20.65
N PHE E 22 -10.56 -11.09 -21.15
CA PHE E 22 -9.44 -10.55 -20.38
C PHE E 22 -9.57 -9.04 -20.35
N TYR E 23 -10.02 -8.46 -21.47
CA TYR E 23 -10.17 -7.03 -21.55
C TYR E 23 -11.15 -6.57 -20.49
N PHE E 24 -12.36 -7.15 -20.51
CA PHE E 24 -13.42 -6.74 -19.61
C PHE E 24 -13.04 -7.02 -18.17
N LEU E 25 -12.41 -8.12 -17.90
CA LEU E 25 -12.05 -8.34 -16.52
C LEU E 25 -11.11 -7.26 -16.05
N ALA E 26 -10.13 -6.91 -16.88
CA ALA E 26 -9.08 -5.98 -16.53
C ALA E 26 -9.63 -4.56 -16.54
N LEU E 27 -10.52 -4.28 -17.46
CA LEU E 27 -11.17 -2.99 -17.48
C LEU E 27 -11.93 -2.76 -16.19
N THR E 28 -12.70 -3.75 -15.75
CA THR E 28 -13.51 -3.61 -14.56
C THR E 28 -12.60 -3.48 -13.35
N GLY E 29 -11.57 -4.28 -13.27
CA GLY E 29 -10.69 -4.15 -12.13
C GLY E 29 -10.02 -2.77 -12.07
N SER E 30 -9.70 -2.22 -13.24
CA SER E 30 -9.05 -0.93 -13.32
C SER E 30 -10.03 0.14 -12.88
N ALA E 31 -11.25 0.09 -13.41
CA ALA E 31 -12.23 1.09 -13.09
C ALA E 31 -12.51 1.10 -11.59
N LEU E 32 -12.47 -0.06 -10.95
CA LEU E 32 -12.80 -0.13 -9.53
C LEU E 32 -11.64 0.41 -8.72
N LEU E 33 -10.44 0.32 -9.26
CA LEU E 33 -9.31 0.89 -8.57
C LEU E 33 -9.33 2.42 -8.70
N PHE E 34 -9.82 2.92 -9.82
CA PHE E 34 -10.05 4.34 -9.96
C PHE E 34 -11.07 4.79 -8.92
N GLY E 35 -12.19 4.05 -8.84
CA GLY E 35 -13.24 4.33 -7.89
C GLY E 35 -12.72 4.37 -6.46
N LEU E 36 -11.78 3.49 -6.13
CA LEU E 36 -11.28 3.46 -4.79
C LEU E 36 -10.50 4.74 -4.51
N ALA E 37 -9.66 5.15 -5.46
CA ALA E 37 -8.94 6.38 -5.33
C ALA E 37 -9.91 7.55 -5.18
N ARG E 38 -10.92 7.60 -6.04
CA ARG E 38 -11.87 8.69 -6.02
C ARG E 38 -12.54 8.80 -4.65
N THR E 39 -12.76 7.65 -4.02
CA THR E 39 -13.48 7.59 -2.77
C THR E 39 -12.62 8.21 -1.68
N TRP E 40 -11.34 7.88 -1.70
CA TRP E 40 -10.43 8.38 -0.70
C TRP E 40 -10.15 9.85 -0.93
N LEU E 41 -10.12 10.27 -2.19
CA LEU E 41 -9.72 11.63 -2.49
C LEU E 41 -10.86 12.58 -2.21
N THR E 42 -12.07 12.09 -2.07
CA THR E 42 -13.21 12.97 -1.95
C THR E 42 -13.91 12.71 -0.64
N ARG E 43 -13.27 11.96 0.26
CA ARG E 43 -13.89 11.58 1.52
C ARG E 43 -14.15 12.80 2.41
N GLY E 44 -13.46 13.91 2.21
CA GLY E 44 -13.67 15.04 3.09
C GLY E 44 -14.64 16.07 2.56
N GLU E 45 -15.43 15.69 1.57
CA GLU E 45 -16.41 16.59 1.00
C GLU E 45 -17.72 16.42 1.73
N VAL E 46 -17.78 15.39 2.54
CA VAL E 46 -19.01 14.98 3.20
C VAL E 46 -18.85 15.20 4.69
N GLY E 47 -19.93 15.57 5.36
CA GLY E 47 -19.94 15.70 6.80
C GLY E 47 -19.78 14.37 7.53
N ALA E 48 -19.51 14.42 8.82
CA ALA E 48 -19.38 13.26 9.67
C ALA E 48 -20.75 12.62 9.87
N ARG E 49 -21.83 13.38 9.74
CA ARG E 49 -23.16 12.80 9.83
C ARG E 49 -23.39 11.81 8.71
N TYR E 50 -22.60 11.87 7.60
CA TYR E 50 -22.83 11.01 6.46
C TYR E 50 -21.59 10.19 6.14
N ARG E 51 -20.67 10.03 7.09
CA ARG E 51 -19.42 9.33 6.82
C ARG E 51 -19.64 7.84 6.53
N THR E 52 -20.81 7.30 6.88
CA THR E 52 -21.11 5.90 6.63
C THR E 52 -21.12 5.62 5.13
N ALA E 53 -21.56 6.61 4.36
CA ALA E 53 -21.57 6.47 2.92
C ALA E 53 -20.16 6.25 2.38
N VAL E 54 -19.19 6.97 2.90
CA VAL E 54 -17.81 6.83 2.46
C VAL E 54 -17.26 5.48 2.88
N VAL E 55 -17.68 5.04 4.06
CA VAL E 55 -17.17 3.80 4.61
C VAL E 55 -17.70 2.66 3.75
N ALA E 56 -19.00 2.69 3.45
CA ALA E 56 -19.58 1.64 2.65
C ALA E 56 -18.89 1.61 1.27
N ARG E 57 -18.88 2.76 0.62
CA ARG E 57 -18.29 2.87 -0.72
C ARG E 57 -16.83 2.42 -0.72
N SER E 58 -16.08 2.74 0.29
CA SER E 58 -14.70 2.29 0.37
C SER E 58 -14.60 0.78 0.44
N GLY E 59 -15.52 0.15 1.17
CA GLY E 59 -15.50 -1.29 1.31
C GLY E 59 -15.87 -1.96 0.01
N ILE E 60 -16.95 -1.46 -0.61
CA ILE E 60 -17.32 -1.92 -1.93
C ILE E 60 -16.13 -1.88 -2.87
N MET E 61 -15.44 -0.75 -2.96
CA MET E 61 -14.42 -0.60 -3.95
C MET E 61 -13.27 -1.53 -3.64
N ILE E 62 -12.94 -1.70 -2.37
CA ILE E 62 -11.78 -2.52 -2.02
C ILE E 62 -12.08 -3.97 -2.37
N VAL E 63 -13.19 -4.48 -1.88
CA VAL E 63 -13.51 -5.87 -2.07
C VAL E 63 -13.60 -6.16 -3.56
N ALA E 64 -14.29 -5.31 -4.29
CA ALA E 64 -14.52 -5.56 -5.70
C ALA E 64 -13.20 -5.52 -6.44
N THR E 65 -12.28 -4.68 -6.03
CA THR E 65 -11.02 -4.58 -6.72
C THR E 65 -10.22 -5.86 -6.52
N LEU E 66 -10.25 -6.40 -5.31
CA LEU E 66 -9.55 -7.64 -5.00
C LEU E 66 -10.16 -8.75 -5.84
N SER E 67 -11.47 -8.87 -5.77
CA SER E 67 -12.17 -9.86 -6.54
C SER E 67 -11.64 -9.89 -7.98
N TYR E 68 -11.52 -8.74 -8.62
CA TYR E 68 -11.25 -8.71 -10.04
C TYR E 68 -9.78 -9.02 -10.25
N VAL E 69 -8.94 -8.63 -9.31
CA VAL E 69 -7.53 -8.94 -9.44
C VAL E 69 -7.37 -10.46 -9.42
N PHE E 70 -7.96 -11.08 -8.40
CA PHE E 70 -7.94 -12.52 -8.29
C PHE E 70 -8.41 -13.13 -9.62
N MET E 71 -9.54 -12.65 -10.14
CA MET E 71 -10.17 -13.26 -11.29
C MET E 71 -9.29 -13.08 -12.51
N VAL E 72 -8.63 -11.94 -12.63
CA VAL E 72 -7.80 -11.69 -13.80
C VAL E 72 -6.62 -12.65 -13.77
N LEU E 73 -6.02 -12.83 -12.60
CA LEU E 73 -4.93 -13.79 -12.43
C LEU E 73 -5.43 -15.22 -12.68
N ALA E 74 -6.57 -15.59 -12.09
CA ALA E 74 -7.09 -16.93 -12.30
C ALA E 74 -7.49 -17.16 -13.77
N PHE E 75 -7.61 -16.08 -14.56
CA PHE E 75 -8.00 -16.24 -15.94
C PHE E 75 -6.77 -16.65 -16.71
N THR E 76 -5.65 -16.01 -16.40
CA THR E 76 -4.41 -16.27 -17.09
C THR E 76 -3.93 -17.69 -16.79
N SER E 77 -4.32 -18.23 -15.62
CA SER E 77 -3.89 -19.55 -15.23
C SER E 77 -5.02 -20.59 -15.34
N GLY E 78 -6.18 -20.20 -15.84
CA GLY E 78 -7.30 -21.12 -15.84
C GLY E 78 -7.62 -21.63 -17.24
N TYR E 79 -6.89 -21.13 -18.22
CA TYR E 79 -7.16 -21.48 -19.60
C TYR E 79 -5.81 -21.72 -20.28
N ASP E 80 -5.70 -22.85 -21.00
CA ASP E 80 -4.46 -23.24 -21.67
C ASP E 80 -4.76 -23.32 -23.17
N HIS E 81 -3.84 -22.79 -23.98
CA HIS E 81 -4.12 -22.57 -25.40
C HIS E 81 -3.87 -23.84 -26.22
N VAL E 82 -4.74 -24.83 -26.06
CA VAL E 82 -4.59 -26.10 -26.76
C VAL E 82 -5.20 -25.96 -28.15
N GLY E 83 -4.35 -25.91 -29.17
CA GLY E 83 -4.86 -25.63 -30.50
C GLY E 83 -5.18 -24.14 -30.62
N SER E 84 -6.20 -23.82 -31.42
CA SER E 84 -6.66 -22.44 -31.55
C SER E 84 -7.49 -22.02 -30.33
N LEU E 85 -8.18 -22.99 -29.71
CA LEU E 85 -9.09 -22.72 -28.60
C LEU E 85 -8.32 -22.65 -27.28
N TRP E 86 -8.92 -22.01 -26.27
CA TRP E 86 -8.37 -22.06 -24.92
C TRP E 86 -9.24 -22.99 -24.08
N VAL E 87 -8.58 -23.98 -23.46
CA VAL E 87 -9.32 -25.01 -22.76
C VAL E 87 -9.33 -24.64 -21.28
N PRO E 88 -10.49 -24.74 -20.62
CA PRO E 88 -10.58 -24.45 -19.20
C PRO E 88 -9.87 -25.50 -18.36
N ASN E 89 -9.08 -25.05 -17.37
CA ASN E 89 -8.42 -25.90 -16.38
C ASN E 89 -9.32 -26.02 -15.16
N SER E 90 -8.76 -26.35 -14.00
CA SER E 90 -9.53 -26.32 -12.76
C SER E 90 -9.68 -24.90 -12.21
N GLU E 91 -8.73 -24.01 -12.56
CA GLU E 91 -8.73 -22.63 -12.08
C GLU E 91 -9.74 -21.78 -12.87
N ALA E 92 -10.43 -22.36 -13.84
CA ALA E 92 -11.43 -21.63 -14.59
C ALA E 92 -12.56 -21.17 -13.67
N ILE E 93 -13.01 -22.03 -12.75
CA ILE E 93 -14.09 -21.64 -11.84
C ILE E 93 -13.70 -20.43 -10.99
N MET E 94 -12.40 -20.23 -10.81
CA MET E 94 -11.92 -19.09 -10.05
C MET E 94 -11.97 -17.82 -10.90
N THR E 95 -12.61 -17.90 -12.07
CA THR E 95 -12.79 -16.69 -12.87
C THR E 95 -14.23 -16.22 -12.76
N ILE E 96 -15.03 -16.95 -11.99
CA ILE E 96 -16.45 -16.68 -11.92
C ILE E 96 -16.91 -16.69 -10.46
N ALA E 97 -16.42 -17.65 -9.69
CA ALA E 97 -16.83 -17.85 -8.31
C ALA E 97 -16.50 -16.67 -7.40
N PRO E 98 -15.34 -16.02 -7.50
CA PRO E 98 -15.03 -14.87 -6.65
C PRO E 98 -16.05 -13.74 -6.69
N ARG E 99 -16.79 -13.63 -7.78
CA ARG E 99 -17.84 -12.64 -7.86
C ARG E 99 -18.80 -12.76 -6.68
N TYR E 100 -19.18 -13.97 -6.32
CA TYR E 100 -20.19 -14.15 -5.28
C TYR E 100 -19.64 -13.77 -3.90
N VAL E 101 -18.32 -13.88 -3.75
CA VAL E 101 -17.71 -13.44 -2.52
C VAL E 101 -17.89 -11.94 -2.47
N GLU E 102 -17.46 -11.27 -3.53
CA GLU E 102 -17.61 -9.83 -3.66
C GLU E 102 -19.05 -9.38 -3.43
N TRP E 103 -20.00 -9.99 -4.12
CA TRP E 103 -21.38 -9.55 -4.00
C TRP E 103 -21.93 -9.76 -2.60
N SER E 104 -21.35 -10.69 -1.86
CA SER E 104 -21.84 -10.98 -0.53
C SER E 104 -21.50 -9.83 0.41
N ILE E 105 -20.39 -9.15 0.13
CA ILE E 105 -20.03 -7.98 0.91
C ILE E 105 -20.73 -6.75 0.32
N ALA E 106 -20.71 -6.63 -1.01
CA ALA E 106 -21.05 -5.41 -1.72
C ALA E 106 -22.55 -5.14 -1.67
N VAL E 107 -23.37 -6.13 -1.89
CA VAL E 107 -24.79 -5.84 -1.96
C VAL E 107 -25.29 -5.35 -0.60
N PRO E 108 -24.91 -5.99 0.52
CA PRO E 108 -25.23 -5.45 1.84
C PRO E 108 -24.69 -4.02 2.04
N LEU E 109 -23.42 -3.80 1.67
CA LEU E 109 -22.83 -2.48 1.77
C LEU E 109 -23.55 -1.45 0.90
N LEU E 110 -24.01 -1.81 -0.29
CA LEU E 110 -24.73 -0.89 -1.14
C LEU E 110 -26.04 -0.52 -0.47
N SER E 111 -26.63 -1.45 0.28
CA SER E 111 -27.88 -1.15 0.95
C SER E 111 -27.61 -0.12 2.06
N ILE E 112 -26.47 -0.26 2.71
CA ILE E 112 -26.11 0.61 3.80
C ILE E 112 -25.82 1.99 3.26
N GLU E 113 -25.07 2.06 2.16
CA GLU E 113 -24.79 3.32 1.49
C GLU E 113 -26.07 4.08 1.17
N LEU E 114 -27.11 3.37 0.74
CA LEU E 114 -28.34 4.02 0.38
C LEU E 114 -29.07 4.55 1.60
N LEU E 115 -29.09 3.79 2.68
CA LEU E 115 -29.85 4.20 3.85
C LEU E 115 -29.06 5.25 4.63
N SER E 116 -27.79 5.37 4.30
CA SER E 116 -26.92 6.34 4.92
C SER E 116 -27.44 7.75 4.71
N VAL E 117 -27.99 8.03 3.54
CA VAL E 117 -28.35 9.37 3.16
C VAL E 117 -29.86 9.54 3.28
N ALA E 118 -30.57 8.52 3.74
CA ALA E 118 -31.98 8.65 4.03
C ALA E 118 -32.19 9.19 5.44
N THR E 119 -33.44 9.57 5.77
CA THR E 119 -33.76 10.18 7.06
C THR E 119 -34.28 9.14 8.06
N LEU E 120 -33.48 8.12 8.35
CA LEU E 120 -33.73 7.22 9.45
C LEU E 120 -32.64 7.43 10.50
N SER E 121 -33.00 7.41 11.79
CA SER E 121 -32.02 7.70 12.83
C SER E 121 -32.29 6.86 14.08
N GLY E 122 -31.22 6.64 14.86
CA GLY E 122 -31.30 5.91 16.11
C GLY E 122 -31.40 4.40 15.88
N VAL E 123 -32.27 3.75 16.66
CA VAL E 123 -32.45 2.30 16.58
C VAL E 123 -33.30 1.97 15.36
N SER E 124 -34.05 2.94 14.84
CA SER E 124 -34.78 2.78 13.58
C SER E 124 -33.81 2.51 12.42
N ALA E 125 -32.68 3.21 12.45
CA ALA E 125 -31.59 3.02 11.51
C ALA E 125 -30.72 1.85 11.93
N ARG E 126 -31.33 0.86 12.59
CA ARG E 126 -30.65 -0.36 13.00
C ARG E 126 -31.52 -1.53 12.58
N ARG E 127 -32.81 -1.51 12.90
CA ARG E 127 -33.68 -2.57 12.45
C ARG E 127 -33.59 -2.73 10.93
N THR E 128 -33.88 -1.65 10.20
CA THR E 128 -33.89 -1.66 8.74
C THR E 128 -32.50 -2.05 8.24
N ARG E 129 -31.46 -1.53 8.86
CA ARG E 129 -30.13 -1.81 8.37
C ARG E 129 -29.78 -3.29 8.51
N LEU E 130 -30.17 -3.91 9.62
CA LEU E 130 -29.88 -5.33 9.81
C LEU E 130 -30.72 -6.16 8.85
N ALA E 131 -31.98 -5.81 8.75
CA ALA E 131 -32.85 -6.60 7.89
C ALA E 131 -32.36 -6.57 6.44
N ALA E 132 -31.93 -5.41 5.99
CA ALA E 132 -31.45 -5.26 4.62
C ALA E 132 -30.17 -6.05 4.47
N VAL E 133 -29.22 -5.85 5.38
CA VAL E 133 -27.97 -6.59 5.30
C VAL E 133 -28.21 -8.09 5.27
N ALA E 134 -29.14 -8.56 6.09
CA ALA E 134 -29.46 -9.97 6.15
C ALA E 134 -30.00 -10.44 4.80
N GLY E 135 -31.05 -9.75 4.33
CA GLY E 135 -31.68 -10.07 3.07
C GLY E 135 -30.68 -10.10 1.93
N ALA E 136 -29.86 -9.07 1.87
CA ALA E 136 -28.92 -8.92 0.78
C ALA E 136 -27.95 -10.09 0.79
N PHE E 137 -27.36 -10.42 1.95
CA PHE E 137 -26.38 -11.47 2.03
C PHE E 137 -27.03 -12.81 1.69
N LEU E 138 -28.23 -13.03 2.22
CA LEU E 138 -28.89 -14.29 1.98
C LEU E 138 -29.23 -14.49 0.50
N MET E 139 -29.55 -13.41 -0.20
CA MET E 139 -29.83 -13.49 -1.62
C MET E 139 -28.59 -13.92 -2.38
N ILE E 140 -27.44 -13.39 -2.02
CA ILE E 140 -26.23 -13.76 -2.74
C ILE E 140 -25.84 -15.18 -2.37
N PHE E 141 -26.03 -15.56 -1.11
CA PHE E 141 -25.50 -16.81 -0.60
C PHE E 141 -26.32 -17.96 -1.18
N THR E 142 -27.64 -17.82 -1.17
CA THR E 142 -28.50 -18.79 -1.81
C THR E 142 -28.15 -18.93 -3.29
N GLY E 143 -27.83 -17.83 -3.95
CA GLY E 143 -27.44 -17.87 -5.33
C GLY E 143 -26.16 -18.64 -5.53
N PHE E 144 -25.17 -18.37 -4.71
CA PHE E 144 -23.90 -19.09 -4.74
C PHE E 144 -24.12 -20.59 -4.56
N LEU E 145 -25.11 -20.98 -3.76
CA LEU E 145 -25.30 -22.39 -3.49
C LEU E 145 -25.75 -23.08 -4.78
N GLY E 146 -26.80 -22.52 -5.39
CA GLY E 146 -27.33 -23.03 -6.64
C GLY E 146 -26.31 -23.03 -7.77
N ALA E 147 -25.47 -22.01 -7.82
CA ALA E 147 -24.68 -21.77 -9.00
C ALA E 147 -23.28 -22.36 -8.93
N VAL E 148 -22.80 -22.67 -7.73
CA VAL E 148 -21.43 -23.10 -7.58
C VAL E 148 -21.36 -24.34 -6.71
N VAL E 149 -22.24 -24.48 -5.71
CA VAL E 149 -22.00 -25.47 -4.67
C VAL E 149 -22.89 -26.68 -4.92
N ILE E 150 -24.19 -26.53 -4.78
CA ILE E 150 -25.08 -27.68 -4.79
C ILE E 150 -25.41 -28.10 -6.21
N GLY E 151 -24.69 -29.07 -6.75
CA GLY E 151 -24.86 -29.47 -8.14
C GLY E 151 -23.64 -29.17 -8.99
N ASP E 152 -22.72 -28.36 -8.46
CA ASP E 152 -21.49 -27.99 -9.17
C ASP E 152 -21.77 -26.99 -10.29
N GLY E 153 -22.92 -26.29 -10.23
CA GLY E 153 -23.33 -25.40 -11.30
C GLY E 153 -23.59 -26.15 -12.60
N ARG E 154 -24.02 -27.41 -12.48
CA ARG E 154 -24.32 -28.25 -13.63
C ARG E 154 -25.72 -28.82 -13.47
N SER E 155 -26.49 -28.37 -12.49
CA SER E 155 -27.79 -28.94 -12.27
C SER E 155 -28.85 -27.88 -12.52
N VAL E 156 -29.76 -28.13 -13.46
CA VAL E 156 -30.79 -27.14 -13.72
C VAL E 156 -31.68 -27.01 -12.49
N GLY E 157 -32.08 -28.14 -11.89
CA GLY E 157 -33.05 -28.07 -10.82
C GLY E 157 -32.49 -27.34 -9.60
N SER E 158 -31.20 -27.52 -9.34
CA SER E 158 -30.55 -26.80 -8.26
C SER E 158 -30.53 -25.31 -8.60
N LEU E 159 -30.12 -24.99 -9.83
CA LEU E 159 -30.06 -23.61 -10.31
C LEU E 159 -31.43 -22.96 -10.21
N ILE E 160 -32.48 -23.71 -10.52
CA ILE E 160 -33.81 -23.14 -10.49
C ILE E 160 -34.31 -22.96 -9.07
N ILE E 161 -34.05 -23.94 -8.20
CA ILE E 161 -34.57 -23.87 -6.85
C ILE E 161 -33.88 -22.74 -6.10
N TRP E 162 -32.55 -22.78 -6.05
CA TRP E 162 -31.83 -21.78 -5.29
C TRP E 162 -31.98 -20.40 -5.91
N GLY E 163 -32.21 -20.34 -7.22
CA GLY E 163 -32.50 -19.08 -7.88
C GLY E 163 -33.79 -18.50 -7.36
N ALA E 164 -34.78 -19.35 -7.11
CA ALA E 164 -36.07 -18.88 -6.67
C ALA E 164 -35.98 -18.40 -5.23
N ILE E 165 -35.14 -19.06 -4.46
CA ILE E 165 -34.94 -18.69 -3.07
C ILE E 165 -34.28 -17.30 -3.09
N SER E 166 -33.25 -17.20 -3.91
CA SER E 166 -32.49 -15.98 -3.95
C SER E 166 -33.40 -14.81 -4.35
N THR E 167 -34.41 -15.10 -5.17
CA THR E 167 -35.31 -14.10 -5.67
C THR E 167 -36.27 -13.66 -4.58
N VAL E 168 -36.62 -14.56 -3.68
CA VAL E 168 -37.47 -14.18 -2.57
C VAL E 168 -36.74 -13.16 -1.70
N PHE E 169 -35.50 -13.46 -1.35
CA PHE E 169 -34.72 -12.55 -0.55
C PHE E 169 -34.53 -11.22 -1.27
N TRP E 170 -34.40 -11.23 -2.60
CA TRP E 170 -34.33 -10.01 -3.38
C TRP E 170 -35.55 -9.15 -3.11
N ILE E 171 -36.73 -9.71 -3.30
CA ILE E 171 -37.95 -8.97 -3.06
C ILE E 171 -38.01 -8.43 -1.64
N ILE E 172 -37.52 -9.19 -0.68
CA ILE E 172 -37.60 -8.78 0.71
C ILE E 172 -36.70 -7.56 0.90
N THR E 173 -35.43 -7.69 0.54
CA THR E 173 -34.49 -6.59 0.65
C THR E 173 -35.03 -5.35 -0.07
N ALA E 174 -35.52 -5.54 -1.29
CA ALA E 174 -35.98 -4.43 -2.10
C ALA E 174 -37.15 -3.72 -1.44
N VAL E 175 -38.08 -4.48 -0.89
CA VAL E 175 -39.21 -3.87 -0.21
C VAL E 175 -38.74 -3.09 1.01
N ILE E 176 -37.92 -3.71 1.84
CA ILE E 176 -37.39 -3.02 3.00
C ILE E 176 -36.77 -1.69 2.57
N LEU E 177 -35.84 -1.72 1.62
CA LEU E 177 -35.17 -0.51 1.19
C LEU E 177 -36.19 0.48 0.68
N ILE E 178 -37.08 0.06 -0.21
CA ILE E 178 -37.95 1.02 -0.88
C ILE E 178 -38.89 1.65 0.14
N ARG E 179 -39.31 0.88 1.12
CA ARG E 179 -40.19 1.41 2.15
C ARG E 179 -39.44 2.45 2.96
N ALA E 180 -38.15 2.22 3.19
CA ALA E 180 -37.36 3.14 3.98
C ALA E 180 -37.19 4.44 3.23
N ILE E 181 -36.90 4.34 1.93
CA ILE E 181 -36.71 5.52 1.12
C ILE E 181 -38.02 6.26 1.07
N ARG E 182 -39.13 5.55 0.86
CA ARG E 182 -40.41 6.20 0.65
C ARG E 182 -40.79 6.98 1.89
N HIS E 183 -40.29 6.56 3.05
CA HIS E 183 -40.54 7.27 4.28
C HIS E 183 -39.63 8.50 4.42
N SER E 184 -38.44 8.42 3.84
CA SER E 184 -37.46 9.50 3.93
C SER E 184 -37.81 10.63 2.97
N LEU E 185 -38.27 10.29 1.78
CA LEU E 185 -38.41 11.29 0.73
C LEU E 185 -39.19 12.49 1.25
N PRO E 186 -40.30 12.30 1.96
CA PRO E 186 -41.09 13.43 2.45
C PRO E 186 -40.34 14.34 3.43
N GLN E 187 -39.34 13.78 4.10
CA GLN E 187 -38.64 14.48 5.16
C GLN E 187 -37.32 15.09 4.65
N LEU E 188 -36.96 14.82 3.40
CA LEU E 188 -35.77 15.41 2.81
C LEU E 188 -36.20 16.72 2.15
N THR E 189 -35.22 17.54 1.75
CA THR E 189 -35.49 18.70 0.90
C THR E 189 -35.78 18.22 -0.51
N PRO E 190 -36.57 18.96 -1.30
CA PRO E 190 -36.92 18.54 -2.65
C PRO E 190 -35.72 18.08 -3.48
N GLU E 191 -34.64 18.86 -3.42
CA GLU E 191 -33.49 18.60 -4.26
C GLU E 191 -32.82 17.28 -3.88
N ALA E 192 -32.75 17.02 -2.57
CA ALA E 192 -32.19 15.78 -2.09
C ALA E 192 -33.15 14.64 -2.39
N ALA E 193 -34.43 14.85 -2.13
CA ALA E 193 -35.43 13.80 -2.30
C ALA E 193 -35.40 13.32 -3.74
N ALA E 194 -35.25 14.26 -4.67
CA ALA E 194 -35.28 13.91 -6.07
C ALA E 194 -34.10 13.00 -6.40
N LEU E 195 -32.91 13.36 -5.92
CA LEU E 195 -31.74 12.57 -6.20
C LEU E 195 -31.85 11.20 -5.55
N LEU E 196 -32.51 11.13 -4.39
CA LEU E 196 -32.55 9.89 -3.63
C LEU E 196 -33.52 8.92 -4.29
N LYS E 197 -34.59 9.46 -4.88
CA LYS E 197 -35.50 8.65 -5.68
C LYS E 197 -34.73 8.04 -6.85
N THR E 198 -34.04 8.90 -7.60
CA THR E 198 -33.26 8.45 -8.72
C THR E 198 -32.29 7.36 -8.29
N ALA E 199 -31.58 7.58 -7.20
CA ALA E 199 -30.54 6.64 -6.82
C ALA E 199 -31.15 5.30 -6.43
N THR E 200 -32.33 5.33 -5.82
CA THR E 200 -33.04 4.09 -5.49
C THR E 200 -33.39 3.32 -6.76
N ILE E 201 -33.92 4.02 -7.76
CA ILE E 201 -34.25 3.42 -9.03
C ILE E 201 -33.00 2.83 -9.69
N PHE E 202 -31.91 3.55 -9.64
CA PHE E 202 -30.68 3.11 -10.28
C PHE E 202 -30.21 1.83 -9.62
N LEU E 203 -30.25 1.74 -8.28
CA LEU E 203 -29.67 0.60 -7.60
C LEU E 203 -30.53 -0.62 -7.85
N MET E 204 -31.85 -0.43 -7.78
CA MET E 204 -32.75 -1.55 -7.92
C MET E 204 -32.65 -2.06 -9.36
N SER E 205 -32.59 -1.13 -10.30
CA SER E 205 -32.54 -1.46 -11.71
C SER E 205 -31.23 -2.16 -12.05
N GLY E 206 -30.16 -1.74 -11.41
CA GLY E 206 -28.89 -2.39 -11.61
C GLY E 206 -28.86 -3.78 -11.00
N TRP E 207 -29.63 -4.00 -9.94
CA TRP E 207 -29.67 -5.31 -9.29
C TRP E 207 -30.44 -6.30 -10.16
N ALA E 208 -31.15 -5.81 -11.17
CA ALA E 208 -31.96 -6.68 -12.00
C ALA E 208 -31.12 -7.34 -13.08
N VAL E 209 -29.94 -6.78 -13.32
CA VAL E 209 -29.11 -7.22 -14.43
C VAL E 209 -28.41 -8.51 -14.00
N TYR E 210 -28.05 -8.59 -12.73
CA TYR E 210 -27.26 -9.70 -12.26
C TYR E 210 -28.03 -11.01 -12.43
N PRO E 211 -29.31 -11.13 -12.00
CA PRO E 211 -30.11 -12.33 -12.28
C PRO E 211 -30.16 -12.77 -13.75
N LEU E 212 -29.86 -11.90 -14.70
CA LEU E 212 -29.83 -12.31 -16.11
C LEU E 212 -28.64 -13.22 -16.38
N ALA E 213 -27.50 -12.91 -15.80
CA ALA E 213 -26.34 -13.77 -15.96
C ALA E 213 -26.59 -15.15 -15.37
N TYR E 214 -27.48 -15.21 -14.38
CA TYR E 214 -27.89 -16.46 -13.80
C TYR E 214 -28.78 -17.24 -14.75
N LEU E 215 -29.73 -16.59 -15.40
CA LEU E 215 -30.62 -17.29 -16.31
C LEU E 215 -29.85 -17.82 -17.51
N ILE E 216 -28.78 -17.14 -17.90
CA ILE E 216 -28.01 -17.64 -19.00
C ILE E 216 -27.45 -19.00 -18.58
N GLN E 217 -26.76 -19.03 -17.45
CA GLN E 217 -26.14 -20.26 -16.98
C GLN E 217 -27.13 -21.42 -17.01
N ILE E 218 -28.37 -21.17 -16.64
CA ILE E 218 -29.37 -22.21 -16.70
C ILE E 218 -29.64 -22.62 -18.14
N LEU E 219 -29.81 -21.63 -19.04
CA LEU E 219 -30.41 -21.87 -20.35
C LEU E 219 -29.39 -22.17 -21.44
N PHE E 220 -28.24 -21.51 -21.44
CA PHE E 220 -27.33 -21.58 -22.57
C PHE E 220 -25.92 -21.90 -22.09
N ALA E 221 -25.23 -22.79 -22.79
CA ALA E 221 -23.83 -23.02 -22.48
C ALA E 221 -23.02 -22.91 -23.76
N GLY E 222 -21.74 -22.55 -23.62
CA GLY E 222 -20.92 -22.24 -24.76
C GLY E 222 -19.86 -21.21 -24.41
N GLY E 223 -18.89 -21.02 -25.29
CA GLY E 223 -17.90 -19.97 -25.10
C GLY E 223 -18.48 -18.58 -25.34
N LEU E 224 -19.45 -18.49 -26.27
CA LEU E 224 -20.13 -17.24 -26.49
C LEU E 224 -20.82 -16.82 -25.20
N TRP E 225 -21.52 -17.78 -24.58
CA TRP E 225 -22.31 -17.52 -23.40
C TRP E 225 -21.45 -17.30 -22.17
N THR E 226 -20.31 -17.94 -22.09
CA THR E 226 -19.40 -17.61 -21.03
C THR E 226 -18.88 -16.17 -21.21
N THR E 227 -18.71 -15.75 -22.45
CA THR E 227 -18.22 -14.42 -22.74
C THR E 227 -19.32 -13.41 -22.41
N SER E 228 -20.54 -13.74 -22.82
CA SER E 228 -21.66 -12.88 -22.53
C SER E 228 -21.77 -12.64 -21.04
N ILE E 229 -21.63 -13.70 -20.24
CA ILE E 229 -21.83 -13.58 -18.82
C ILE E 229 -20.79 -12.62 -18.28
N HIS E 230 -19.57 -12.75 -18.74
CA HIS E 230 -18.48 -11.96 -18.21
C HIS E 230 -18.69 -10.50 -18.59
N ILE E 231 -19.21 -10.28 -19.77
CA ILE E 231 -19.34 -8.91 -20.25
C ILE E 231 -20.47 -8.29 -19.45
N ILE E 232 -21.61 -8.95 -19.41
CA ILE E 232 -22.74 -8.44 -18.66
C ILE E 232 -22.34 -8.10 -17.23
N LEU E 233 -21.69 -9.01 -16.53
CA LEU E 233 -21.44 -8.78 -15.13
C LEU E 233 -20.38 -7.70 -14.93
N CYS E 234 -19.39 -7.67 -15.80
CA CYS E 234 -18.36 -6.65 -15.73
C CYS E 234 -18.95 -5.28 -16.01
N THR E 235 -19.77 -5.21 -17.03
CA THR E 235 -20.38 -3.95 -17.36
C THR E 235 -21.26 -3.48 -16.22
N ALA E 236 -22.05 -4.38 -15.67
CA ALA E 236 -22.96 -4.03 -14.61
C ALA E 236 -22.19 -3.49 -13.41
N ASP E 237 -21.06 -4.11 -13.10
CA ASP E 237 -20.24 -3.68 -12.01
C ASP E 237 -19.74 -2.26 -12.21
N ILE E 238 -19.33 -1.92 -13.41
CA ILE E 238 -18.78 -0.59 -13.65
C ILE E 238 -19.90 0.43 -13.47
N VAL E 239 -21.05 0.14 -14.04
CA VAL E 239 -22.14 1.09 -14.00
C VAL E 239 -22.66 1.25 -12.58
N VAL E 240 -22.84 0.18 -11.87
CA VAL E 240 -23.40 0.27 -10.53
C VAL E 240 -22.34 0.77 -9.55
N LYS E 241 -21.14 0.25 -9.61
CA LYS E 241 -20.18 0.64 -8.59
C LYS E 241 -19.49 1.95 -8.92
N LEU E 242 -19.65 2.51 -10.11
CA LEU E 242 -19.16 3.87 -10.35
C LEU E 242 -20.30 4.86 -10.40
N GLY E 243 -21.34 4.51 -11.12
CA GLY E 243 -22.52 5.35 -11.22
C GLY E 243 -23.24 5.58 -9.90
N PHE E 244 -23.65 4.52 -9.25
CA PHE E 244 -24.46 4.66 -8.05
C PHE E 244 -23.64 5.31 -6.94
N CYS E 245 -22.35 4.99 -6.88
CA CYS E 245 -21.53 5.43 -5.75
C CYS E 245 -21.18 6.91 -5.92
N GLY E 246 -21.22 7.40 -7.16
CA GLY E 246 -21.20 8.82 -7.39
C GLY E 246 -22.51 9.50 -6.98
N LEU E 247 -23.65 8.86 -7.20
CA LEU E 247 -24.91 9.47 -6.86
C LEU E 247 -25.07 9.65 -5.36
N ILE E 248 -24.58 8.69 -4.59
CA ILE E 248 -24.79 8.78 -3.17
C ILE E 248 -23.87 9.85 -2.61
N HIS E 249 -22.66 9.96 -3.14
CA HIS E 249 -21.77 11.03 -2.76
C HIS E 249 -22.37 12.41 -3.02
N ARG E 250 -23.12 12.59 -4.11
CA ARG E 250 -23.66 13.89 -4.39
C ARG E 250 -24.77 14.19 -3.39
N ILE E 251 -25.48 13.18 -2.91
CA ILE E 251 -26.57 13.40 -2.00
C ILE E 251 -25.99 13.67 -0.63
N ALA E 252 -24.90 13.01 -0.31
CA ALA E 252 -24.25 13.23 0.95
C ALA E 252 -23.68 14.66 1.00
N LYS E 253 -23.13 15.13 -0.14
CA LYS E 253 -22.57 16.46 -0.22
C LYS E 253 -23.68 17.48 -0.11
N LEU E 254 -24.77 17.20 -0.79
CA LEU E 254 -25.87 18.14 -0.75
C LEU E 254 -26.48 18.22 0.64
N ARG E 255 -26.49 17.12 1.37
CA ARG E 255 -27.08 17.08 2.70
C ARG E 255 -26.11 17.77 3.66
N THR E 256 -24.82 17.50 3.51
CA THR E 256 -23.84 18.24 4.27
C THR E 256 -24.01 19.74 4.10
N ALA E 257 -24.09 20.21 2.87
CA ALA E 257 -24.26 21.60 2.59
C ALA E 257 -25.54 22.16 3.18
N GLU E 258 -26.60 21.38 3.24
CA GLU E 258 -27.85 21.88 3.77
C GLU E 258 -27.69 22.06 5.26
N ASP E 259 -26.90 21.17 5.90
CA ASP E 259 -26.74 21.21 7.33
C ASP E 259 -25.95 22.45 7.70
N VAL E 260 -24.92 22.74 6.90
CA VAL E 260 -24.06 23.88 7.09
C VAL E 260 -24.88 25.14 6.99
N ARG E 261 -25.75 25.23 6.02
CA ARG E 261 -26.53 26.43 5.88
C ARG E 261 -27.53 26.57 7.03
N ALA E 262 -27.94 25.46 7.62
CA ALA E 262 -28.99 25.49 8.65
C ALA E 262 -28.40 25.68 10.04
N GLY E 263 -27.08 25.51 10.15
CA GLY E 263 -26.41 25.63 11.43
C GLY E 263 -26.34 24.30 12.18
N VAL E 264 -26.89 23.26 11.57
CA VAL E 264 -26.83 21.94 12.17
C VAL E 264 -25.37 21.52 12.32
N ASP E 265 -24.48 21.94 11.44
CA ASP E 265 -23.07 21.60 11.57
C ASP E 265 -22.22 22.58 10.77
N ILE E 266 -20.89 22.46 10.81
CA ILE E 266 -20.00 23.34 10.08
C ILE E 266 -19.08 22.45 9.28
N HIS E 267 -18.58 22.91 8.13
CA HIS E 267 -17.74 22.05 7.32
C HIS E 267 -16.49 22.83 7.03
N THR E 268 -15.36 22.16 6.98
CA THR E 268 -14.08 22.86 6.87
C THR E 268 -13.87 23.45 5.48
N GLU E 269 -14.40 22.82 4.44
CA GLU E 269 -14.19 23.31 3.09
C GLU E 269 -15.53 23.62 2.46
N ALA E 270 -15.55 24.46 1.42
CA ALA E 270 -16.78 24.73 0.70
C ALA E 270 -17.17 23.49 -0.09
N ILE E 271 -18.47 23.37 -0.36
CA ILE E 271 -18.99 22.24 -1.08
C ILE E 271 -19.43 22.76 -2.43
N TRP E 272 -18.90 22.11 -3.48
CA TRP E 272 -19.23 22.43 -4.87
C TRP E 272 -19.91 21.21 -5.46
N ILE E 273 -21.03 21.41 -6.14
CA ILE E 273 -21.68 20.32 -6.83
C ILE E 273 -22.02 20.79 -8.24
N SER E 274 -21.28 20.29 -9.24
CA SER E 274 -21.51 20.72 -10.61
C SER E 274 -20.93 22.13 -10.81
N SER E 275 -19.80 22.40 -10.17
CA SER E 275 -19.22 23.73 -10.21
C SER E 275 -20.20 24.80 -9.74
N VAL E 276 -21.12 24.45 -8.85
CA VAL E 276 -21.87 25.44 -8.12
C VAL E 276 -21.66 25.29 -6.61
N LYS E 277 -21.37 26.42 -5.93
CA LYS E 277 -21.03 26.39 -4.52
C LYS E 277 -22.33 26.20 -3.76
N GLN E 278 -22.33 25.23 -2.85
CA GLN E 278 -23.53 24.84 -2.14
C GLN E 278 -23.46 25.41 -0.75
N SER E 279 -22.24 25.48 -0.19
CA SER E 279 -22.01 25.96 1.16
C SER E 279 -20.59 26.51 1.23
N ASP E 280 -20.32 27.41 2.19
CA ASP E 280 -18.99 27.98 2.40
C ASP E 280 -18.23 27.21 3.47
N ALA E 281 -16.90 27.36 3.51
CA ALA E 281 -16.08 26.81 4.59
C ALA E 281 -16.29 27.62 5.87
N GLY E 282 -16.17 26.94 7.03
CA GLY E 282 -16.42 27.53 8.34
C GLY E 282 -15.46 27.00 9.40
N ILE E 283 -15.28 27.77 10.48
CA ILE E 283 -14.38 27.40 11.58
C ILE E 283 -15.21 27.03 12.80
N PRO E 284 -14.82 25.95 13.53
CA PRO E 284 -15.56 25.51 14.72
C PRO E 284 -15.72 26.66 15.69
N THR E 285 -16.96 27.06 15.96
CA THR E 285 -17.25 28.17 16.85
C THR E 285 -16.31 29.35 16.55
C1B LMT F . 5.00 23.35 -8.82
C2B LMT F . 5.32 24.81 -9.12
C3B LMT F . 6.04 25.51 -7.98
C4B LMT F . 5.47 25.21 -6.60
C5B LMT F . 5.23 23.69 -6.42
C6B LMT F . 4.53 23.30 -5.13
O1B LMT F . 6.19 22.59 -8.99
O2B LMT F . 6.15 24.83 -10.27
O3B LMT F . 6.07 26.92 -8.22
O4' LMT F . 6.41 25.67 -5.62
O5B LMT F . 4.41 23.21 -7.51
O6B LMT F . 3.48 24.19 -4.74
C1' LMT F . 7.51 19.14 -10.88
C2' LMT F . 7.16 20.34 -11.77
C3' LMT F . 6.96 21.62 -10.95
C4' LMT F . 6.06 21.38 -9.75
C5' LMT F . 6.47 20.14 -8.96
C6' LMT F . 5.51 19.75 -7.85
O1' LMT F . 7.53 17.97 -11.65
O2' LMT F . 8.19 20.54 -12.75
O3' LMT F . 6.40 22.62 -11.79
O5' LMT F . 6.53 18.99 -9.87
O6' LMT F . 5.57 20.67 -6.73
C1 LMT F . 8.79 17.65 -12.30
C2 LMT F . 8.52 16.56 -13.31
C3 LMT F . 9.65 16.32 -14.29
C4 LMT F . 10.72 15.48 -13.70
C5 LMT F . 10.69 14.03 -14.08
C6 LMT F . 11.50 13.70 -15.29
C7 LMT F . 11.68 12.22 -15.54
C8 LMT F . 12.32 11.90 -16.88
C9 LMT F . 12.18 10.48 -17.34
C10 LMT F . 12.49 10.27 -18.82
C1B LMT G . -17.67 16.41 -8.08
C2B LMT G . -18.59 17.55 -8.49
C3B LMT G . -17.86 18.87 -8.66
C4B LMT G . -16.85 19.16 -7.55
C5B LMT G . -15.96 17.94 -7.26
C6B LMT G . -15.02 18.09 -6.09
O1B LMT G . -16.96 15.97 -9.24
O2B LMT G . -19.17 17.19 -9.74
O3B LMT G . -18.81 19.95 -8.76
O4' LMT G . -16.04 20.26 -7.97
O5B LMT G . -16.81 16.81 -6.99
O6B LMT G . -15.58 18.76 -4.95
C1' LMT G . -16.01 12.50 -11.31
C2' LMT G . -17.48 12.93 -11.29
C3' LMT G . -17.65 14.36 -10.75
C4' LMT G . -16.90 14.56 -9.45
C5' LMT G . -15.45 14.06 -9.53
C6' LMT G . -14.73 14.03 -8.19
O1' LMT G . -15.91 11.14 -11.62
O2' LMT G . -18.03 12.82 -12.60
O3' LMT G . -19.03 14.62 -10.56
O5' LMT G . -15.42 12.69 -10.03
O6' LMT G . -14.40 15.36 -7.73
C1 LMT G . -15.86 10.82 -13.03
C2 LMT G . -16.15 9.34 -13.19
C3 LMT G . -16.37 8.92 -14.64
C4 LMT G . -15.09 8.79 -15.39
C5 LMT G . -14.60 7.39 -15.55
C6 LMT G . -15.03 6.74 -16.82
C7 LMT G . -14.33 5.42 -17.12
C8 LMT G . -14.96 4.66 -18.28
C9 LMT G . -14.58 3.20 -18.36
C10 LMT G . -15.51 2.37 -19.22
C1 RET H . -5.94 3.83 -31.82
C2 RET H . -5.92 2.99 -33.09
C3 RET H . -7.02 3.26 -33.99
C4 RET H . -7.05 4.72 -34.38
C5 RET H . -6.95 5.64 -33.19
C6 RET H . -6.45 5.25 -32.00
C7 RET H . -6.31 6.24 -30.93
C8 RET H . -5.71 6.09 -29.71
C9 RET H . -5.36 7.06 -28.73
C10 RET H . -4.71 6.71 -27.55
C11 RET H . -4.37 7.52 -26.53
C12 RET H . -3.79 7.12 -25.35
C13 RET H . -3.33 7.93 -24.23
C14 RET H . -2.80 7.33 -23.14
C15 RET H . -2.26 8.11 -21.97
C16 RET H . -4.47 3.80 -31.34
C17 RET H . -6.79 3.09 -30.78
C18 RET H . -7.46 7.04 -33.46
C19 RET H . -5.68 8.49 -28.86
C20 RET H . -3.43 9.41 -24.33
C1 RET I . 27.59 6.18 -16.21
C2 RET I . 28.56 5.47 -17.15
C3 RET I . 29.04 6.28 -18.23
C4 RET I . 29.72 7.53 -17.71
C5 RET I . 28.90 8.26 -16.68
C6 RET I . 27.91 7.65 -15.97
C7 RET I . 27.23 8.42 -14.94
C8 RET I . 26.30 7.97 -14.02
C9 RET I . 25.77 8.60 -12.86
C10 RET I . 24.85 7.95 -12.05
C11 RET I . 24.24 8.47 -10.95
C12 RET I . 23.29 7.83 -10.21
C13 RET I . 22.64 8.26 -8.98
C14 RET I . 21.69 7.49 -8.40
C15 RET I . 21.03 7.85 -7.10
C16 RET I . 27.68 5.36 -14.90
C17 RET I . 26.17 6.04 -16.77
C18 RET I . 29.31 9.70 -16.49
C19 RET I . 26.13 9.97 -12.47
C20 RET I . 23.04 9.55 -8.37
C1B LMT J . 15.34 16.89 11.65
C2B LMT J . 16.07 17.86 12.56
C3B LMT J . 15.40 18.03 13.91
C4B LMT J . 13.88 18.15 13.85
C5B LMT J . 13.27 17.08 12.93
C6B LMT J . 11.77 17.20 12.70
O1B LMT J . 15.67 15.58 12.06
O2B LMT J . 17.38 17.33 12.76
O3B LMT J . 15.95 19.18 14.57
O4' LMT J . 13.37 17.95 15.17
O5B LMT J . 13.91 17.15 11.63
O6B LMT J . 11.30 18.53 12.48
C1' LMT J . 17.00 11.98 10.51
C2' LMT J . 17.92 13.19 10.34
C3' LMT J . 17.47 14.34 11.24
C4' LMT J . 16.00 14.64 11.03
C5' LMT J . 15.13 13.39 11.11
C6' LMT J . 13.68 13.59 10.68
O1' LMT J . 17.35 10.97 9.60
O2' LMT J . 19.27 12.82 10.64
O3' LMT J . 18.25 15.50 10.95
O5' LMT J . 15.66 12.36 10.22
O6' LMT J . 12.92 14.38 11.60
C1 LMT J . 18.36 10.05 10.05
C2 LMT J . 18.85 9.27 8.84
C3 LMT J . 20.09 8.46 9.11
C4 LMT J . 19.80 7.25 9.91
C5 LMT J . 19.77 5.97 9.14
C6 LMT J . 21.09 5.28 9.07
C7 LMT J . 21.02 3.86 8.54
C8 LMT J . 22.39 3.28 8.24
C9 LMT J . 22.38 2.04 7.37
C10 LMT J . 23.68 1.79 6.59
C1B LMT K . -0.96 5.78 24.78
C2B LMT K . -1.21 6.25 26.20
C3B LMT K . -2.63 6.75 26.43
C4B LMT K . -3.15 7.65 25.31
C5B LMT K . -2.87 7.03 23.92
C6B LMT K . -3.23 7.90 22.74
O1B LMT K . -1.54 4.49 24.64
O2B LMT K . -0.96 5.15 27.07
O3B LMT K . -2.71 7.44 27.69
O4' LMT K . -4.57 7.80 25.48
O5B LMT K . -1.46 6.75 23.81
O6B LMT K . -2.91 9.30 22.91
C1' LMT K . -0.71 0.67 23.33
C2' LMT K . 0.10 1.17 24.52
C3' LMT K . -0.50 2.46 25.09
C4' LMT K . -0.75 3.49 24.01
C5' LMT K . -1.44 2.90 22.77
C6' LMT K . -1.46 3.84 21.58
O1' LMT K . -0.13 -0.46 22.76
O2' LMT K . 0.16 0.17 25.54
O3' LMT K . 0.35 3.01 26.09
O5' LMT K . -0.75 1.69 22.34
O6' LMT K . -2.41 4.93 21.76
C1 LMT K . -0.48 -1.72 23.37
C2 LMT K . 0.37 -2.82 22.78
C3 LMT K . 0.61 -3.98 23.73
C4 LMT K . 0.98 -5.28 23.04
C5 LMT K . -0.11 -5.87 22.20
C6 LMT K . -0.14 -7.37 22.18
C7 LMT K . 1.03 -8.02 21.48
C8 LMT K . 1.07 -9.53 21.65
C9 LMT K . 2.31 -10.18 21.06
C10 LMT K . 2.64 -11.56 21.63
C1 RET L . 25.89 -10.04 17.06
C2 RET L . 26.91 -11.16 17.05
C3 RET L . 28.27 -10.76 17.34
C4 RET L . 28.33 -10.08 18.70
C5 RET L . 27.28 -9.02 18.88
C6 RET L . 26.16 -8.98 18.13
C7 RET L . 25.16 -7.96 18.43
C8 RET L . 23.89 -7.82 17.89
C9 RET L . 22.82 -6.98 18.30
C10 RET L . 21.59 -7.01 17.63
C11 RET L . 20.50 -6.25 17.88
C12 RET L . 19.33 -6.25 17.16
C13 RET L . 18.11 -5.53 17.40
C14 RET L . 17.06 -5.67 16.56
C15 RET L . 15.73 -4.98 16.77
C16 RET L . 24.56 -10.75 17.28
C17 RET L . 25.87 -9.39 15.68
C18 RET L . 27.60 -8.02 19.97
C19 RET L . 22.90 -6.03 19.41
C20 RET L . 18.00 -4.67 18.60
C1 LFA M . -20.87 -19.55 14.19
C2 LFA M . -20.35 -18.24 14.76
C3 LFA M . -21.42 -17.38 15.40
C4 LFA M . -20.99 -15.95 15.68
C5 LFA M . -20.02 -15.78 16.83
C6 LFA M . -20.68 -15.68 18.19
C7 LFA M . -21.24 -14.33 18.52
C8 LFA M . -21.77 -14.22 19.92
C9 LFA M . -22.26 -12.84 20.27
C10 LFA M . -23.04 -12.75 21.55
C11 LFA M . -23.62 -11.38 21.81
C12 LFA M . -24.33 -11.25 23.14
C13 LFA M . -24.80 -9.83 23.44
C14 LFA M . -25.61 -9.71 24.73
C15 LFA M . -26.11 -8.32 25.05
C16 LFA M . -26.85 -8.20 26.37
C1 RET N . -8.58 -22.49 22.29
C2 RET N . -8.17 -23.88 22.76
C3 RET N . -9.17 -24.52 23.62
C4 RET N . -9.49 -23.68 24.83
C5 RET N . -9.64 -22.22 24.53
C6 RET N . -9.31 -21.66 23.34
C7 RET N . -9.71 -20.28 23.10
C8 RET N . -9.63 -19.55 21.94
C9 RET N . -10.15 -18.22 21.72
C10 RET N . -9.98 -17.56 20.50
C11 RET N . -10.41 -16.32 20.17
C12 RET N . -10.18 -15.70 18.97
C13 RET N . -10.66 -14.41 18.50
C14 RET N . -10.27 -13.97 17.29
C15 RET N . -10.87 -12.84 16.54
C16 RET N . -9.40 -22.56 20.99
C17 RET N . -7.24 -21.83 21.92
C18 RET N . -10.17 -21.46 25.70
C19 RET N . -10.90 -17.43 22.74
C20 RET N . -11.56 -13.61 19.33
C1B LMT O . -21.59 6.06 12.88
C2B LMT O . -22.86 6.73 13.37
C3B LMT O . -23.34 7.84 12.44
C4B LMT O . -22.21 8.78 12.04
C5B LMT O . -20.99 8.00 11.53
C6B LMT O . -19.77 8.85 11.24
O1B LMT O . -21.94 5.23 11.80
O2B LMT O . -23.84 5.70 13.48
O3B LMT O . -24.38 8.55 13.13
O4' LMT O . -22.70 9.60 10.97
O5B LMT O . -20.59 7.03 12.53
O6B LMT O . -19.48 9.83 12.25
C1' LMT O . -21.57 1.43 10.34
C2' LMT O . -22.15 1.54 11.74
C3' LMT O . -22.56 2.99 12.00
C4' LMT O . -21.38 3.92 11.76
C5' LMT O . -20.68 3.67 10.42
C6' LMT O . -19.34 4.37 10.28
O1' LMT O . -21.22 0.11 10.03
O2' LMT O . -23.28 0.67 11.90
O3' LMT O . -23.01 3.14 13.34
O5' LMT O . -20.41 2.24 10.26
O6' LMT O . -19.43 5.80 10.16
C1 LMT O . -21.01 -0.12 8.64
C2 LMT O . -20.61 -1.56 8.50
C3 LMT O . -21.51 -2.51 9.25
C4 LMT O . -22.20 -3.51 8.39
C5 LMT O . -21.26 -4.37 7.57
C6 LMT O . -21.99 -5.35 6.70
C7 LMT O . -21.10 -6.36 6.01
C8 LMT O . -21.79 -7.67 5.64
C9 LMT O . -20.83 -8.84 5.43
C10 LMT O . -21.42 -10.23 5.71
C1 RET P . -28.33 -13.83 -8.19
C2 RET P . -28.84 -15.16 -8.75
C3 RET P . -30.06 -15.64 -8.13
C4 RET P . -31.17 -14.61 -8.27
C5 RET P . -30.73 -13.23 -7.84
C6 RET P . -29.43 -12.86 -7.79
C7 RET P . -29.12 -11.47 -7.45
C8 RET P . -27.89 -10.85 -7.47
C9 RET P . -27.56 -9.47 -7.36
C10 RET P . -26.24 -9.04 -7.45
C11 RET P . -25.78 -7.77 -7.31
C12 RET P . -24.47 -7.38 -7.33
C13 RET P . -23.90 -6.04 -7.27
C14 RET P . -22.56 -5.88 -7.29
C15 RET P . -21.89 -4.52 -7.26
C16 RET P . -27.45 -13.28 -9.31
C17 RET P . -27.44 -14.15 -6.98
C18 RET P . -31.88 -12.32 -7.47
C19 RET P . -28.55 -8.42 -7.12
C20 RET P . -24.82 -4.89 -7.20
#